data_4Z2D
#
_entry.id   4Z2D
#
_cell.length_a   94.130
_cell.length_b   95.880
_cell.length_c   275.440
_cell.angle_alpha   90.00
_cell.angle_beta   90.00
_cell.angle_gamma   90.00
#
_symmetry.space_group_name_H-M   'P 21 21 21'
#
loop_
_entity.id
_entity.type
_entity.pdbx_description
1 polymer 'DNA gyrase subunit A'
2 polymer 'DNA gyrase subunit B'
3 polymer 'Symmetrized E-site DNA'
4 polymer 'Symmetrized E-site DNA'
5 non-polymer 'MAGNESIUM ION'
6 non-polymer '(3S)-9-fluoro-3-methyl-10-(4-methylpiperazin-1-yl)-7-oxo-2,3-dihydro-7H-[1,4]oxazino[2,3,4-ij]quinoline-6-carboxylic acid'
7 water water
#
loop_
_entity_poly.entity_id
_entity_poly.type
_entity_poly.pdbx_seq_one_letter_code
_entity_poly.pdbx_strand_id
1 'polypeptide(L)'
;MQDKNLVNVNLTKEMKASFIDYAMSVIVARALPDVRDGLKPVHRRILYGMNELGVTPDKPHKKSARITGDVMGKYHPHGD
SSIYEAMVRMAQWWSYRYMLVDGHGNFGSMDGDSAAAQRYTEARMSKIALEMLRDINKNTVDFVDNYDANEREPLVLPAR
FPNLLVNGATGIAVGMATNIPPHNLGETIDAVKLVMDNPEVTTKDLMEVLPGPDFPTGALVMGKSGIHKAYETGKGSIVL
RSRTEIETTKTGRERIVVTEFPYMVNKTKVHEHIVRLVQEKRIEGITAVRDESNREGVRFVIEVKRDASANVILNNLFKM
TQMQTNFGFNMLAIQNGIPKILSLRQILDAYIEHQKEVVVRRTRFDKEKAEARAHILEGLLIALDHIDEVIRIIRASETD
AEAQAELMSKFKLSERQSQAILDMRLRRLTGLERDKIQSEYDDLLALIADLADILAKPERVSQIIKDELDEVKRKFSDKR
RTELMVGQILSLEHHHHHH
;
A,B
2 'polypeptide(L)'
;MGHHHHHHHHHHSSGHIDDDDKHMKSGLEISNLPGKLADCSSNNPAETELFIVEGDSAGGSAKSGRNREFQAILPIRGKI
LNVEKASMDKILANEEIRSLFTAMGTGFGAEFDVSKARYQKLVLMTDADVDGAHIRTLLLTLIYRYMKPILEAGYVYIAQ
PPIYGVKVGSEIKEYIQPGADQEIKLQEALARYSEGRTKPTIQRYKGLGEMDDHQLWETTMDPEHRLMARVSVDDAAEAD
KIFDMLMGDRVEPRREFIEENAVYSTLDV
;
C,D
3 'polydeoxyribonucleotide' (DC)(DG)(DT)(DA)(DT)(DT)(DA)(DC)(DG)(DT)(DT)(DG)(DT)(DA)(DT) E,G
4 'polydeoxyribonucleotide' (DG)(DA)(DT)(DC)(DA)(DT)(DA)(DC)(DA)(DA)(DC)(DG)(DT)(DA)(DA)(DT)(DA)(DC)(DG) F,H
#
loop_
_chem_comp.id
_chem_comp.type
_chem_comp.name
_chem_comp.formula
DA DNA linking 2'-DEOXYADENOSINE-5'-MONOPHOSPHATE 'C10 H14 N5 O6 P'
DC DNA linking 2'-DEOXYCYTIDINE-5'-MONOPHOSPHATE 'C9 H14 N3 O7 P'
DG DNA linking 2'-DEOXYGUANOSINE-5'-MONOPHOSPHATE 'C10 H14 N5 O7 P'
DT DNA linking THYMIDINE-5'-MONOPHOSPHATE 'C10 H15 N2 O8 P'
LFX non-polymer '(3S)-9-fluoro-3-methyl-10-(4-methylpiperazin-1-yl)-7-oxo-2,3-dihydro-7H-[1,4]oxazino[2,3,4-ij]quinoline-6-carboxylic acid' 'C18 H20 F N3 O4'
MG non-polymer 'MAGNESIUM ION' 'Mg 2'
#
# COMPACT_ATOMS: atom_id res chain seq x y z
N GLN A 2 34.05 -26.81 -3.43
CA GLN A 2 33.94 -25.74 -4.42
C GLN A 2 32.80 -26.00 -5.41
N ASP A 3 32.88 -25.36 -6.56
CA ASP A 3 31.85 -25.49 -7.58
C ASP A 3 32.28 -26.47 -8.68
N LYS A 4 31.40 -26.67 -9.66
CA LYS A 4 31.71 -27.54 -10.78
C LYS A 4 31.87 -26.72 -12.06
N ASN A 5 30.75 -26.20 -12.57
CA ASN A 5 30.76 -25.38 -13.77
C ASN A 5 30.99 -23.90 -13.45
N LEU A 6 32.23 -23.44 -13.61
CA LEU A 6 32.56 -22.05 -13.35
C LEU A 6 32.97 -21.33 -14.63
N VAL A 7 32.46 -20.12 -14.82
CA VAL A 7 32.81 -19.31 -15.98
C VAL A 7 33.76 -18.18 -15.58
N ASN A 8 34.31 -17.48 -16.58
CA ASN A 8 35.22 -16.37 -16.32
C ASN A 8 34.74 -15.08 -16.96
N VAL A 9 34.52 -14.05 -16.14
CA VAL A 9 34.03 -12.78 -16.62
C VAL A 9 35.11 -11.70 -16.54
N ASN A 10 35.26 -10.96 -17.63
CA ASN A 10 36.22 -9.84 -17.66
C ASN A 10 35.66 -8.63 -16.94
N LEU A 11 36.45 -8.09 -16.00
CA LEU A 11 36.01 -6.94 -15.21
C LEU A 11 35.50 -5.82 -16.13
N THR A 12 36.34 -5.37 -17.05
CA THR A 12 35.93 -4.32 -17.97
C THR A 12 34.73 -4.76 -18.81
N LYS A 13 34.68 -6.06 -19.12
CA LYS A 13 33.58 -6.60 -19.92
C LYS A 13 32.24 -6.51 -19.18
N GLU A 14 32.18 -7.11 -17.99
CA GLU A 14 30.97 -7.08 -17.18
C GLU A 14 30.57 -5.64 -16.83
N MET A 15 31.55 -4.85 -16.39
CA MET A 15 31.32 -3.47 -16.02
C MET A 15 30.55 -2.69 -17.09
N LYS A 16 31.07 -2.73 -18.32
CA LYS A 16 30.44 -1.98 -19.41
C LYS A 16 29.04 -2.51 -19.70
N ALA A 17 28.84 -3.81 -19.51
CA ALA A 17 27.54 -4.43 -19.72
C ALA A 17 26.53 -4.02 -18.64
N SER A 18 26.90 -4.21 -17.38
CA SER A 18 26.04 -3.86 -16.27
C SER A 18 25.67 -2.39 -16.28
N PHE A 19 26.64 -1.53 -16.58
CA PHE A 19 26.40 -0.09 -16.59
C PHE A 19 25.50 0.33 -17.75
N ILE A 20 25.78 -0.20 -18.93
CA ILE A 20 24.97 0.11 -20.11
C ILE A 20 23.51 -0.28 -19.90
N ASP A 21 23.29 -1.38 -19.20
CA ASP A 21 21.94 -1.83 -18.89
C ASP A 21 21.23 -0.82 -18.00
N TYR A 22 21.82 -0.51 -16.86
CA TYR A 22 21.25 0.46 -15.93
C TYR A 22 21.14 1.85 -16.57
N ALA A 23 22.13 2.20 -17.39
CA ALA A 23 22.15 3.49 -18.06
C ALA A 23 20.91 3.72 -18.90
N MET A 24 20.67 2.85 -19.87
CA MET A 24 19.49 2.94 -20.74
C MET A 24 18.20 2.76 -19.94
N SER A 25 18.24 1.87 -18.96
CA SER A 25 17.07 1.58 -18.14
C SER A 25 16.50 2.86 -17.56
N VAL A 26 17.39 3.69 -17.03
CA VAL A 26 17.00 4.92 -16.37
C VAL A 26 16.60 5.99 -17.37
N ILE A 27 17.33 6.06 -18.47
CA ILE A 27 17.11 7.09 -19.48
C ILE A 27 15.73 6.97 -20.11
N VAL A 28 15.46 5.83 -20.71
CA VAL A 28 14.23 5.63 -21.47
C VAL A 28 13.08 5.07 -20.63
N ALA A 29 13.36 4.72 -19.36
CA ALA A 29 12.35 4.06 -18.54
C ALA A 29 12.33 4.48 -17.08
N ARG A 30 12.56 5.76 -16.80
CA ARG A 30 12.50 6.24 -15.42
C ARG A 30 12.67 7.77 -15.29
N ALA A 31 13.82 8.25 -15.73
CA ALA A 31 14.22 9.65 -15.51
C ALA A 31 13.55 10.63 -16.45
N LEU A 32 13.92 10.60 -17.72
CA LEU A 32 13.36 11.49 -18.73
C LEU A 32 11.97 11.00 -19.18
N PRO A 33 11.11 11.94 -19.60
CA PRO A 33 9.73 11.69 -20.02
C PRO A 33 9.57 11.55 -21.53
N ASP A 34 8.35 11.29 -21.97
CA ASP A 34 8.07 11.13 -23.40
C ASP A 34 7.61 12.46 -23.98
N VAL A 35 8.19 12.84 -25.11
CA VAL A 35 7.89 14.14 -25.71
C VAL A 35 6.41 14.33 -26.04
N ARG A 36 5.69 13.23 -26.23
CA ARG A 36 4.30 13.30 -26.67
C ARG A 36 3.32 13.59 -25.54
N ASP A 37 3.36 12.81 -24.47
CA ASP A 37 2.45 13.01 -23.36
C ASP A 37 3.17 13.66 -22.19
N GLY A 38 4.48 13.86 -22.37
CA GLY A 38 5.31 14.49 -21.36
C GLY A 38 5.21 13.80 -20.01
N LEU A 39 5.12 12.48 -20.04
CA LEU A 39 5.00 11.72 -18.81
C LEU A 39 6.16 10.74 -18.64
N LYS A 40 6.41 10.36 -17.40
CA LYS A 40 7.41 9.34 -17.11
C LYS A 40 6.68 8.11 -16.60
N PRO A 41 7.28 6.93 -16.80
CA PRO A 41 6.64 5.65 -16.48
C PRO A 41 5.71 5.71 -15.27
N VAL A 42 6.23 6.13 -14.12
CA VAL A 42 5.44 6.08 -12.90
C VAL A 42 4.24 7.03 -12.93
N HIS A 43 4.39 8.17 -13.59
CA HIS A 43 3.27 9.10 -13.67
C HIS A 43 2.21 8.57 -14.62
N ARG A 44 2.67 7.93 -15.69
CA ARG A 44 1.76 7.37 -16.67
C ARG A 44 1.03 6.16 -16.10
N ARG A 45 1.74 5.35 -15.32
CA ARG A 45 1.16 4.18 -14.68
C ARG A 45 0.14 4.56 -13.61
N ILE A 46 0.38 5.67 -12.94
CA ILE A 46 -0.54 6.15 -11.92
C ILE A 46 -1.82 6.66 -12.56
N LEU A 47 -1.68 7.42 -13.64
CA LEU A 47 -2.84 7.96 -14.36
C LEU A 47 -3.70 6.86 -14.94
N TYR A 48 -3.09 5.97 -15.72
CA TYR A 48 -3.79 4.85 -16.32
C TYR A 48 -4.41 3.96 -15.24
N GLY A 49 -3.61 3.63 -14.23
CA GLY A 49 -4.08 2.86 -13.09
C GLY A 49 -5.30 3.49 -12.44
N MET A 50 -5.25 4.80 -12.25
CA MET A 50 -6.39 5.51 -11.68
C MET A 50 -7.60 5.40 -12.59
N ASN A 51 -7.36 5.38 -13.90
CA ASN A 51 -8.43 5.29 -14.87
C ASN A 51 -9.16 3.96 -14.73
N GLU A 52 -8.38 2.90 -14.55
CA GLU A 52 -8.93 1.57 -14.41
C GLU A 52 -9.67 1.42 -13.08
N LEU A 53 -9.08 1.93 -12.01
CA LEU A 53 -9.73 1.91 -10.71
C LEU A 53 -11.06 2.64 -10.73
N GLY A 54 -11.26 3.45 -11.77
CA GLY A 54 -12.51 4.17 -11.95
C GLY A 54 -12.63 5.41 -11.08
N VAL A 55 -11.50 5.91 -10.59
CA VAL A 55 -11.49 7.09 -9.74
C VAL A 55 -11.48 8.36 -10.58
N THR A 56 -12.51 8.50 -11.42
CA THR A 56 -12.62 9.67 -12.29
C THR A 56 -13.20 10.87 -11.54
N PRO A 57 -13.09 12.06 -12.13
CA PRO A 57 -13.55 13.31 -11.52
C PRO A 57 -14.99 13.20 -11.03
N ASP A 58 -15.79 12.39 -11.72
CA ASP A 58 -17.19 12.23 -11.38
C ASP A 58 -17.38 11.30 -10.19
N LYS A 59 -16.55 10.26 -10.11
CA LYS A 59 -16.62 9.30 -9.02
C LYS A 59 -15.85 9.79 -7.80
N PRO A 60 -16.20 9.26 -6.62
CA PRO A 60 -15.61 9.65 -5.34
C PRO A 60 -14.17 9.17 -5.18
N HIS A 61 -13.46 9.76 -4.24
CA HIS A 61 -12.06 9.42 -3.99
C HIS A 61 -11.91 8.01 -3.46
N LYS A 62 -10.70 7.46 -3.58
CA LYS A 62 -10.41 6.11 -3.10
C LYS A 62 -9.08 6.10 -2.34
N LYS A 63 -9.04 5.36 -1.23
CA LYS A 63 -7.88 5.34 -0.35
C LYS A 63 -6.58 5.33 -1.15
N SER A 64 -5.59 6.09 -0.70
CA SER A 64 -4.33 6.18 -1.41
C SER A 64 -3.65 4.81 -1.51
N ALA A 65 -3.61 4.09 -0.39
CA ALA A 65 -3.00 2.76 -0.37
C ALA A 65 -3.60 1.86 -1.45
N ARG A 66 -4.90 2.00 -1.69
CA ARG A 66 -5.56 1.26 -2.75
C ARG A 66 -4.98 1.59 -4.12
N ILE A 67 -4.85 2.89 -4.40
CA ILE A 67 -4.36 3.35 -5.70
C ILE A 67 -2.97 2.82 -5.97
N THR A 68 -2.06 3.08 -5.04
CA THR A 68 -0.68 2.61 -5.15
C THR A 68 -0.63 1.08 -5.14
N GLY A 69 -1.59 0.47 -4.46
CA GLY A 69 -1.64 -0.98 -4.32
C GLY A 69 -1.83 -1.71 -5.65
N ASP A 70 -2.70 -1.17 -6.50
CA ASP A 70 -2.95 -1.78 -7.79
C ASP A 70 -1.91 -1.33 -8.82
N VAL A 71 -1.45 -0.09 -8.70
CA VAL A 71 -0.44 0.44 -9.61
C VAL A 71 0.90 -0.27 -9.43
N MET A 72 1.23 -0.60 -8.19
CA MET A 72 2.46 -1.33 -7.89
C MET A 72 2.31 -2.82 -8.19
N GLY A 73 1.07 -3.30 -8.12
CA GLY A 73 0.79 -4.71 -8.31
C GLY A 73 0.45 -5.07 -9.74
N LYS A 74 0.21 -4.06 -10.57
CA LYS A 74 -0.23 -4.31 -11.95
C LYS A 74 0.65 -3.66 -13.00
N TYR A 75 1.38 -2.60 -12.62
CA TYR A 75 2.14 -1.82 -13.59
C TYR A 75 3.55 -1.43 -13.13
N HIS A 76 3.65 -0.73 -12.01
CA HIS A 76 4.91 -0.17 -11.53
C HIS A 76 5.62 -1.10 -10.55
N PRO A 77 6.59 -1.89 -11.03
CA PRO A 77 7.25 -2.93 -10.26
C PRO A 77 8.31 -2.36 -9.32
N HIS A 78 7.93 -1.40 -8.49
CA HIS A 78 8.87 -0.79 -7.55
C HIS A 78 8.25 -0.62 -6.17
N GLY A 79 8.92 0.13 -5.31
CA GLY A 79 8.46 0.35 -3.95
C GLY A 79 7.13 1.08 -3.90
N ASP A 80 6.39 0.86 -2.82
CA ASP A 80 5.10 1.51 -2.62
C ASP A 80 5.31 3.00 -2.45
N SER A 81 6.28 3.36 -1.62
CA SER A 81 6.58 4.76 -1.33
C SER A 81 6.84 5.56 -2.61
N SER A 82 7.62 4.98 -3.51
CA SER A 82 7.98 5.69 -4.74
C SER A 82 6.75 6.07 -5.56
N ILE A 83 5.71 5.25 -5.52
CA ILE A 83 4.48 5.54 -6.25
C ILE A 83 3.64 6.59 -5.53
N TYR A 84 3.38 6.37 -4.24
CA TYR A 84 2.61 7.30 -3.45
C TYR A 84 3.25 8.68 -3.41
N GLU A 85 4.58 8.71 -3.38
CA GLU A 85 5.31 9.96 -3.42
C GLU A 85 5.02 10.69 -4.71
N ALA A 86 5.19 9.98 -5.83
CA ALA A 86 4.96 10.56 -7.15
C ALA A 86 3.51 10.99 -7.35
N MET A 87 2.58 10.30 -6.68
CA MET A 87 1.16 10.63 -6.80
C MET A 87 0.84 11.92 -6.07
N VAL A 88 1.35 12.03 -4.85
CA VAL A 88 1.11 13.20 -4.01
C VAL A 88 1.62 14.45 -4.71
N ARG A 89 2.82 14.37 -5.28
CA ARG A 89 3.42 15.50 -5.96
C ARG A 89 2.51 16.08 -7.03
N MET A 90 1.94 15.23 -7.88
CA MET A 90 1.08 15.73 -8.95
C MET A 90 -0.31 16.08 -8.44
N ALA A 91 -0.37 16.44 -7.15
CA ALA A 91 -1.61 16.90 -6.53
C ALA A 91 -1.36 18.23 -5.81
N GLN A 92 -0.12 18.69 -5.88
CA GLN A 92 0.29 19.92 -5.19
C GLN A 92 0.28 21.12 -6.15
N TRP A 93 -0.46 22.16 -5.78
CA TRP A 93 -0.62 23.33 -6.64
C TRP A 93 0.70 24.03 -6.93
N TRP A 94 1.69 23.78 -6.07
CA TRP A 94 3.00 24.42 -6.21
C TRP A 94 4.01 23.54 -6.92
N SER A 95 3.77 22.24 -6.93
CA SER A 95 4.67 21.31 -7.61
C SER A 95 4.24 21.08 -9.06
N TYR A 96 2.93 21.03 -9.28
CA TYR A 96 2.39 20.84 -10.63
C TYR A 96 1.61 22.07 -11.11
N ARG A 97 2.07 22.66 -12.22
CA ARG A 97 1.43 23.86 -12.75
C ARG A 97 -0.06 23.64 -12.99
N TYR A 98 -0.41 22.42 -13.40
CA TYR A 98 -1.81 22.02 -13.50
C TYR A 98 -1.91 20.62 -12.92
N MET A 99 -2.46 20.50 -11.73
CA MET A 99 -2.46 19.22 -11.02
C MET A 99 -3.20 18.15 -11.80
N LEU A 100 -2.73 16.91 -11.64
CA LEU A 100 -3.33 15.78 -12.34
C LEU A 100 -4.05 14.88 -11.35
N VAL A 101 -3.99 15.24 -10.07
CA VAL A 101 -4.62 14.45 -9.02
C VAL A 101 -5.35 15.30 -8.00
N ASP A 102 -6.52 14.84 -7.56
CA ASP A 102 -7.27 15.48 -6.49
C ASP A 102 -7.22 14.63 -5.23
N GLY A 103 -6.53 15.12 -4.21
CA GLY A 103 -6.41 14.40 -2.96
C GLY A 103 -7.35 14.91 -1.89
N HIS A 104 -7.48 14.15 -0.81
CA HIS A 104 -8.29 14.55 0.34
C HIS A 104 -7.52 14.28 1.62
N GLY A 105 -6.98 15.34 2.22
CA GLY A 105 -6.22 15.21 3.45
C GLY A 105 -4.83 15.80 3.34
N ASN A 106 -4.01 15.60 4.38
CA ASN A 106 -2.66 16.16 4.41
C ASN A 106 -1.78 15.68 3.25
N PHE A 107 -1.75 16.45 2.17
CA PHE A 107 -0.91 16.15 1.02
C PHE A 107 0.35 17.01 1.01
N GLY A 108 0.81 17.40 2.19
CA GLY A 108 2.02 18.19 2.33
C GLY A 108 1.80 19.69 2.17
N SER A 109 2.79 20.47 2.57
CA SER A 109 2.72 21.93 2.47
C SER A 109 3.95 22.47 1.75
N MET A 110 3.90 23.76 1.39
CA MET A 110 5.02 24.40 0.70
C MET A 110 6.26 24.37 1.56
N ASP A 111 6.06 24.47 2.87
CA ASP A 111 7.18 24.54 3.82
C ASP A 111 7.95 23.24 3.90
N GLY A 112 7.66 22.33 2.98
CA GLY A 112 8.36 21.05 2.90
C GLY A 112 7.65 19.93 3.64
N ASP A 113 6.52 20.24 4.27
CA ASP A 113 5.75 19.24 5.00
C ASP A 113 5.45 18.03 4.13
N SER A 114 5.63 16.84 4.68
CA SER A 114 5.34 15.61 3.95
C SER A 114 3.88 15.19 4.12
N ALA A 115 3.24 14.82 3.03
CA ALA A 115 1.85 14.38 3.05
C ALA A 115 1.63 13.29 4.10
N ALA A 116 0.40 13.15 4.56
CA ALA A 116 0.11 12.16 5.58
C ALA A 116 0.28 10.75 5.02
N ALA A 117 0.25 9.76 5.91
CA ALA A 117 0.38 8.36 5.52
C ALA A 117 -0.75 7.98 4.56
N GLN A 118 -0.48 6.98 3.71
CA GLN A 118 -1.45 6.52 2.74
C GLN A 118 -2.75 6.09 3.41
N ARG A 119 -2.66 5.66 4.66
CA ARG A 119 -3.83 5.18 5.38
C ARG A 119 -4.75 6.33 5.81
N TYR A 120 -4.41 7.55 5.41
CA TYR A 120 -5.22 8.72 5.76
C TYR A 120 -5.71 9.46 4.53
N THR A 121 -4.85 9.57 3.53
CA THR A 121 -5.17 10.36 2.34
C THR A 121 -5.86 9.51 1.27
N GLU A 122 -6.79 10.13 0.56
CA GLU A 122 -7.47 9.49 -0.55
C GLU A 122 -7.42 10.42 -1.76
N ALA A 123 -7.34 9.85 -2.95
CA ALA A 123 -7.14 10.66 -4.15
C ALA A 123 -7.99 10.20 -5.34
N ARG A 124 -7.91 10.95 -6.43
CA ARG A 124 -8.56 10.60 -7.69
C ARG A 124 -8.01 11.49 -8.80
N MET A 125 -8.49 11.29 -10.03
CA MET A 125 -8.03 12.08 -11.15
C MET A 125 -8.53 13.51 -11.04
N SER A 126 -7.77 14.43 -11.64
CA SER A 126 -8.21 15.82 -11.74
C SER A 126 -8.96 16.00 -13.05
N LYS A 127 -9.97 16.86 -13.05
CA LYS A 127 -10.78 17.08 -14.24
C LYS A 127 -9.91 17.22 -15.49
N ILE A 128 -8.76 17.87 -15.34
CA ILE A 128 -7.90 18.12 -16.49
C ILE A 128 -7.15 16.87 -16.90
N ALA A 129 -6.77 16.05 -15.92
CA ALA A 129 -6.06 14.82 -16.19
C ALA A 129 -6.90 13.92 -17.09
N LEU A 130 -8.22 14.06 -16.99
CA LEU A 130 -9.13 13.28 -17.80
C LEU A 130 -8.88 13.52 -19.29
N GLU A 131 -8.26 14.65 -19.61
CA GLU A 131 -7.91 14.97 -21.00
C GLU A 131 -6.71 14.13 -21.44
N MET A 132 -5.91 13.72 -20.47
CA MET A 132 -4.72 12.93 -20.75
C MET A 132 -5.09 11.50 -21.15
N LEU A 133 -6.35 11.15 -20.94
CA LEU A 133 -6.81 9.79 -21.18
C LEU A 133 -7.95 9.70 -22.19
N ARG A 134 -8.59 10.83 -22.48
CA ARG A 134 -9.72 10.86 -23.40
C ARG A 134 -9.50 9.99 -24.63
N ASP A 135 -10.44 9.08 -24.88
CA ASP A 135 -10.38 8.17 -26.02
C ASP A 135 -9.25 7.17 -25.86
N ILE A 136 -8.93 6.85 -24.61
CA ILE A 136 -7.92 5.86 -24.30
C ILE A 136 -8.40 4.50 -24.76
N ASN A 137 -9.72 4.32 -24.75
CA ASN A 137 -10.34 3.05 -25.07
C ASN A 137 -10.81 2.92 -26.53
N LYS A 138 -10.36 3.84 -27.38
CA LYS A 138 -10.70 3.81 -28.78
C LYS A 138 -9.47 3.53 -29.65
N ASN A 139 -8.56 2.73 -29.12
CA ASN A 139 -7.35 2.37 -29.84
C ASN A 139 -6.67 3.57 -30.50
N THR A 140 -6.27 4.52 -29.66
CA THR A 140 -5.53 5.69 -30.12
C THR A 140 -4.11 5.60 -29.60
N VAL A 141 -3.87 4.61 -28.74
CA VAL A 141 -2.57 4.41 -28.11
C VAL A 141 -2.19 2.93 -28.04
N ASP A 142 -0.97 2.61 -28.45
CA ASP A 142 -0.48 1.23 -28.39
C ASP A 142 -0.32 0.76 -26.94
N PHE A 143 -0.56 -0.53 -26.71
CA PHE A 143 -0.35 -1.13 -25.40
C PHE A 143 0.72 -2.19 -25.46
N VAL A 144 1.18 -2.60 -24.28
CA VAL A 144 2.21 -3.62 -24.17
C VAL A 144 2.05 -4.41 -22.88
N ASP A 145 2.65 -5.59 -22.83
CA ASP A 145 2.58 -6.42 -21.64
C ASP A 145 3.29 -5.75 -20.46
N ASN A 146 2.72 -5.89 -19.27
CA ASN A 146 3.32 -5.36 -18.07
C ASN A 146 4.49 -6.22 -17.62
N TYR A 147 5.18 -5.80 -16.57
CA TYR A 147 6.36 -6.51 -16.10
C TYR A 147 6.08 -7.98 -15.82
N ASP A 148 4.85 -8.25 -15.41
CA ASP A 148 4.42 -9.59 -15.03
C ASP A 148 3.93 -10.38 -16.22
N ALA A 149 3.67 -9.69 -17.32
CA ALA A 149 3.17 -10.32 -18.54
C ALA A 149 1.80 -10.95 -18.30
N ASN A 150 0.98 -10.27 -17.53
CA ASN A 150 -0.40 -10.70 -17.28
C ASN A 150 -1.31 -9.51 -17.07
N GLU A 151 -0.87 -8.38 -17.61
CA GLU A 151 -1.64 -7.13 -17.60
C GLU A 151 -1.16 -6.30 -18.77
N ARG A 152 -2.07 -5.56 -19.38
CA ARG A 152 -1.73 -4.78 -20.56
C ARG A 152 -1.80 -3.27 -20.28
N GLU A 153 -0.73 -2.55 -20.63
CA GLU A 153 -0.65 -1.12 -20.37
C GLU A 153 -0.29 -0.31 -21.61
N PRO A 154 -0.60 0.99 -21.61
CA PRO A 154 -0.37 1.88 -22.75
C PRO A 154 1.03 2.48 -22.78
N LEU A 155 1.71 2.40 -23.93
CA LEU A 155 3.04 2.98 -24.08
C LEU A 155 3.03 4.49 -23.87
N VAL A 156 1.99 5.14 -24.38
CA VAL A 156 1.83 6.57 -24.23
C VAL A 156 0.34 6.84 -23.97
N LEU A 157 0.01 8.06 -23.62
CA LEU A 157 -1.39 8.43 -23.43
C LEU A 157 -1.86 9.34 -24.56
N PRO A 158 -3.18 9.52 -24.69
CA PRO A 158 -3.72 10.42 -25.72
C PRO A 158 -3.25 11.85 -25.48
N ALA A 159 -3.29 12.30 -24.23
CA ALA A 159 -2.79 13.62 -23.87
C ALA A 159 -3.36 14.71 -24.77
N ARG A 160 -4.55 15.19 -24.42
CA ARG A 160 -5.22 16.20 -25.23
C ARG A 160 -4.82 17.61 -24.81
N PHE A 161 -3.65 17.73 -24.19
CA PHE A 161 -3.06 19.04 -23.92
C PHE A 161 -1.56 18.88 -23.68
N PRO A 162 -0.75 19.79 -24.24
CA PRO A 162 0.72 19.68 -24.20
C PRO A 162 1.25 19.65 -22.78
N ASN A 163 1.27 18.46 -22.18
CA ASN A 163 1.62 18.32 -20.76
C ASN A 163 3.11 18.45 -20.48
N LEU A 164 3.92 18.40 -21.53
CA LEU A 164 5.36 18.57 -21.37
C LEU A 164 5.67 20.04 -21.07
N LEU A 165 5.30 20.92 -21.99
CA LEU A 165 5.53 22.35 -21.82
C LEU A 165 4.74 22.90 -20.65
N VAL A 166 3.47 22.48 -20.55
CA VAL A 166 2.58 23.03 -19.54
C VAL A 166 3.02 22.70 -18.11
N ASN A 167 3.43 21.46 -17.88
CA ASN A 167 3.84 21.05 -16.53
C ASN A 167 5.36 20.88 -16.36
N GLY A 168 6.10 20.94 -17.47
CA GLY A 168 7.54 20.84 -17.43
C GLY A 168 8.05 19.45 -17.09
N ALA A 169 9.35 19.34 -16.81
CA ALA A 169 9.95 18.05 -16.50
C ALA A 169 11.26 18.19 -15.71
N THR A 170 11.65 17.09 -15.07
CA THR A 170 12.89 17.04 -14.30
C THR A 170 13.02 15.69 -13.58
N GLY A 171 14.11 14.97 -13.84
CA GLY A 171 15.09 15.40 -14.82
C GLY A 171 16.43 14.67 -14.74
N ILE A 172 16.73 14.10 -13.58
CA ILE A 172 18.04 13.46 -13.39
C ILE A 172 18.04 12.00 -13.81
N ALA A 173 18.96 11.67 -14.70
CA ALA A 173 19.08 10.31 -15.22
C ALA A 173 20.51 9.82 -15.06
N VAL A 174 21.08 9.30 -16.15
CA VAL A 174 22.50 8.97 -16.18
C VAL A 174 23.13 9.50 -17.47
N GLY A 175 24.24 10.22 -17.32
CA GLY A 175 24.91 10.86 -18.44
C GLY A 175 24.14 12.05 -18.98
N MET A 176 22.94 12.26 -18.44
CA MET A 176 22.02 13.27 -18.96
C MET A 176 21.08 13.73 -17.86
N ALA A 177 20.35 14.81 -18.13
CA ALA A 177 19.34 15.31 -17.20
C ALA A 177 18.50 16.40 -17.85
N THR A 178 17.19 16.30 -17.70
CA THR A 178 16.26 17.26 -18.31
C THR A 178 15.76 18.28 -17.29
N ASN A 179 15.39 19.45 -17.81
CA ASN A 179 14.84 20.50 -16.98
C ASN A 179 13.97 21.42 -17.83
N ILE A 180 12.67 21.30 -17.67
CA ILE A 180 11.73 22.10 -18.44
C ILE A 180 10.77 22.83 -17.52
N PRO A 181 10.57 24.13 -17.78
CA PRO A 181 9.71 24.97 -16.93
C PRO A 181 8.25 24.85 -17.35
N PRO A 182 7.33 24.96 -16.39
CA PRO A 182 5.88 24.96 -16.64
C PRO A 182 5.48 26.22 -17.41
N HIS A 183 4.44 26.12 -18.23
CA HIS A 183 3.94 27.28 -18.96
C HIS A 183 2.46 27.45 -18.73
N ASN A 184 1.88 28.50 -19.32
CA ASN A 184 0.44 28.72 -19.22
C ASN A 184 -0.32 27.87 -20.23
N LEU A 185 -1.39 27.22 -19.76
CA LEU A 185 -2.17 26.33 -20.61
C LEU A 185 -2.57 27.06 -21.89
N GLY A 186 -3.51 27.99 -21.76
CA GLY A 186 -3.96 28.78 -22.90
C GLY A 186 -2.85 29.21 -23.85
N GLU A 187 -1.76 29.73 -23.29
CA GLU A 187 -0.64 30.15 -24.12
C GLU A 187 -0.06 28.98 -24.91
N THR A 188 0.32 27.92 -24.21
CA THR A 188 0.89 26.74 -24.87
C THR A 188 0.00 26.30 -26.04
N ILE A 189 -1.31 26.28 -25.80
CA ILE A 189 -2.26 25.92 -26.84
C ILE A 189 -2.20 26.89 -28.01
N ASP A 190 -2.16 28.19 -27.71
CA ASP A 190 -2.05 29.21 -28.74
C ASP A 190 -0.80 29.01 -29.58
N ALA A 191 0.25 28.49 -28.95
CA ALA A 191 1.49 28.17 -29.64
C ALA A 191 1.29 26.97 -30.56
N VAL A 192 0.67 25.92 -30.02
CA VAL A 192 0.41 24.72 -30.80
C VAL A 192 -0.44 25.05 -32.02
N LYS A 193 -1.50 25.82 -31.82
CA LYS A 193 -2.38 26.21 -32.91
C LYS A 193 -1.65 27.05 -33.94
N LEU A 194 -0.78 27.93 -33.45
CA LEU A 194 -0.04 28.82 -34.35
C LEU A 194 0.84 28.01 -35.31
N VAL A 195 1.65 27.12 -34.75
CA VAL A 195 2.56 26.32 -35.57
C VAL A 195 1.79 25.45 -36.57
N MET A 196 0.54 25.13 -36.26
CA MET A 196 -0.31 24.36 -37.19
C MET A 196 -0.74 25.20 -38.39
N ASP A 197 -1.16 26.44 -38.12
CA ASP A 197 -1.67 27.30 -39.19
C ASP A 197 -0.56 27.97 -40.01
N ASN A 198 0.58 28.24 -39.38
CA ASN A 198 1.71 28.83 -40.08
C ASN A 198 3.02 28.12 -39.76
N PRO A 199 3.37 27.14 -40.60
CA PRO A 199 4.59 26.32 -40.43
C PRO A 199 5.86 27.15 -40.56
N GLU A 200 5.76 28.31 -41.20
CA GLU A 200 6.92 29.17 -41.40
C GLU A 200 7.16 30.09 -40.21
N VAL A 201 6.47 29.82 -39.11
CA VAL A 201 6.60 30.60 -37.89
C VAL A 201 8.01 30.49 -37.31
N THR A 202 8.49 31.59 -36.72
CA THR A 202 9.81 31.62 -36.10
C THR A 202 9.70 31.79 -34.59
N THR A 203 10.72 31.35 -33.87
CA THR A 203 10.75 31.44 -32.41
C THR A 203 10.16 32.77 -31.93
N LYS A 204 10.53 33.85 -32.61
CA LYS A 204 10.00 35.16 -32.29
C LYS A 204 8.49 35.18 -32.42
N ASP A 205 7.99 34.76 -33.58
CA ASP A 205 6.56 34.72 -33.83
C ASP A 205 5.84 33.91 -32.76
N LEU A 206 6.44 32.79 -32.39
CA LEU A 206 5.86 31.93 -31.37
C LEU A 206 5.85 32.61 -30.01
N MET A 207 6.97 33.24 -29.65
CA MET A 207 7.09 33.89 -28.35
C MET A 207 6.08 35.03 -28.19
N GLU A 208 5.46 35.44 -29.30
CA GLU A 208 4.45 36.48 -29.28
C GLU A 208 3.20 36.01 -28.55
N VAL A 209 2.95 34.70 -28.57
CA VAL A 209 1.82 34.11 -27.87
C VAL A 209 2.30 33.29 -26.68
N LEU A 210 3.52 32.79 -26.78
CA LEU A 210 4.15 32.11 -25.66
C LEU A 210 5.36 32.91 -25.17
N PRO A 211 5.09 33.95 -24.36
CA PRO A 211 6.12 34.83 -23.80
C PRO A 211 7.23 34.03 -23.12
N GLY A 212 6.86 33.13 -22.23
CA GLY A 212 7.83 32.29 -21.54
C GLY A 212 7.22 31.49 -20.40
N PRO A 213 8.09 30.97 -19.52
CA PRO A 213 7.69 30.17 -18.35
C PRO A 213 6.56 30.82 -17.56
N ASP A 214 5.69 30.00 -17.00
CA ASP A 214 4.62 30.46 -16.13
C ASP A 214 4.51 29.53 -14.93
N PHE A 215 5.40 29.73 -13.96
CA PHE A 215 5.49 28.86 -12.81
C PHE A 215 4.28 28.97 -11.89
N PRO A 216 3.95 27.88 -11.18
CA PRO A 216 2.76 27.83 -10.33
C PRO A 216 2.73 28.89 -9.23
N THR A 217 3.89 29.22 -8.67
CA THR A 217 3.96 30.18 -7.56
C THR A 217 3.93 31.63 -8.04
N GLY A 218 4.39 31.86 -9.27
CA GLY A 218 4.39 33.19 -9.84
C GLY A 218 5.79 33.77 -9.92
N ALA A 219 6.09 34.71 -9.04
CA ALA A 219 7.40 35.35 -9.01
C ALA A 219 7.71 36.10 -10.30
N LEU A 220 8.97 36.51 -10.43
CA LEU A 220 9.39 37.34 -11.55
C LEU A 220 10.50 36.65 -12.35
N VAL A 221 10.61 36.99 -13.63
CA VAL A 221 11.72 36.52 -14.44
C VAL A 221 12.58 37.69 -14.88
N MET A 222 13.89 37.55 -14.76
CA MET A 222 14.82 38.62 -15.11
C MET A 222 15.62 38.27 -16.36
N GLY A 223 15.41 39.03 -17.42
CA GLY A 223 16.12 38.82 -18.67
C GLY A 223 15.49 37.76 -19.55
N LYS A 224 14.90 38.20 -20.65
CA LYS A 224 14.26 37.29 -21.60
C LYS A 224 15.25 36.73 -22.62
N SER A 225 16.47 37.26 -22.61
CA SER A 225 17.50 36.80 -23.54
C SER A 225 17.65 35.29 -23.51
N GLY A 226 17.69 34.72 -22.31
CA GLY A 226 17.83 33.29 -22.14
C GLY A 226 16.60 32.54 -22.61
N ILE A 227 15.43 33.16 -22.45
CA ILE A 227 14.18 32.54 -22.83
C ILE A 227 14.13 32.22 -24.33
N HIS A 228 14.61 33.15 -25.14
CA HIS A 228 14.66 32.94 -26.58
C HIS A 228 15.75 31.95 -26.94
N LYS A 229 16.81 31.92 -26.13
CA LYS A 229 17.92 31.00 -26.34
C LYS A 229 17.49 29.57 -26.05
N ALA A 230 16.65 29.40 -25.03
CA ALA A 230 16.14 28.08 -24.66
C ALA A 230 15.17 27.55 -25.72
N TYR A 231 14.26 28.40 -26.15
CA TYR A 231 13.27 28.00 -27.16
C TYR A 231 13.88 27.65 -28.51
N GLU A 232 15.03 28.26 -28.82
CA GLU A 232 15.64 28.04 -30.12
C GLU A 232 16.70 26.95 -30.10
N THR A 233 17.22 26.62 -28.92
CA THR A 233 18.30 25.65 -28.81
C THR A 233 18.00 24.57 -27.77
N GLY A 234 16.99 24.80 -26.94
CA GLY A 234 16.62 23.84 -25.91
C GLY A 234 17.49 23.99 -24.67
N LYS A 235 18.54 24.79 -24.78
CA LYS A 235 19.42 25.09 -23.67
C LYS A 235 19.46 26.60 -23.42
N GLY A 236 19.39 27.00 -22.16
CA GLY A 236 19.36 28.41 -21.81
C GLY A 236 19.37 28.67 -20.31
N SER A 237 19.74 29.89 -19.94
CA SER A 237 19.76 30.31 -18.54
C SER A 237 18.78 31.44 -18.29
N ILE A 238 18.00 31.32 -17.23
CA ILE A 238 17.00 32.32 -16.87
C ILE A 238 17.17 32.72 -15.41
N VAL A 239 16.94 33.99 -15.09
CA VAL A 239 17.05 34.46 -13.71
C VAL A 239 15.69 34.64 -13.06
N LEU A 240 15.47 33.95 -11.95
CA LEU A 240 14.20 34.00 -11.23
C LEU A 240 14.33 34.76 -9.91
N ARG A 241 13.38 35.63 -9.63
CA ARG A 241 13.42 36.46 -8.43
C ARG A 241 12.08 36.51 -7.72
N SER A 242 12.11 36.49 -6.39
CA SER A 242 10.89 36.52 -5.61
C SER A 242 10.17 37.85 -5.80
N ARG A 243 8.87 37.80 -6.06
CA ARG A 243 8.07 39.01 -6.06
C ARG A 243 8.03 39.56 -4.65
N THR A 244 8.45 40.82 -4.51
CA THR A 244 8.55 41.47 -3.21
C THR A 244 7.89 42.84 -3.25
N GLU A 245 7.99 43.57 -2.16
CA GLU A 245 7.44 44.92 -2.04
C GLU A 245 7.79 45.48 -0.67
N ILE A 246 8.20 46.74 -0.62
CA ILE A 246 8.54 47.37 0.65
C ILE A 246 7.31 48.02 1.30
N GLU A 247 7.18 47.82 2.61
CA GLU A 247 6.07 48.39 3.36
C GLU A 247 6.61 49.19 4.55
N THR A 248 5.80 50.13 5.05
CA THR A 248 6.18 50.93 6.20
C THR A 248 5.42 50.47 7.45
N THR A 249 6.16 50.01 8.46
CA THR A 249 5.54 49.52 9.68
C THR A 249 4.75 50.64 10.35
N LYS A 250 3.96 50.28 11.36
CA LYS A 250 3.12 51.27 12.03
C LYS A 250 3.94 52.25 12.88
N THR A 251 5.24 51.97 13.01
CA THR A 251 6.13 52.83 13.77
C THR A 251 6.89 53.77 12.85
N GLY A 252 7.01 53.38 11.58
CA GLY A 252 7.62 54.24 10.59
C GLY A 252 8.95 53.78 10.02
N ARG A 253 9.19 52.47 10.01
CA ARG A 253 10.40 51.93 9.39
C ARG A 253 10.11 50.88 8.33
N GLU A 254 11.04 50.70 7.41
CA GLU A 254 10.86 49.83 6.26
C GLU A 254 10.59 48.38 6.64
N ARG A 255 9.84 47.70 5.79
CA ARG A 255 9.47 46.30 6.00
C ARG A 255 9.48 45.55 4.67
N ILE A 256 10.43 44.65 4.51
CA ILE A 256 10.53 43.88 3.27
C ILE A 256 9.53 42.72 3.27
N VAL A 257 8.66 42.68 2.26
CA VAL A 257 7.65 41.64 2.19
C VAL A 257 7.78 40.77 0.94
N VAL A 258 7.89 39.45 1.16
CA VAL A 258 7.96 38.49 0.07
C VAL A 258 6.61 37.82 -0.11
N THR A 259 6.14 37.79 -1.35
CA THR A 259 4.81 37.25 -1.62
C THR A 259 4.84 36.06 -2.58
N GLU A 260 5.95 35.90 -3.30
CA GLU A 260 6.07 34.85 -4.29
C GLU A 260 7.52 34.41 -4.51
N PHE A 261 7.96 33.41 -3.76
CA PHE A 261 9.30 32.85 -3.95
C PHE A 261 9.41 32.15 -5.30
N PRO A 262 10.66 31.91 -5.75
CA PRO A 262 10.93 31.27 -7.04
C PRO A 262 10.34 29.87 -7.09
N TYR A 263 10.46 29.21 -8.24
CA TYR A 263 10.00 27.84 -8.37
C TYR A 263 10.93 26.89 -7.63
N MET A 264 10.34 25.91 -6.94
CA MET A 264 11.10 24.92 -6.19
C MET A 264 11.93 25.56 -5.08
N VAL A 265 11.42 26.62 -4.49
CA VAL A 265 12.08 27.29 -3.37
C VAL A 265 11.25 27.18 -2.10
N ASN A 266 11.85 26.62 -1.06
CA ASN A 266 11.17 26.41 0.21
C ASN A 266 11.23 27.64 1.10
N LYS A 267 10.07 28.18 1.45
CA LYS A 267 10.01 29.36 2.32
C LYS A 267 10.81 29.14 3.59
N THR A 268 10.47 28.09 4.32
CA THR A 268 11.12 27.78 5.57
C THR A 268 12.63 27.62 5.43
N LYS A 269 13.05 26.95 4.36
CA LYS A 269 14.47 26.76 4.09
C LYS A 269 15.17 28.11 3.97
N VAL A 270 14.49 29.08 3.37
CA VAL A 270 15.04 30.42 3.20
C VAL A 270 14.94 31.19 4.51
N HIS A 271 13.92 30.90 5.30
CA HIS A 271 13.75 31.54 6.60
C HIS A 271 14.89 31.15 7.54
N GLU A 272 15.26 29.87 7.50
CA GLU A 272 16.36 29.37 8.31
C GLU A 272 17.69 29.89 7.78
N HIS A 273 17.75 30.13 6.47
CA HIS A 273 18.96 30.62 5.82
C HIS A 273 19.22 32.07 6.23
N ILE A 274 18.17 32.87 6.25
CA ILE A 274 18.28 34.27 6.65
C ILE A 274 18.76 34.41 8.09
N VAL A 275 18.22 33.57 8.98
CA VAL A 275 18.61 33.62 10.38
C VAL A 275 20.07 33.24 10.57
N ARG A 276 20.54 32.27 9.80
CA ARG A 276 21.94 31.84 9.88
C ARG A 276 22.86 32.95 9.40
N LEU A 277 22.35 33.82 8.54
CA LEU A 277 23.14 34.92 8.02
C LEU A 277 23.03 36.16 8.90
N VAL A 278 21.87 36.35 9.51
CA VAL A 278 21.67 37.50 10.39
C VAL A 278 22.39 37.30 11.72
N GLN A 279 22.41 36.06 12.20
CA GLN A 279 23.09 35.75 13.45
C GLN A 279 24.59 35.51 13.21
N GLU A 280 25.00 35.62 11.96
CA GLU A 280 26.39 35.37 11.57
C GLU A 280 27.08 36.64 11.13
N LYS A 281 26.38 37.77 11.25
CA LYS A 281 26.92 39.07 10.88
C LYS A 281 27.23 39.16 9.39
N ARG A 282 26.80 38.16 8.62
CA ARG A 282 26.99 38.15 7.18
C ARG A 282 26.01 39.10 6.51
N ILE A 283 25.07 39.61 7.30
CA ILE A 283 24.04 40.52 6.80
C ILE A 283 23.40 41.26 7.96
N GLU A 284 23.72 42.54 8.08
CA GLU A 284 23.20 43.35 9.18
C GLU A 284 22.12 44.32 8.70
N GLY A 285 21.23 44.69 9.60
CA GLY A 285 20.18 45.64 9.31
C GLY A 285 18.79 45.06 9.48
N ILE A 286 18.73 43.77 9.80
CA ILE A 286 17.45 43.09 9.96
C ILE A 286 16.95 43.16 11.39
N THR A 287 15.74 43.71 11.56
CA THR A 287 15.11 43.83 12.87
C THR A 287 14.48 42.51 13.28
N ALA A 288 13.87 41.83 12.33
CA ALA A 288 13.20 40.56 12.59
C ALA A 288 12.79 39.88 11.30
N VAL A 289 12.56 38.57 11.38
CA VAL A 289 12.10 37.79 10.24
C VAL A 289 10.89 36.97 10.67
N ARG A 290 9.70 37.46 10.35
CA ARG A 290 8.47 36.74 10.72
C ARG A 290 7.75 36.19 9.50
N ASP A 291 7.27 34.96 9.62
CA ASP A 291 6.48 34.32 8.57
C ASP A 291 5.00 34.45 8.89
N GLU A 292 4.30 35.29 8.14
CA GLU A 292 2.89 35.55 8.40
C GLU A 292 2.00 34.96 7.31
N SER A 293 2.50 33.92 6.65
CA SER A 293 1.74 33.22 5.61
C SER A 293 0.49 32.56 6.19
N ASN A 294 -0.63 32.76 5.51
CA ASN A 294 -1.91 32.18 5.90
C ASN A 294 -2.43 31.22 4.86
N ARG A 295 -3.29 30.29 5.29
CA ARG A 295 -3.92 29.34 4.37
C ARG A 295 -4.73 30.08 3.31
N GLU A 296 -4.19 31.17 2.81
CA GLU A 296 -4.86 31.99 1.81
C GLU A 296 -3.88 32.98 1.20
N GLY A 297 -2.60 32.76 1.43
CA GLY A 297 -1.56 33.59 0.84
C GLY A 297 -0.20 33.50 1.49
N VAL A 298 0.83 33.91 0.75
CA VAL A 298 2.19 33.92 1.27
C VAL A 298 2.59 35.32 1.77
N ARG A 299 3.07 35.39 3.00
CA ARG A 299 3.57 36.64 3.57
C ARG A 299 4.80 36.40 4.43
N PHE A 300 5.98 36.60 3.84
CA PHE A 300 7.24 36.42 4.53
C PHE A 300 7.88 37.78 4.76
N VAL A 301 7.79 38.29 5.99
CA VAL A 301 8.19 39.66 6.28
C VAL A 301 9.57 39.79 6.93
N ILE A 302 10.43 40.59 6.30
CA ILE A 302 11.75 40.89 6.85
C ILE A 302 11.86 42.37 7.20
N GLU A 303 11.46 42.72 8.41
CA GLU A 303 11.46 44.11 8.87
C GLU A 303 12.88 44.63 9.10
N VAL A 304 13.16 45.82 8.57
CA VAL A 304 14.47 46.44 8.70
C VAL A 304 14.51 47.43 9.86
N LYS A 305 15.71 47.65 10.40
CA LYS A 305 15.90 48.57 11.50
C LYS A 305 16.07 50.00 10.99
N ARG A 306 15.84 50.97 11.87
CA ARG A 306 16.02 52.37 11.54
C ARG A 306 17.48 52.63 11.19
N ASP A 307 17.71 53.55 10.25
CA ASP A 307 19.07 53.83 9.78
C ASP A 307 19.61 52.65 8.99
N ALA A 308 18.72 52.01 8.23
CA ALA A 308 19.10 50.88 7.38
C ALA A 308 18.27 50.87 6.10
N SER A 309 18.94 50.72 4.96
CA SER A 309 18.25 50.71 3.68
C SER A 309 17.69 49.33 3.36
N ALA A 310 16.37 49.22 3.34
CA ALA A 310 15.71 47.97 2.97
C ALA A 310 16.28 47.46 1.66
N ASN A 311 16.41 48.35 0.69
CA ASN A 311 16.93 47.97 -0.63
C ASN A 311 18.28 47.27 -0.52
N VAL A 312 19.19 47.88 0.23
CA VAL A 312 20.51 47.30 0.47
C VAL A 312 20.41 45.88 1.00
N ILE A 313 19.54 45.67 1.99
CA ILE A 313 19.33 44.35 2.56
C ILE A 313 18.64 43.44 1.54
N LEU A 314 17.71 44.00 0.80
CA LEU A 314 16.97 43.23 -0.19
C LEU A 314 17.93 42.58 -1.19
N ASN A 315 18.74 43.40 -1.86
CA ASN A 315 19.69 42.88 -2.83
C ASN A 315 20.65 41.86 -2.22
N ASN A 316 21.01 42.08 -0.96
CA ASN A 316 21.89 41.15 -0.26
C ASN A 316 21.20 39.79 -0.11
N LEU A 317 19.89 39.82 0.10
CA LEU A 317 19.11 38.61 0.22
C LEU A 317 18.98 37.94 -1.15
N PHE A 318 18.78 38.75 -2.17
CA PHE A 318 18.68 38.24 -3.53
C PHE A 318 19.98 37.59 -4.00
N LYS A 319 21.09 38.01 -3.42
CA LYS A 319 22.40 37.54 -3.84
C LYS A 319 22.91 36.37 -3.01
N MET A 320 22.39 36.23 -1.79
CA MET A 320 22.92 35.26 -0.84
C MET A 320 21.97 34.12 -0.53
N THR A 321 20.67 34.42 -0.49
CA THR A 321 19.68 33.39 -0.24
C THR A 321 19.10 32.88 -1.55
N GLN A 322 18.26 31.85 -1.46
CA GLN A 322 17.62 31.28 -2.64
C GLN A 322 16.43 32.12 -3.07
N MET A 323 16.31 33.31 -2.47
CA MET A 323 15.23 34.23 -2.79
C MET A 323 15.38 34.72 -4.22
N GLN A 324 16.52 34.43 -4.82
CA GLN A 324 16.75 34.69 -6.25
C GLN A 324 17.67 33.62 -6.80
N THR A 325 17.21 32.91 -7.84
CA THR A 325 17.92 31.77 -8.39
C THR A 325 17.85 31.70 -9.90
N ASN A 326 18.64 30.80 -10.49
CA ASN A 326 18.66 30.63 -11.94
C ASN A 326 18.02 29.33 -12.39
N PHE A 327 17.38 29.36 -13.55
CA PHE A 327 16.70 28.18 -14.07
C PHE A 327 17.39 27.65 -15.33
N GLY A 328 17.98 26.46 -15.20
CA GLY A 328 18.77 25.89 -16.28
C GLY A 328 17.96 25.17 -17.33
N PHE A 329 17.50 25.91 -18.33
CA PHE A 329 16.78 25.30 -19.45
C PHE A 329 17.58 24.17 -20.06
N ASN A 330 17.10 22.94 -19.87
CA ASN A 330 17.68 21.79 -20.53
C ASN A 330 16.58 20.90 -21.07
N MET A 331 15.89 21.40 -22.10
CA MET A 331 14.72 20.73 -22.64
C MET A 331 15.07 19.40 -23.33
N LEU A 332 15.21 18.36 -22.53
CA LEU A 332 15.58 17.03 -23.03
C LEU A 332 14.46 16.03 -22.79
N ALA A 333 14.02 15.38 -23.87
CA ALA A 333 12.92 14.43 -23.78
C ALA A 333 13.17 13.21 -24.68
N ILE A 334 12.46 12.13 -24.41
CA ILE A 334 12.56 10.93 -25.25
C ILE A 334 11.71 11.10 -26.51
N GLN A 335 12.33 10.87 -27.66
CA GLN A 335 11.64 10.95 -28.94
C GLN A 335 12.14 9.85 -29.86
N ASN A 336 11.21 9.08 -30.41
CA ASN A 336 11.57 7.95 -31.27
C ASN A 336 12.45 6.94 -30.55
N GLY A 337 12.20 6.76 -29.26
CA GLY A 337 12.92 5.75 -28.49
C GLY A 337 14.23 6.26 -27.91
N ILE A 338 14.73 7.37 -28.45
CA ILE A 338 16.00 7.93 -27.99
C ILE A 338 15.83 9.30 -27.37
N PRO A 339 16.70 9.64 -26.41
CA PRO A 339 16.71 10.93 -25.72
C PRO A 339 17.28 12.03 -26.62
N LYS A 340 16.63 13.18 -26.64
CA LYS A 340 17.01 14.26 -27.54
C LYS A 340 16.84 15.63 -26.89
N ILE A 341 17.75 16.54 -27.20
CA ILE A 341 17.63 17.92 -26.75
C ILE A 341 16.88 18.72 -27.80
N LEU A 342 15.59 18.93 -27.55
CA LEU A 342 14.72 19.56 -28.54
C LEU A 342 14.49 21.04 -28.26
N SER A 343 14.21 21.78 -29.33
CA SER A 343 13.85 23.18 -29.22
C SER A 343 12.35 23.27 -28.94
N LEU A 344 11.84 24.49 -28.88
CA LEU A 344 10.42 24.71 -28.65
C LEU A 344 9.59 24.18 -29.80
N ARG A 345 9.98 24.56 -31.02
CA ARG A 345 9.27 24.14 -32.22
C ARG A 345 9.24 22.62 -32.32
N GLN A 346 10.38 21.99 -32.04
CA GLN A 346 10.48 20.55 -32.15
C GLN A 346 9.54 19.84 -31.18
N ILE A 347 9.36 20.41 -29.99
CA ILE A 347 8.49 19.84 -28.99
C ILE A 347 7.02 20.03 -29.38
N LEU A 348 6.74 21.11 -30.09
CA LEU A 348 5.38 21.39 -30.57
C LEU A 348 5.06 20.47 -31.73
N ASP A 349 5.92 20.47 -32.75
CA ASP A 349 5.78 19.57 -33.88
C ASP A 349 5.54 18.15 -33.40
N ALA A 350 6.24 17.76 -32.33
CA ALA A 350 6.05 16.45 -31.74
C ALA A 350 4.63 16.27 -31.20
N TYR A 351 4.12 17.30 -30.54
CA TYR A 351 2.78 17.21 -29.97
C TYR A 351 1.71 17.19 -31.06
N ILE A 352 1.79 18.13 -31.99
CA ILE A 352 0.83 18.20 -33.09
C ILE A 352 0.71 16.86 -33.82
N GLU A 353 1.85 16.20 -34.04
CA GLU A 353 1.85 14.90 -34.71
C GLU A 353 1.11 13.86 -33.89
N HIS A 354 1.60 13.59 -32.68
CA HIS A 354 0.95 12.67 -31.77
C HIS A 354 -0.54 13.00 -31.67
N GLN A 355 -0.87 14.27 -31.89
CA GLN A 355 -2.25 14.72 -31.82
C GLN A 355 -3.02 14.26 -33.06
N LYS A 356 -2.40 14.39 -34.22
CA LYS A 356 -3.00 13.94 -35.46
C LYS A 356 -3.25 12.43 -35.44
N GLU A 357 -2.25 11.68 -34.99
CA GLU A 357 -2.37 10.23 -34.92
C GLU A 357 -3.55 9.81 -34.06
N VAL A 358 -3.61 10.32 -32.84
CA VAL A 358 -4.68 9.98 -31.93
C VAL A 358 -6.06 10.22 -32.52
N VAL A 359 -6.24 11.38 -33.16
CA VAL A 359 -7.54 11.70 -33.73
C VAL A 359 -7.94 10.70 -34.82
N VAL A 360 -7.05 10.49 -35.78
CA VAL A 360 -7.31 9.55 -36.87
C VAL A 360 -7.71 8.18 -36.35
N ARG A 361 -6.84 7.58 -35.53
CA ARG A 361 -7.13 6.29 -34.91
C ARG A 361 -8.53 6.25 -34.32
N ARG A 362 -8.86 7.25 -33.52
CA ARG A 362 -10.19 7.35 -32.95
C ARG A 362 -11.23 7.33 -34.07
N THR A 363 -11.12 8.27 -35.01
CA THR A 363 -12.04 8.33 -36.14
C THR A 363 -12.24 6.96 -36.79
N ARG A 364 -11.12 6.31 -37.10
CA ARG A 364 -11.15 4.96 -37.65
C ARG A 364 -11.91 4.02 -36.72
N PHE A 365 -11.43 3.94 -35.48
CA PHE A 365 -12.07 3.11 -34.47
C PHE A 365 -13.57 3.39 -34.40
N ASP A 366 -13.95 4.67 -34.44
CA ASP A 366 -15.35 5.05 -34.41
C ASP A 366 -16.07 4.56 -35.65
N LYS A 367 -15.42 4.65 -36.80
CA LYS A 367 -16.02 4.19 -38.05
C LYS A 367 -16.22 2.68 -38.03
N GLU A 368 -15.13 1.94 -37.83
CA GLU A 368 -15.21 0.48 -37.83
C GLU A 368 -16.32 -0.02 -36.93
N LYS A 369 -16.56 0.67 -35.81
CA LYS A 369 -17.63 0.29 -34.90
C LYS A 369 -18.98 0.66 -35.48
N ALA A 370 -19.12 1.90 -35.93
CA ALA A 370 -20.39 2.39 -36.46
C ALA A 370 -20.88 1.48 -37.58
N GLU A 371 -19.96 1.13 -38.47
CA GLU A 371 -20.28 0.25 -39.58
C GLU A 371 -20.65 -1.14 -39.09
N ALA A 372 -19.80 -1.73 -38.26
CA ALA A 372 -20.07 -3.06 -37.73
C ALA A 372 -21.47 -3.15 -37.16
N ARG A 373 -21.91 -2.08 -36.51
CA ARG A 373 -23.25 -2.03 -35.93
C ARG A 373 -24.33 -2.03 -37.02
N ALA A 374 -24.25 -1.05 -37.92
CA ALA A 374 -25.23 -0.91 -38.98
C ALA A 374 -25.42 -2.22 -39.74
N HIS A 375 -24.33 -2.96 -39.91
CA HIS A 375 -24.36 -4.28 -40.53
C HIS A 375 -25.32 -5.19 -39.79
N ILE A 376 -25.22 -5.21 -38.46
CA ILE A 376 -26.11 -5.99 -37.62
C ILE A 376 -27.52 -5.44 -37.71
N LEU A 377 -27.62 -4.11 -37.72
CA LEU A 377 -28.93 -3.46 -37.86
C LEU A 377 -29.62 -3.84 -39.18
N GLU A 378 -28.84 -3.97 -40.25
CA GLU A 378 -29.40 -4.38 -41.54
C GLU A 378 -29.98 -5.79 -41.43
N GLY A 379 -29.28 -6.65 -40.70
CA GLY A 379 -29.73 -8.01 -40.47
C GLY A 379 -31.01 -8.05 -39.67
N LEU A 380 -31.01 -7.36 -38.53
CA LEU A 380 -32.17 -7.32 -37.64
C LEU A 380 -33.41 -6.82 -38.37
N LEU A 381 -33.24 -5.82 -39.23
CA LEU A 381 -34.33 -5.28 -40.02
C LEU A 381 -34.95 -6.37 -40.91
N ILE A 382 -34.12 -6.94 -41.78
CA ILE A 382 -34.57 -8.03 -42.65
C ILE A 382 -35.32 -9.06 -41.82
N ALA A 383 -34.78 -9.38 -40.66
CA ALA A 383 -35.38 -10.36 -39.76
C ALA A 383 -36.73 -9.89 -39.23
N LEU A 384 -36.82 -8.61 -38.88
CA LEU A 384 -38.07 -8.07 -38.36
C LEU A 384 -39.08 -7.86 -39.48
N ASP A 385 -38.60 -7.93 -40.72
CA ASP A 385 -39.48 -7.81 -41.87
C ASP A 385 -40.01 -9.18 -42.28
N HIS A 386 -39.26 -10.21 -41.92
CA HIS A 386 -39.59 -11.58 -42.30
C HIS A 386 -39.64 -12.47 -41.07
N ILE A 387 -40.26 -11.96 -40.00
CA ILE A 387 -40.27 -12.65 -38.72
C ILE A 387 -40.92 -14.03 -38.82
N ASP A 388 -42.06 -14.09 -39.48
CA ASP A 388 -42.76 -15.36 -39.67
C ASP A 388 -41.83 -16.42 -40.24
N GLU A 389 -41.37 -16.21 -41.48
CA GLU A 389 -40.46 -17.16 -42.12
C GLU A 389 -39.22 -17.41 -41.24
N VAL A 390 -38.73 -16.36 -40.60
CA VAL A 390 -37.56 -16.49 -39.75
C VAL A 390 -37.86 -17.46 -38.60
N ILE A 391 -38.88 -17.16 -37.81
CA ILE A 391 -39.28 -18.02 -36.71
C ILE A 391 -39.57 -19.44 -37.19
N ARG A 392 -40.11 -19.54 -38.40
CA ARG A 392 -40.39 -20.84 -39.00
C ARG A 392 -39.10 -21.62 -39.15
N ILE A 393 -38.08 -20.98 -39.73
CA ILE A 393 -36.79 -21.60 -39.95
C ILE A 393 -36.17 -22.04 -38.64
N ILE A 394 -36.23 -21.17 -37.64
CA ILE A 394 -35.67 -21.47 -36.32
C ILE A 394 -36.36 -22.69 -35.71
N ARG A 395 -37.68 -22.61 -35.54
CA ARG A 395 -38.42 -23.68 -34.89
C ARG A 395 -38.29 -25.02 -35.61
N ALA A 396 -38.24 -24.97 -36.94
CA ALA A 396 -38.12 -26.16 -37.76
C ALA A 396 -36.68 -26.69 -37.79
N SER A 397 -35.81 -26.05 -37.03
CA SER A 397 -34.41 -26.46 -36.98
C SER A 397 -34.12 -27.15 -35.65
N GLU A 398 -33.33 -28.22 -35.70
CA GLU A 398 -32.95 -28.93 -34.49
C GLU A 398 -31.77 -28.23 -33.82
N THR A 399 -30.65 -28.15 -34.52
CA THR A 399 -29.46 -27.49 -34.01
C THR A 399 -29.40 -26.03 -34.48
N ASP A 400 -28.82 -25.17 -33.65
CA ASP A 400 -28.66 -23.77 -34.01
C ASP A 400 -27.77 -23.63 -35.23
N ALA A 401 -26.77 -24.50 -35.35
CA ALA A 401 -25.87 -24.49 -36.49
C ALA A 401 -26.66 -24.62 -37.80
N GLU A 402 -27.73 -25.40 -37.75
CA GLU A 402 -28.57 -25.61 -38.92
C GLU A 402 -29.54 -24.45 -39.09
N ALA A 403 -30.01 -23.92 -37.97
CA ALA A 403 -30.90 -22.77 -37.97
C ALA A 403 -30.19 -21.54 -38.56
N GLN A 404 -29.01 -21.26 -38.04
CA GLN A 404 -28.20 -20.15 -38.54
C GLN A 404 -27.88 -20.36 -40.02
N ALA A 405 -27.44 -21.57 -40.36
CA ALA A 405 -27.05 -21.88 -41.73
C ALA A 405 -28.17 -21.63 -42.73
N GLU A 406 -29.41 -21.86 -42.30
CA GLU A 406 -30.57 -21.63 -43.15
C GLU A 406 -30.86 -20.15 -43.30
N LEU A 407 -30.90 -19.43 -42.18
CA LEU A 407 -31.12 -17.98 -42.19
C LEU A 407 -30.12 -17.27 -43.09
N MET A 408 -28.86 -17.64 -42.96
CA MET A 408 -27.82 -17.06 -43.79
C MET A 408 -28.11 -17.35 -45.25
N SER A 409 -28.57 -18.57 -45.53
CA SER A 409 -28.77 -19.02 -46.90
C SER A 409 -30.07 -18.48 -47.49
N LYS A 410 -31.11 -18.38 -46.66
CA LYS A 410 -32.40 -17.88 -47.10
C LYS A 410 -32.43 -16.36 -47.27
N PHE A 411 -31.96 -15.64 -46.26
CA PHE A 411 -32.00 -14.18 -46.27
C PHE A 411 -30.69 -13.55 -46.71
N LYS A 412 -29.72 -14.38 -47.10
CA LYS A 412 -28.40 -13.91 -47.50
C LYS A 412 -27.78 -13.06 -46.39
N LEU A 413 -27.52 -13.68 -45.26
CA LEU A 413 -26.95 -13.00 -44.10
C LEU A 413 -25.62 -13.62 -43.68
N SER A 414 -24.77 -12.79 -43.07
CA SER A 414 -23.47 -13.22 -42.59
C SER A 414 -23.61 -13.99 -41.29
N GLU A 415 -22.53 -14.63 -40.85
CA GLU A 415 -22.54 -15.35 -39.59
C GLU A 415 -22.88 -14.40 -38.45
N ARG A 416 -22.30 -13.21 -38.50
CA ARG A 416 -22.57 -12.19 -37.49
C ARG A 416 -24.05 -11.82 -37.49
N GLN A 417 -24.58 -11.56 -38.67
CA GLN A 417 -25.97 -11.16 -38.80
C GLN A 417 -26.93 -12.24 -38.33
N SER A 418 -26.64 -13.48 -38.71
CA SER A 418 -27.49 -14.60 -38.33
C SER A 418 -27.57 -14.77 -36.83
N GLN A 419 -26.42 -14.74 -36.16
CA GLN A 419 -26.40 -14.90 -34.71
C GLN A 419 -27.22 -13.80 -34.05
N ALA A 420 -27.09 -12.59 -34.57
CA ALA A 420 -27.82 -11.44 -34.04
C ALA A 420 -29.32 -11.71 -34.05
N ILE A 421 -29.81 -12.27 -35.15
CA ILE A 421 -31.22 -12.58 -35.28
C ILE A 421 -31.62 -13.68 -34.28
N LEU A 422 -30.74 -14.66 -34.10
CA LEU A 422 -31.01 -15.76 -33.19
C LEU A 422 -31.06 -15.31 -31.73
N ASP A 423 -30.39 -14.20 -31.43
CA ASP A 423 -30.30 -13.72 -30.05
C ASP A 423 -31.34 -12.66 -29.72
N MET A 424 -32.14 -12.28 -30.72
CA MET A 424 -33.18 -11.28 -30.52
C MET A 424 -34.19 -11.70 -29.46
N ARG A 425 -34.43 -10.82 -28.51
CA ARG A 425 -35.45 -11.05 -27.48
C ARG A 425 -36.84 -10.89 -28.09
N LEU A 426 -37.79 -11.70 -27.62
CA LEU A 426 -39.17 -11.63 -28.09
C LEU A 426 -39.72 -10.21 -27.97
N ARG A 427 -39.25 -9.48 -26.95
CA ARG A 427 -39.71 -8.11 -26.74
C ARG A 427 -39.32 -7.20 -27.90
N ARG A 428 -38.27 -7.59 -28.63
CA ARG A 428 -37.79 -6.81 -29.77
C ARG A 428 -38.71 -6.98 -30.98
N LEU A 429 -39.71 -7.83 -30.84
CA LEU A 429 -40.61 -8.14 -31.95
C LEU A 429 -41.94 -7.40 -31.81
N THR A 430 -41.88 -6.18 -31.27
CA THR A 430 -43.08 -5.35 -31.17
C THR A 430 -43.17 -4.39 -32.36
N GLY A 431 -44.28 -3.67 -32.44
CA GLY A 431 -44.52 -2.76 -33.54
C GLY A 431 -43.54 -1.59 -33.53
N LEU A 432 -43.41 -0.96 -32.37
CA LEU A 432 -42.57 0.24 -32.26
C LEU A 432 -41.08 -0.07 -32.38
N GLU A 433 -40.73 -1.34 -32.27
CA GLU A 433 -39.33 -1.75 -32.28
C GLU A 433 -38.59 -1.43 -33.57
N ARG A 434 -39.22 -1.71 -34.70
CA ARG A 434 -38.58 -1.47 -35.99
C ARG A 434 -38.26 0.00 -36.20
N ASP A 435 -39.28 0.83 -36.18
CA ASP A 435 -39.11 2.27 -36.39
C ASP A 435 -37.96 2.81 -35.55
N LYS A 436 -37.68 2.12 -34.45
CA LYS A 436 -36.56 2.49 -33.59
C LYS A 436 -35.24 2.07 -34.23
N ILE A 437 -35.13 0.79 -34.56
CA ILE A 437 -33.95 0.25 -35.21
C ILE A 437 -33.65 0.98 -36.52
N GLN A 438 -34.70 1.48 -37.17
CA GLN A 438 -34.53 2.25 -38.39
C GLN A 438 -33.84 3.57 -38.11
N SER A 439 -34.40 4.33 -37.17
CA SER A 439 -33.83 5.62 -36.78
C SER A 439 -32.33 5.49 -36.49
N GLU A 440 -32.00 4.54 -35.62
CA GLU A 440 -30.61 4.26 -35.29
C GLU A 440 -29.79 4.02 -36.53
N TYR A 441 -30.23 3.08 -37.37
CA TYR A 441 -29.54 2.74 -38.61
C TYR A 441 -29.30 3.98 -39.45
N ASP A 442 -30.35 4.75 -39.69
CA ASP A 442 -30.23 5.98 -40.46
C ASP A 442 -29.14 6.86 -39.87
N ASP A 443 -29.19 7.07 -38.56
CA ASP A 443 -28.21 7.89 -37.86
C ASP A 443 -26.78 7.40 -38.08
N LEU A 444 -26.61 6.08 -38.17
CA LEU A 444 -25.31 5.46 -38.39
C LEU A 444 -24.76 5.78 -39.77
N LEU A 445 -25.63 5.79 -40.77
CA LEU A 445 -25.21 6.08 -42.14
C LEU A 445 -24.60 7.48 -42.23
N ALA A 446 -25.14 8.41 -41.45
CA ALA A 446 -24.64 9.77 -41.40
C ALA A 446 -23.26 9.83 -40.76
N LEU A 447 -23.18 9.30 -39.53
CA LEU A 447 -21.93 9.21 -38.80
C LEU A 447 -20.85 8.55 -39.64
N ILE A 448 -21.18 7.44 -40.28
CA ILE A 448 -20.23 6.74 -41.13
C ILE A 448 -19.82 7.60 -42.30
N ALA A 449 -20.75 8.43 -42.77
CA ALA A 449 -20.46 9.36 -43.85
C ALA A 449 -19.46 10.41 -43.37
N ASP A 450 -19.79 11.03 -42.24
CA ASP A 450 -18.93 12.05 -41.64
C ASP A 450 -17.55 11.48 -41.36
N LEU A 451 -17.50 10.43 -40.56
CA LEU A 451 -16.25 9.76 -40.19
C LEU A 451 -15.44 9.33 -41.42
N ALA A 452 -16.14 8.94 -42.48
CA ALA A 452 -15.48 8.55 -43.72
C ALA A 452 -14.79 9.75 -44.34
N ASP A 453 -15.36 10.93 -44.10
CA ASP A 453 -14.84 12.18 -44.66
C ASP A 453 -13.61 12.66 -43.90
N ILE A 454 -13.72 12.68 -42.58
CA ILE A 454 -12.61 13.09 -41.74
C ILE A 454 -11.34 12.31 -42.08
N LEU A 455 -11.50 11.04 -42.40
CA LEU A 455 -10.35 10.20 -42.76
C LEU A 455 -9.93 10.43 -44.20
N ALA A 456 -10.73 11.17 -44.95
CA ALA A 456 -10.43 11.48 -46.34
C ALA A 456 -9.81 12.86 -46.47
N LYS A 457 -10.13 13.74 -45.52
CA LYS A 457 -9.65 15.12 -45.56
C LYS A 457 -8.79 15.44 -44.33
N PRO A 458 -7.46 15.53 -44.54
CA PRO A 458 -6.53 15.90 -43.48
C PRO A 458 -6.83 17.30 -42.93
N GLU A 459 -7.53 18.10 -43.74
CA GLU A 459 -7.90 19.44 -43.33
C GLU A 459 -8.88 19.41 -42.16
N ARG A 460 -9.64 18.33 -42.06
CA ARG A 460 -10.66 18.19 -41.03
C ARG A 460 -10.07 17.69 -39.72
N VAL A 461 -9.04 16.85 -39.84
CA VAL A 461 -8.39 16.30 -38.65
C VAL A 461 -7.73 17.42 -37.84
N SER A 462 -6.98 18.29 -38.51
CA SER A 462 -6.32 19.40 -37.85
C SER A 462 -7.34 20.35 -37.25
N GLN A 463 -8.42 20.59 -37.99
CA GLN A 463 -9.50 21.46 -37.53
C GLN A 463 -10.19 20.87 -36.31
N ILE A 464 -10.30 19.55 -36.30
CA ILE A 464 -10.88 18.86 -35.16
C ILE A 464 -9.96 19.02 -33.95
N ILE A 465 -8.67 18.94 -34.20
CA ILE A 465 -7.69 19.15 -33.14
C ILE A 465 -7.80 20.57 -32.58
N LYS A 466 -7.64 21.56 -33.45
CA LYS A 466 -7.71 22.95 -33.01
C LYS A 466 -8.95 23.21 -32.19
N ASP A 467 -10.10 22.79 -32.71
CA ASP A 467 -11.38 23.02 -32.03
C ASP A 467 -11.37 22.41 -30.63
N GLU A 468 -10.79 21.21 -30.50
CA GLU A 468 -10.78 20.50 -29.24
C GLU A 468 -9.79 21.11 -28.24
N LEU A 469 -8.73 21.72 -28.76
CA LEU A 469 -7.79 22.44 -27.91
C LEU A 469 -8.46 23.66 -27.30
N ASP A 470 -9.13 24.45 -28.15
CA ASP A 470 -9.82 25.65 -27.69
C ASP A 470 -10.74 25.31 -26.52
N GLU A 471 -11.26 24.09 -26.54
CA GLU A 471 -12.17 23.63 -25.48
C GLU A 471 -11.42 23.32 -24.20
N VAL A 472 -10.29 22.63 -24.31
CA VAL A 472 -9.45 22.34 -23.17
C VAL A 472 -9.04 23.66 -22.54
N LYS A 473 -8.55 24.56 -23.39
CA LYS A 473 -8.18 25.89 -22.99
C LYS A 473 -9.36 26.60 -22.33
N ARG A 474 -10.49 26.61 -23.02
CA ARG A 474 -11.69 27.28 -22.54
C ARG A 474 -12.15 26.75 -21.17
N LYS A 475 -11.72 25.55 -20.83
CA LYS A 475 -12.22 24.88 -19.63
C LYS A 475 -11.23 24.84 -18.47
N PHE A 476 -9.93 24.83 -18.79
CA PHE A 476 -8.92 24.65 -17.75
C PHE A 476 -7.87 25.76 -17.73
N SER A 477 -7.83 26.59 -18.76
CA SER A 477 -6.82 27.64 -18.85
C SER A 477 -6.84 28.59 -17.65
N ASP A 478 -5.66 29.08 -17.30
CA ASP A 478 -5.47 29.98 -16.16
C ASP A 478 -5.07 31.38 -16.63
N LYS A 479 -4.93 32.29 -15.68
CA LYS A 479 -4.33 33.59 -15.94
C LYS A 479 -2.85 33.52 -15.59
N ARG A 480 -2.01 34.17 -16.39
CA ARG A 480 -0.57 34.11 -16.19
C ARG A 480 -0.18 34.52 -14.76
N ARG A 481 0.76 33.80 -14.18
CA ARG A 481 1.15 34.02 -12.79
C ARG A 481 2.56 34.59 -12.67
N THR A 482 3.44 34.17 -13.57
CA THR A 482 4.83 34.63 -13.54
C THR A 482 5.03 35.81 -14.47
N GLU A 483 5.38 36.96 -13.91
CA GLU A 483 5.60 38.18 -14.69
C GLU A 483 7.01 38.23 -15.29
N LEU A 484 7.08 38.27 -16.61
CA LEU A 484 8.36 38.36 -17.30
C LEU A 484 8.76 39.82 -17.45
N MET A 485 10.04 40.12 -17.22
CA MET A 485 10.50 41.50 -17.27
C MET A 485 11.99 41.64 -17.63
N VAL A 486 12.33 42.76 -18.26
CA VAL A 486 13.70 43.05 -18.65
C VAL A 486 14.45 43.82 -17.59
N LYS B 22 2.27 45.55 20.78
CA LYS B 22 2.21 44.22 21.39
C LYS B 22 3.56 43.50 21.31
N HIS B 23 3.75 42.54 22.19
CA HIS B 23 5.00 41.78 22.26
C HIS B 23 4.93 40.50 21.43
N MET B 24 5.96 40.27 20.63
CA MET B 24 6.02 39.08 19.78
C MET B 24 7.47 38.71 19.48
N LYS B 25 7.67 37.49 18.99
CA LYS B 25 9.01 37.02 18.66
C LYS B 25 9.55 37.75 17.43
N SER B 26 10.79 37.48 17.06
CA SER B 26 11.41 38.14 15.93
C SER B 26 12.47 37.26 15.27
N GLY B 27 12.21 35.96 15.24
CA GLY B 27 13.18 35.02 14.71
C GLY B 27 14.53 35.22 15.37
N LEU B 28 15.59 34.83 14.67
CA LEU B 28 16.96 34.98 15.17
C LEU B 28 17.15 34.35 16.55
N GLU B 29 16.06 34.18 17.29
CA GLU B 29 16.11 33.61 18.63
C GLU B 29 16.64 32.18 18.61
N ILE B 30 17.35 31.80 19.68
CA ILE B 30 17.86 30.45 19.80
C ILE B 30 16.76 29.49 20.24
N SER B 31 16.02 29.87 21.28
CA SER B 31 14.91 29.08 21.79
C SER B 31 15.38 27.74 22.36
N ASN B 32 16.00 26.92 21.51
CA ASN B 32 16.46 25.60 21.91
C ASN B 32 15.30 24.66 22.23
N LEU B 33 14.14 24.96 21.64
CA LEU B 33 12.94 24.13 21.82
C LEU B 33 13.02 22.85 20.99
N PRO B 34 12.10 21.92 21.22
CA PRO B 34 12.06 20.64 20.50
C PRO B 34 12.12 20.83 18.99
N GLY B 35 12.70 19.85 18.29
CA GLY B 35 12.81 19.91 16.84
C GLY B 35 11.47 20.10 16.16
N LYS B 36 10.47 19.37 16.63
CA LYS B 36 9.10 19.55 16.14
C LYS B 36 8.54 20.86 16.66
N LEU B 37 7.29 20.84 17.11
CA LEU B 37 6.68 22.02 17.74
C LEU B 37 6.67 23.25 16.83
N ALA B 38 5.59 23.41 16.07
CA ALA B 38 5.43 24.58 15.22
C ALA B 38 5.05 25.79 16.07
N ASP B 39 6.01 26.24 16.87
CA ASP B 39 5.77 27.34 17.80
C ASP B 39 5.20 28.55 17.07
N CYS B 40 4.36 29.32 17.79
CA CYS B 40 3.70 30.48 17.19
C CYS B 40 4.61 31.70 17.13
N SER B 41 4.01 32.87 17.00
CA SER B 41 4.76 34.12 16.88
C SER B 41 4.68 34.95 18.15
N SER B 42 3.55 34.89 18.82
CA SER B 42 3.33 35.66 20.04
C SER B 42 4.11 35.11 21.21
N ASN B 43 4.30 35.94 22.23
CA ASN B 43 4.98 35.52 23.45
C ASN B 43 4.13 35.79 24.68
N ASN B 44 2.82 35.84 24.51
CA ASN B 44 1.91 36.08 25.62
C ASN B 44 1.24 34.79 26.11
N PRO B 45 1.82 34.17 27.15
CA PRO B 45 1.30 32.93 27.73
C PRO B 45 -0.12 33.08 28.26
N ALA B 46 -0.91 33.93 27.61
CA ALA B 46 -2.27 34.20 28.06
C ALA B 46 -3.20 34.31 26.87
N GLU B 47 -2.63 34.10 25.68
CA GLU B 47 -3.39 34.15 24.44
C GLU B 47 -3.00 32.97 23.54
N THR B 48 -1.70 32.70 23.47
CA THR B 48 -1.20 31.61 22.64
C THR B 48 -1.77 30.27 23.05
N GLU B 49 -1.69 29.29 22.15
CA GLU B 49 -2.24 27.96 22.40
C GLU B 49 -1.28 26.86 21.95
N LEU B 50 -1.21 25.80 22.73
CA LEU B 50 -0.36 24.66 22.40
C LEU B 50 -1.21 23.43 22.09
N PHE B 51 -1.18 23.01 20.82
CA PHE B 51 -1.97 21.85 20.38
C PHE B 51 -1.15 20.57 20.38
N ILE B 52 -1.54 19.62 21.23
CA ILE B 52 -0.87 18.33 21.28
C ILE B 52 -1.58 17.33 20.37
N VAL B 53 -1.05 17.16 19.17
CA VAL B 53 -1.65 16.30 18.15
C VAL B 53 -1.00 14.92 18.15
N GLU B 54 -1.66 13.95 17.51
CA GLU B 54 -1.08 12.62 17.32
C GLU B 54 -0.54 12.45 15.91
N GLY B 55 0.74 12.11 15.81
CA GLY B 55 1.37 11.87 14.53
C GLY B 55 1.45 13.09 13.63
N ASP B 56 2.45 13.10 12.75
CA ASP B 56 2.65 14.22 11.84
C ASP B 56 1.62 14.25 10.72
N SER B 57 0.80 13.20 10.63
CA SER B 57 -0.25 13.16 9.63
C SER B 57 -1.27 14.25 9.94
N ALA B 58 -1.53 14.46 11.23
CA ALA B 58 -2.42 15.51 11.69
C ALA B 58 -1.63 16.78 11.99
N GLY B 59 -0.50 16.61 12.66
CA GLY B 59 0.39 17.73 12.94
C GLY B 59 0.58 18.60 11.70
N GLY B 60 0.74 17.97 10.55
CA GLY B 60 0.93 18.68 9.31
C GLY B 60 -0.30 19.48 8.90
N SER B 61 -1.48 18.94 9.19
CA SER B 61 -2.72 19.64 8.89
C SER B 61 -2.88 20.82 9.84
N ALA B 62 -2.52 20.60 11.09
CA ALA B 62 -2.56 21.66 12.09
C ALA B 62 -1.47 22.68 11.80
N LYS B 63 -0.23 22.23 11.75
CA LYS B 63 0.90 23.12 11.48
C LYS B 63 0.58 24.12 10.36
N SER B 64 0.04 23.62 9.24
CA SER B 64 -0.37 24.49 8.15
C SER B 64 -1.87 24.79 8.20
N GLY B 65 -2.22 25.98 8.65
CA GLY B 65 -3.61 26.35 8.85
C GLY B 65 -3.93 26.40 10.33
N ARG B 66 -3.14 27.16 11.07
CA ARG B 66 -3.23 27.19 12.53
C ARG B 66 -3.14 28.61 13.07
N ASN B 67 -3.10 29.59 12.18
CA ASN B 67 -2.91 30.97 12.60
C ASN B 67 -1.59 31.08 13.37
N ARG B 68 -0.49 30.90 12.65
CA ARG B 68 0.84 30.81 13.25
C ARG B 68 1.23 32.08 14.00
N GLU B 69 0.32 32.56 14.86
CA GLU B 69 0.57 33.76 15.63
C GLU B 69 0.34 33.51 17.10
N PHE B 70 -0.60 32.62 17.41
CA PHE B 70 -0.94 32.31 18.79
C PHE B 70 -1.23 30.82 19.00
N GLN B 71 -1.02 30.03 17.95
CA GLN B 71 -1.26 28.59 18.03
C GLN B 71 -0.04 27.78 17.60
N ALA B 72 0.50 26.99 18.54
CA ALA B 72 1.68 26.18 18.27
C ALA B 72 1.30 24.69 18.20
N ILE B 73 1.97 23.94 17.33
CA ILE B 73 1.65 22.53 17.16
C ILE B 73 2.78 21.63 17.63
N LEU B 74 2.48 20.73 18.56
CA LEU B 74 3.47 19.84 19.12
C LEU B 74 3.04 18.38 18.94
N PRO B 75 3.52 17.75 17.87
CA PRO B 75 3.17 16.36 17.51
C PRO B 75 3.71 15.37 18.52
N ILE B 76 2.81 14.56 19.10
CA ILE B 76 3.21 13.46 19.96
C ILE B 76 3.14 12.16 19.19
N ARG B 77 4.26 11.44 19.12
CA ARG B 77 4.33 10.22 18.32
C ARG B 77 4.05 8.94 19.10
N GLY B 78 3.06 8.18 18.63
CA GLY B 78 2.73 6.91 19.22
C GLY B 78 1.88 7.01 20.47
N LYS B 79 2.01 6.01 21.34
CA LYS B 79 1.31 5.99 22.61
C LYS B 79 2.21 6.46 23.75
N ILE B 80 1.80 7.54 24.42
CA ILE B 80 2.57 8.11 25.52
C ILE B 80 2.67 7.14 26.70
N LEU B 81 3.84 7.11 27.34
CA LEU B 81 4.08 6.18 28.44
C LEU B 81 3.06 6.35 29.57
N ASN B 82 2.56 5.23 30.08
CA ASN B 82 1.64 5.25 31.21
C ASN B 82 2.39 5.50 32.52
N VAL B 83 2.41 6.75 32.96
CA VAL B 83 3.17 7.12 34.15
C VAL B 83 2.77 6.33 35.39
N GLU B 84 1.55 5.81 35.41
CA GLU B 84 1.06 5.07 36.57
C GLU B 84 1.73 3.71 36.71
N LYS B 85 2.27 3.21 35.60
CA LYS B 85 2.89 1.89 35.60
C LYS B 85 4.35 1.98 35.16
N ALA B 86 4.87 3.20 35.09
CA ALA B 86 6.23 3.42 34.63
C ALA B 86 7.13 3.92 35.76
N SER B 87 8.31 3.32 35.88
CA SER B 87 9.28 3.73 36.88
C SER B 87 9.75 5.15 36.59
N MET B 88 9.92 5.95 37.65
CA MET B 88 10.35 7.34 37.47
C MET B 88 11.59 7.41 36.60
N ASP B 89 12.50 6.44 36.78
CA ASP B 89 13.71 6.38 35.97
C ASP B 89 13.38 6.25 34.49
N LYS B 90 12.22 5.69 34.18
CA LYS B 90 11.77 5.52 32.80
C LYS B 90 11.07 6.78 32.30
N ILE B 91 10.44 7.50 33.22
CA ILE B 91 9.76 8.74 32.90
C ILE B 91 10.76 9.84 32.53
N LEU B 92 11.90 9.83 33.20
CA LEU B 92 12.94 10.83 32.97
C LEU B 92 13.75 10.50 31.72
N ALA B 93 13.49 9.33 31.15
CA ALA B 93 14.20 8.88 29.96
C ALA B 93 13.34 9.03 28.70
N ASN B 94 12.04 9.13 28.89
CA ASN B 94 11.11 9.25 27.78
C ASN B 94 11.23 10.61 27.07
N GLU B 95 11.55 10.58 25.79
CA GLU B 95 11.76 11.81 25.03
C GLU B 95 10.44 12.46 24.61
N GLU B 96 9.39 11.64 24.52
CA GLU B 96 8.07 12.14 24.17
C GLU B 96 7.52 13.05 25.27
N ILE B 97 7.55 12.59 26.51
CA ILE B 97 7.13 13.41 27.64
C ILE B 97 8.13 14.53 27.86
N ARG B 98 9.39 14.26 27.54
CA ARG B 98 10.45 15.26 27.70
C ARG B 98 10.20 16.48 26.83
N SER B 99 9.92 16.25 25.54
CA SER B 99 9.67 17.33 24.62
C SER B 99 8.48 18.17 25.07
N LEU B 100 7.51 17.53 25.70
CA LEU B 100 6.32 18.22 26.18
C LEU B 100 6.66 19.23 27.26
N PHE B 101 7.31 18.76 28.33
CA PHE B 101 7.74 19.63 29.41
C PHE B 101 8.66 20.73 28.90
N THR B 102 9.40 20.44 27.84
CA THR B 102 10.30 21.40 27.23
C THR B 102 9.53 22.46 26.46
N ALA B 103 8.36 22.07 25.96
CA ALA B 103 7.52 22.98 25.18
C ALA B 103 6.78 23.95 26.09
N MET B 104 6.36 23.46 27.25
CA MET B 104 5.66 24.29 28.21
C MET B 104 6.62 25.26 28.90
N GLY B 105 7.83 24.76 29.19
CA GLY B 105 8.81 25.55 29.92
C GLY B 105 8.41 25.71 31.38
N THR B 106 7.58 24.79 31.86
CA THR B 106 7.08 24.84 33.23
C THR B 106 8.13 24.32 34.22
N GLY B 107 8.61 23.11 33.98
CA GLY B 107 9.55 22.48 34.89
C GLY B 107 9.01 21.15 35.38
N PHE B 108 9.88 20.36 36.01
CA PHE B 108 9.50 19.02 36.43
C PHE B 108 9.59 18.84 37.95
N GLY B 109 8.50 18.34 38.54
CA GLY B 109 8.49 18.04 39.95
C GLY B 109 8.87 19.19 40.86
N ALA B 110 10.09 19.15 41.38
CA ALA B 110 10.56 20.16 42.31
C ALA B 110 10.98 21.45 41.60
N GLU B 111 10.33 21.74 40.48
CA GLU B 111 10.64 22.93 39.70
C GLU B 111 9.43 23.40 38.92
N PHE B 112 8.35 22.64 38.97
CA PHE B 112 7.15 22.97 38.22
C PHE B 112 6.59 24.32 38.65
N ASP B 113 6.83 25.32 37.82
CA ASP B 113 6.32 26.67 38.07
C ASP B 113 5.21 27.00 37.08
N VAL B 114 3.97 26.93 37.56
CA VAL B 114 2.81 27.24 36.72
C VAL B 114 2.85 28.70 36.27
N SER B 115 3.60 29.52 37.02
CA SER B 115 3.71 30.94 36.71
C SER B 115 4.78 31.19 35.66
N LYS B 116 5.31 30.12 35.08
CA LYS B 116 6.36 30.23 34.07
C LYS B 116 6.06 29.40 32.83
N ALA B 117 4.79 29.01 32.67
CA ALA B 117 4.36 28.22 31.52
C ALA B 117 4.27 29.08 30.26
N ARG B 118 4.65 28.52 29.12
CA ARG B 118 4.67 29.26 27.87
C ARG B 118 3.28 29.36 27.23
N TYR B 119 2.33 28.60 27.76
CA TYR B 119 0.98 28.54 27.19
C TYR B 119 -0.08 28.45 28.29
N GLN B 120 -1.14 29.24 28.15
CA GLN B 120 -2.23 29.22 29.11
C GLN B 120 -3.42 28.46 28.56
N LYS B 121 -3.18 27.75 27.46
CA LYS B 121 -4.21 26.98 26.79
C LYS B 121 -3.58 25.74 26.15
N LEU B 122 -3.68 24.61 26.85
CA LEU B 122 -3.14 23.35 26.34
C LEU B 122 -4.26 22.50 25.77
N VAL B 123 -4.41 22.53 24.45
CA VAL B 123 -5.51 21.84 23.79
C VAL B 123 -5.14 20.43 23.31
N LEU B 124 -5.72 19.41 23.95
CA LEU B 124 -5.51 18.03 23.54
C LEU B 124 -6.36 17.70 22.31
N MET B 125 -5.70 17.43 21.20
CA MET B 125 -6.39 17.16 19.95
C MET B 125 -5.93 15.84 19.35
N THR B 126 -6.54 14.76 19.82
CA THR B 126 -6.21 13.43 19.35
C THR B 126 -7.21 13.00 18.28
N ASP B 127 -6.91 11.90 17.60
CA ASP B 127 -7.75 11.42 16.50
C ASP B 127 -9.14 11.04 17.00
N ALA B 128 -10.11 11.07 16.09
CA ALA B 128 -11.50 10.81 16.44
C ALA B 128 -11.80 9.32 16.52
N ASP B 129 -10.74 8.50 16.59
CA ASP B 129 -10.90 7.06 16.70
C ASP B 129 -10.72 6.60 18.15
N VAL B 130 -11.00 5.33 18.40
CA VAL B 130 -10.85 4.75 19.73
C VAL B 130 -9.41 4.89 20.22
N ASP B 131 -8.46 4.74 19.30
CA ASP B 131 -7.04 4.87 19.64
C ASP B 131 -6.74 6.29 20.08
N GLY B 132 -7.43 7.25 19.49
CA GLY B 132 -7.30 8.64 19.90
C GLY B 132 -7.77 8.81 21.33
N ALA B 133 -8.83 8.10 21.68
CA ALA B 133 -9.39 8.16 23.04
C ALA B 133 -8.45 7.53 24.05
N HIS B 134 -7.52 6.72 23.56
CA HIS B 134 -6.55 6.08 24.45
C HIS B 134 -5.39 7.04 24.73
N ILE B 135 -4.82 7.61 23.67
CA ILE B 135 -3.78 8.60 23.83
C ILE B 135 -4.30 9.73 24.72
N ARG B 136 -5.56 10.10 24.49
CA ARG B 136 -6.21 11.10 25.33
C ARG B 136 -6.19 10.68 26.80
N THR B 137 -6.29 9.39 27.05
CA THR B 137 -6.27 8.84 28.40
C THR B 137 -4.86 8.90 28.99
N LEU B 138 -3.88 8.52 28.18
CA LEU B 138 -2.49 8.52 28.61
C LEU B 138 -2.01 9.94 28.92
N LEU B 139 -2.46 10.90 28.13
CA LEU B 139 -2.07 12.29 28.33
C LEU B 139 -2.58 12.81 29.67
N LEU B 140 -3.91 12.82 29.84
CA LEU B 140 -4.51 13.33 31.06
C LEU B 140 -3.86 12.78 32.34
N THR B 141 -3.44 11.51 32.30
CA THR B 141 -2.75 10.93 33.46
C THR B 141 -1.41 11.62 33.68
N LEU B 142 -0.73 11.93 32.59
CA LEU B 142 0.54 12.66 32.66
C LEU B 142 0.30 14.07 33.18
N ILE B 143 -0.72 14.72 32.65
CA ILE B 143 -1.05 16.09 33.03
C ILE B 143 -1.58 16.18 34.45
N TYR B 144 -2.15 15.07 34.95
CA TYR B 144 -2.70 15.05 36.30
C TYR B 144 -1.74 14.44 37.31
N ARG B 145 -0.70 13.79 36.80
CA ARG B 145 0.28 13.14 37.68
C ARG B 145 1.58 13.93 37.77
N TYR B 146 1.90 14.66 36.71
CA TYR B 146 3.17 15.40 36.67
C TYR B 146 3.02 16.82 36.14
N MET B 147 1.80 17.34 36.19
CA MET B 147 1.52 18.72 35.79
C MET B 147 0.20 19.18 36.41
N LYS B 148 -0.11 18.65 37.60
CA LYS B 148 -1.38 18.95 38.26
C LYS B 148 -1.67 20.45 38.29
N PRO B 149 -0.67 21.25 38.69
CA PRO B 149 -0.83 22.71 38.76
C PRO B 149 -1.46 23.28 37.48
N ILE B 150 -1.08 22.75 36.33
CA ILE B 150 -1.61 23.22 35.06
C ILE B 150 -3.11 22.96 34.96
N LEU B 151 -3.53 21.76 35.35
CA LEU B 151 -4.94 21.40 35.31
C LEU B 151 -5.73 22.14 36.38
N GLU B 152 -5.10 22.33 37.53
CA GLU B 152 -5.72 23.05 38.64
C GLU B 152 -5.85 24.54 38.32
N ALA B 153 -5.16 24.96 37.26
CA ALA B 153 -5.22 26.36 36.82
C ALA B 153 -6.19 26.53 35.65
N GLY B 154 -6.76 25.42 35.20
CA GLY B 154 -7.70 25.44 34.09
C GLY B 154 -7.05 25.85 32.78
N TYR B 155 -6.00 25.14 32.39
CA TYR B 155 -5.33 25.38 31.13
C TYR B 155 -5.57 24.23 30.15
N VAL B 156 -5.66 23.02 30.70
CA VAL B 156 -5.86 21.82 29.90
C VAL B 156 -7.26 21.75 29.30
N TYR B 157 -7.35 21.87 27.98
CA TYR B 157 -8.62 21.78 27.29
C TYR B 157 -8.64 20.57 26.35
N ILE B 158 -9.82 20.24 25.83
CA ILE B 158 -9.96 19.10 24.94
C ILE B 158 -10.77 19.45 23.70
N ALA B 159 -10.14 19.30 22.53
CA ALA B 159 -10.79 19.63 21.27
C ALA B 159 -12.03 18.78 21.05
N GLN B 160 -13.09 19.40 20.54
CA GLN B 160 -14.34 18.68 20.28
C GLN B 160 -14.69 18.70 18.79
N PRO B 161 -13.94 17.92 17.99
CA PRO B 161 -14.15 17.88 16.53
C PRO B 161 -15.59 17.51 16.19
N PRO B 162 -16.08 17.98 15.04
CA PRO B 162 -17.45 17.72 14.57
C PRO B 162 -17.59 16.37 13.85
N LEU B 208 -8.01 12.58 12.11
CA LEU B 208 -7.69 13.96 11.77
C LEU B 208 -6.77 14.03 10.55
N GLY B 209 -6.02 12.96 10.30
CA GLY B 209 -5.12 12.91 9.17
C GLY B 209 -5.85 13.00 7.85
N GLU B 210 -7.08 12.50 7.83
CA GLU B 210 -7.91 12.52 6.63
C GLU B 210 -8.75 13.81 6.59
N MET B 211 -8.12 14.93 6.89
CA MET B 211 -8.80 16.22 6.87
C MET B 211 -7.86 17.30 6.33
N ASP B 212 -8.38 18.13 5.44
CA ASP B 212 -7.57 19.17 4.80
C ASP B 212 -7.30 20.34 5.75
N ASP B 213 -6.50 21.31 5.28
CA ASP B 213 -6.17 22.48 6.08
C ASP B 213 -7.42 23.24 6.48
N HIS B 214 -8.09 23.83 5.50
CA HIS B 214 -9.28 24.64 5.76
C HIS B 214 -10.30 23.87 6.59
N GLN B 215 -10.30 22.54 6.43
CA GLN B 215 -11.21 21.68 7.18
C GLN B 215 -10.92 21.71 8.67
N LEU B 216 -9.64 21.48 9.02
CA LEU B 216 -9.24 21.48 10.42
C LEU B 216 -9.57 22.80 11.11
N TRP B 217 -9.09 23.90 10.53
CA TRP B 217 -9.27 25.22 11.14
C TRP B 217 -10.74 25.60 11.27
N GLU B 218 -11.48 25.49 10.18
CA GLU B 218 -12.87 25.93 10.14
C GLU B 218 -13.78 25.16 11.10
N THR B 219 -13.29 24.04 11.61
CA THR B 219 -14.14 23.15 12.40
C THR B 219 -13.75 23.04 13.87
N THR B 220 -12.46 23.19 14.18
CA THR B 220 -12.01 22.96 15.55
C THR B 220 -10.88 23.89 16.00
N MET B 221 -10.19 24.51 15.06
CA MET B 221 -9.06 25.37 15.41
C MET B 221 -9.43 26.85 15.46
N ASP B 222 -10.50 27.22 14.78
CA ASP B 222 -10.97 28.61 14.78
C ASP B 222 -11.87 28.87 15.98
N PRO B 223 -11.43 29.76 16.88
CA PRO B 223 -12.14 30.08 18.13
C PRO B 223 -13.52 30.69 17.89
N GLU B 224 -13.76 31.14 16.66
CA GLU B 224 -15.04 31.78 16.33
C GLU B 224 -16.11 30.75 15.99
N HIS B 225 -15.72 29.49 15.85
CA HIS B 225 -16.66 28.44 15.47
C HIS B 225 -16.32 27.10 16.11
N ARG B 226 -15.18 27.03 16.78
CA ARG B 226 -14.72 25.79 17.40
C ARG B 226 -15.40 25.57 18.75
N LEU B 227 -15.60 24.30 19.11
CA LEU B 227 -16.20 23.96 20.40
C LEU B 227 -15.21 23.22 21.30
N MET B 228 -14.75 23.89 22.36
CA MET B 228 -13.77 23.33 23.27
C MET B 228 -14.41 22.94 24.60
N ALA B 229 -13.72 22.11 25.37
CA ALA B 229 -14.21 21.67 26.67
C ALA B 229 -13.13 21.83 27.73
N ARG B 230 -13.49 22.49 28.84
CA ARG B 230 -12.53 22.73 29.91
C ARG B 230 -12.48 21.57 30.90
N VAL B 231 -11.30 20.97 31.04
CA VAL B 231 -11.12 19.86 31.96
C VAL B 231 -11.08 20.35 33.40
N SER B 232 -12.17 20.11 34.13
CA SER B 232 -12.28 20.51 35.52
C SER B 232 -12.31 19.30 36.43
N VAL B 233 -11.65 19.40 37.58
CA VAL B 233 -11.64 18.31 38.55
C VAL B 233 -12.57 18.61 39.72
N ASP B 234 -13.44 17.66 40.05
CA ASP B 234 -14.36 17.82 41.16
C ASP B 234 -13.72 17.41 42.48
N ASP B 235 -13.68 16.11 42.73
CA ASP B 235 -13.09 15.58 43.96
C ASP B 235 -11.74 14.92 43.67
N ALA B 236 -10.67 15.53 44.19
CA ALA B 236 -9.33 14.99 43.99
C ALA B 236 -9.23 13.55 44.51
N ALA B 237 -10.05 13.24 45.50
CA ALA B 237 -10.08 11.90 46.07
C ALA B 237 -10.61 10.91 45.04
N GLU B 238 -11.72 11.28 44.40
CA GLU B 238 -12.32 10.45 43.37
C GLU B 238 -11.46 10.42 42.11
N ALA B 239 -10.65 11.45 41.94
CA ALA B 239 -9.76 11.54 40.78
C ALA B 239 -8.56 10.60 40.94
N ASP B 240 -7.97 10.61 42.13
CA ASP B 240 -6.82 9.76 42.39
C ASP B 240 -7.18 8.29 42.26
N LYS B 241 -8.45 7.98 42.52
CA LYS B 241 -8.94 6.61 42.48
C LYS B 241 -9.18 6.12 41.05
N ILE B 242 -9.76 7.00 40.23
CA ILE B 242 -10.07 6.65 38.85
C ILE B 242 -8.82 6.32 38.05
N PHE B 243 -7.74 7.05 38.32
CA PHE B 243 -6.47 6.80 37.65
C PHE B 243 -5.80 5.55 38.21
N ASP B 244 -5.97 5.33 39.51
CA ASP B 244 -5.39 4.15 40.16
C ASP B 244 -6.07 2.88 39.68
N MET B 245 -7.28 3.01 39.17
CA MET B 245 -8.05 1.85 38.70
C MET B 245 -7.87 1.65 37.20
N LEU B 246 -8.15 2.70 36.43
CA LEU B 246 -8.10 2.61 34.97
C LEU B 246 -6.68 2.55 34.43
N MET B 247 -5.74 3.17 35.13
CA MET B 247 -4.36 3.22 34.68
C MET B 247 -3.43 2.47 35.62
N GLY B 248 -3.88 2.24 36.85
CA GLY B 248 -3.07 1.58 37.86
C GLY B 248 -2.61 0.20 37.43
N ASP B 249 -1.49 -0.26 37.99
CA ASP B 249 -0.93 -1.57 37.67
C ASP B 249 -1.93 -2.69 37.96
N ARG B 250 -2.98 -2.37 38.72
CA ARG B 250 -4.00 -3.35 39.05
C ARG B 250 -4.86 -3.69 37.84
N VAL B 251 -5.03 -4.99 37.58
CA VAL B 251 -5.83 -5.44 36.44
C VAL B 251 -7.22 -5.89 36.85
N GLU B 252 -7.29 -6.60 37.98
CA GLU B 252 -8.56 -7.12 38.47
C GLU B 252 -9.60 -6.01 38.59
N PRO B 253 -9.27 -4.92 39.31
CA PRO B 253 -10.14 -3.76 39.46
C PRO B 253 -10.57 -3.22 38.10
N ARG B 254 -9.61 -3.03 37.20
CA ARG B 254 -9.89 -2.54 35.86
C ARG B 254 -10.78 -3.51 35.09
N ARG B 255 -10.56 -4.80 35.32
CA ARG B 255 -11.38 -5.82 34.70
C ARG B 255 -12.81 -5.76 35.22
N GLU B 256 -12.94 -5.57 36.52
CA GLU B 256 -14.26 -5.49 37.15
C GLU B 256 -14.99 -4.23 36.69
N PHE B 257 -14.25 -3.13 36.60
CA PHE B 257 -14.80 -1.87 36.14
C PHE B 257 -15.39 -2.02 34.74
N ILE B 258 -14.57 -2.50 33.81
CA ILE B 258 -15.00 -2.71 32.43
C ILE B 258 -16.25 -3.58 32.39
N GLU B 259 -16.23 -4.69 33.12
CA GLU B 259 -17.34 -5.63 33.13
C GLU B 259 -18.60 -5.02 33.73
N GLU B 260 -18.43 -3.99 34.55
CA GLU B 260 -19.55 -3.39 35.27
C GLU B 260 -20.10 -2.17 34.55
N ASN B 261 -19.23 -1.41 33.90
CA ASN B 261 -19.62 -0.19 33.21
C ASN B 261 -19.40 -0.26 31.70
N ALA B 262 -19.96 -1.29 31.08
CA ALA B 262 -19.82 -1.48 29.63
C ALA B 262 -21.06 -2.10 28.99
N VAL B 263 -21.67 -1.37 28.07
CA VAL B 263 -22.88 -1.86 27.39
C VAL B 263 -22.58 -2.32 25.97
N TYR B 264 -22.45 -3.63 25.79
CA TYR B 264 -22.20 -4.20 24.47
C TYR B 264 -23.45 -4.13 23.60
N GLN C 2 -8.85 32.76 22.99
CA GLN C 2 -10.14 33.10 23.60
C GLN C 2 -11.29 32.53 22.78
N ASP C 3 -12.02 31.58 23.38
CA ASP C 3 -13.11 30.89 22.68
C ASP C 3 -14.45 31.58 22.91
N LYS C 4 -15.41 31.27 22.05
CA LYS C 4 -16.76 31.82 22.16
C LYS C 4 -17.69 30.83 22.85
N ASN C 5 -17.77 29.62 22.30
CA ASN C 5 -18.60 28.56 22.86
C ASN C 5 -17.78 27.51 23.59
N LEU C 6 -17.43 27.78 24.84
CA LEU C 6 -16.66 26.83 25.64
C LEU C 6 -17.56 26.03 26.57
N VAL C 7 -17.20 24.76 26.78
CA VAL C 7 -17.97 23.87 27.65
C VAL C 7 -17.07 23.24 28.70
N ASN C 8 -17.66 22.83 29.82
CA ASN C 8 -16.90 22.20 30.90
C ASN C 8 -17.05 20.68 30.92
N VAL C 9 -15.92 19.99 31.12
CA VAL C 9 -15.92 18.53 31.14
C VAL C 9 -15.12 18.01 32.33
N ASN C 10 -15.81 17.38 33.28
CA ASN C 10 -15.15 16.79 34.44
C ASN C 10 -14.07 15.81 34.02
N LEU C 11 -12.96 15.79 34.75
CA LEU C 11 -11.83 14.92 34.41
C LEU C 11 -12.25 13.46 34.50
N THR C 12 -12.74 13.05 35.66
CA THR C 12 -13.16 11.67 35.87
C THR C 12 -14.19 11.21 34.84
N LYS C 13 -15.11 12.09 34.48
CA LYS C 13 -16.13 11.76 33.49
C LYS C 13 -15.50 11.41 32.15
N GLU C 14 -14.57 12.24 31.69
CA GLU C 14 -13.92 12.02 30.41
C GLU C 14 -13.06 10.77 30.44
N MET C 15 -12.30 10.60 31.53
CA MET C 15 -11.45 9.43 31.70
C MET C 15 -12.25 8.13 31.59
N LYS C 16 -13.36 8.06 32.31
CA LYS C 16 -14.20 6.86 32.32
C LYS C 16 -14.81 6.62 30.94
N ALA C 17 -15.24 7.70 30.30
CA ALA C 17 -15.85 7.61 28.97
C ALA C 17 -14.83 7.18 27.92
N SER C 18 -13.73 7.91 27.83
CA SER C 18 -12.70 7.62 26.86
C SER C 18 -12.17 6.20 27.00
N PHE C 19 -11.88 5.80 28.24
CA PHE C 19 -11.29 4.49 28.52
C PHE C 19 -12.20 3.34 28.12
N ILE C 20 -13.45 3.39 28.57
CA ILE C 20 -14.42 2.37 28.20
C ILE C 20 -14.52 2.27 26.68
N ASP C 21 -14.43 3.41 26.00
CA ASP C 21 -14.52 3.47 24.55
C ASP C 21 -13.38 2.70 23.88
N TYR C 22 -12.19 2.81 24.44
CA TYR C 22 -11.02 2.13 23.88
C TYR C 22 -10.94 0.69 24.37
N ALA C 23 -11.52 0.43 25.54
CA ALA C 23 -11.52 -0.91 26.11
C ALA C 23 -12.41 -1.84 25.31
N MET C 24 -13.70 -1.51 25.24
CA MET C 24 -14.64 -2.28 24.45
C MET C 24 -14.14 -2.47 23.03
N SER C 25 -13.67 -1.38 22.41
CA SER C 25 -13.20 -1.43 21.03
C SER C 25 -12.00 -2.36 20.82
N VAL C 26 -11.12 -2.40 21.80
CA VAL C 26 -9.94 -3.26 21.72
C VAL C 26 -10.31 -4.71 22.01
N ILE C 27 -11.33 -4.91 22.84
CA ILE C 27 -11.76 -6.25 23.22
C ILE C 27 -12.59 -6.93 22.14
N VAL C 28 -13.77 -6.37 21.86
CA VAL C 28 -14.70 -6.95 20.92
C VAL C 28 -14.50 -6.47 19.49
N ALA C 29 -13.25 -6.30 19.07
CA ALA C 29 -12.97 -5.83 17.72
C ALA C 29 -11.49 -5.59 17.43
N ARG C 30 -10.62 -6.48 17.90
CA ARG C 30 -9.19 -6.31 17.67
C ARG C 30 -8.34 -7.45 18.22
N ALA C 31 -8.37 -7.61 19.54
CA ALA C 31 -7.46 -8.52 20.22
C ALA C 31 -8.07 -9.89 20.51
N LEU C 32 -9.40 -9.95 20.51
CA LEU C 32 -10.10 -11.18 20.85
C LEU C 32 -10.84 -11.77 19.64
N PRO C 33 -10.74 -13.09 19.47
CA PRO C 33 -11.35 -13.84 18.36
C PRO C 33 -12.81 -14.22 18.63
N ASP C 34 -13.54 -14.51 17.55
CA ASP C 34 -14.93 -14.96 17.64
C ASP C 34 -14.98 -16.45 17.94
N VAL C 35 -15.68 -16.83 19.00
CA VAL C 35 -15.79 -18.23 19.39
C VAL C 35 -16.25 -19.11 18.23
N ARG C 36 -16.90 -18.49 17.25
CA ARG C 36 -17.43 -19.22 16.11
C ARG C 36 -16.36 -19.54 15.07
N ASP C 37 -15.93 -18.53 14.31
CA ASP C 37 -14.93 -18.74 13.27
C ASP C 37 -13.52 -18.60 13.83
N GLY C 38 -13.43 -18.29 15.11
CA GLY C 38 -12.15 -18.18 15.78
C GLY C 38 -11.20 -17.25 15.06
N LEU C 39 -11.72 -16.11 14.61
CA LEU C 39 -10.91 -15.12 13.92
C LEU C 39 -11.10 -13.75 14.56
N LYS C 40 -10.06 -12.93 14.50
CA LYS C 40 -10.16 -11.53 14.91
C LYS C 40 -10.18 -10.64 13.67
N PRO C 41 -10.85 -9.48 13.77
CA PRO C 41 -11.19 -8.58 12.67
C PRO C 41 -10.17 -8.50 11.54
N VAL C 42 -8.88 -8.51 11.87
CA VAL C 42 -7.86 -8.40 10.83
C VAL C 42 -7.83 -9.67 9.96
N HIS C 43 -7.64 -10.82 10.59
CA HIS C 43 -7.55 -12.09 9.87
C HIS C 43 -8.79 -12.36 9.04
N ARG C 44 -9.95 -12.00 9.60
CA ARG C 44 -11.21 -12.20 8.92
C ARG C 44 -11.31 -11.30 7.70
N ARG C 45 -10.71 -10.11 7.81
CA ARG C 45 -10.74 -9.13 6.72
C ARG C 45 -9.75 -9.48 5.62
N ILE C 46 -8.63 -10.08 6.00
CA ILE C 46 -7.63 -10.52 5.04
C ILE C 46 -8.19 -11.67 4.22
N LEU C 47 -8.91 -12.56 4.89
CA LEU C 47 -9.50 -13.72 4.24
C LEU C 47 -10.61 -13.31 3.28
N TYR C 48 -11.59 -12.56 3.78
CA TYR C 48 -12.65 -12.06 2.93
C TYR C 48 -12.07 -11.20 1.81
N GLY C 49 -10.94 -10.57 2.09
CA GLY C 49 -10.26 -9.77 1.09
C GLY C 49 -9.77 -10.63 -0.04
N MET C 50 -8.83 -11.53 0.27
CA MET C 50 -8.29 -12.44 -0.71
C MET C 50 -9.40 -13.08 -1.52
N ASN C 51 -10.50 -13.40 -0.84
CA ASN C 51 -11.64 -14.01 -1.50
C ASN C 51 -12.16 -13.14 -2.64
N GLU C 52 -12.57 -11.92 -2.33
CA GLU C 52 -13.10 -11.01 -3.34
C GLU C 52 -12.05 -10.66 -4.39
N LEU C 53 -10.79 -10.67 -3.98
CA LEU C 53 -9.69 -10.33 -4.88
C LEU C 53 -9.49 -11.43 -5.92
N GLY C 54 -9.96 -12.63 -5.61
CA GLY C 54 -9.82 -13.76 -6.49
C GLY C 54 -8.45 -14.41 -6.41
N VAL C 55 -7.90 -14.49 -5.21
CA VAL C 55 -6.63 -15.19 -4.99
C VAL C 55 -6.91 -16.54 -4.38
N THR C 56 -7.88 -17.24 -4.95
CA THR C 56 -8.26 -18.56 -4.50
C THR C 56 -7.16 -19.57 -4.82
N PRO C 57 -7.11 -20.67 -4.07
CA PRO C 57 -6.07 -21.69 -4.17
C PRO C 57 -5.83 -22.17 -5.61
N ASP C 58 -6.84 -22.08 -6.46
CA ASP C 58 -6.72 -22.54 -7.84
C ASP C 58 -6.16 -21.46 -8.74
N LYS C 59 -6.39 -20.20 -8.38
CA LYS C 59 -5.91 -19.08 -9.17
C LYS C 59 -4.50 -18.70 -8.76
N PRO C 60 -3.80 -17.93 -9.60
CA PRO C 60 -2.41 -17.54 -9.37
C PRO C 60 -2.27 -16.55 -8.23
N HIS C 61 -1.05 -16.40 -7.70
CA HIS C 61 -0.77 -15.49 -6.60
C HIS C 61 -0.86 -14.03 -7.02
N LYS C 62 -1.07 -13.15 -6.04
CA LYS C 62 -1.07 -11.71 -6.26
C LYS C 62 -0.10 -11.02 -5.30
N LYS C 63 0.55 -9.94 -5.77
CA LYS C 63 1.53 -9.21 -4.95
C LYS C 63 0.90 -8.67 -3.67
N SER C 64 1.55 -8.90 -2.54
CA SER C 64 0.99 -8.50 -1.24
C SER C 64 0.52 -7.05 -1.23
N ALA C 65 1.29 -6.17 -1.86
CA ALA C 65 0.90 -4.77 -1.97
C ALA C 65 -0.49 -4.65 -2.55
N ARG C 66 -0.81 -5.55 -3.47
CA ARG C 66 -2.13 -5.60 -4.09
C ARG C 66 -3.19 -5.99 -3.07
N ILE C 67 -2.86 -6.97 -2.24
CA ILE C 67 -3.80 -7.49 -1.25
C ILE C 67 -3.97 -6.52 -0.08
N THR C 68 -2.84 -6.09 0.48
CA THR C 68 -2.85 -5.13 1.57
C THR C 68 -3.57 -3.85 1.17
N GLY C 69 -3.23 -3.32 -0.01
CA GLY C 69 -3.87 -2.13 -0.52
C GLY C 69 -5.38 -2.20 -0.48
N ASP C 70 -5.93 -3.37 -0.85
CA ASP C 70 -7.37 -3.57 -0.87
C ASP C 70 -7.96 -3.77 0.52
N VAL C 71 -7.46 -4.78 1.24
CA VAL C 71 -7.93 -5.04 2.60
C VAL C 71 -7.97 -3.77 3.44
N MET C 72 -7.07 -2.83 3.12
CA MET C 72 -6.99 -1.58 3.85
C MET C 72 -7.98 -0.55 3.32
N GLY C 73 -8.04 -0.41 2.00
CA GLY C 73 -8.88 0.59 1.38
C GLY C 73 -10.35 0.20 1.37
N LYS C 74 -10.65 -0.95 1.95
CA LYS C 74 -12.00 -1.50 1.90
C LYS C 74 -12.56 -1.92 3.26
N TYR C 75 -11.78 -2.67 4.03
CA TYR C 75 -12.30 -3.26 5.26
C TYR C 75 -11.55 -2.83 6.52
N HIS C 76 -10.24 -3.07 6.54
CA HIS C 76 -9.42 -2.81 7.71
C HIS C 76 -8.78 -1.42 7.63
N PRO C 77 -9.32 -0.45 8.40
CA PRO C 77 -8.88 0.94 8.34
C PRO C 77 -7.66 1.19 9.22
N HIS C 78 -6.53 0.56 8.87
CA HIS C 78 -5.30 0.71 9.65
C HIS C 78 -4.07 0.72 8.76
N GLY C 79 -2.95 0.28 9.30
CA GLY C 79 -1.69 0.34 8.60
C GLY C 79 -1.39 -0.91 7.78
N ASP C 80 -0.61 -0.74 6.72
CA ASP C 80 -0.19 -1.86 5.89
C ASP C 80 0.56 -2.87 6.75
N SER C 81 1.50 -2.38 7.54
CA SER C 81 2.31 -3.25 8.38
C SER C 81 1.45 -4.13 9.27
N SER C 82 0.39 -3.56 9.83
CA SER C 82 -0.48 -4.28 10.74
C SER C 82 -1.16 -5.45 10.03
N ILE C 83 -1.52 -5.23 8.77
CA ILE C 83 -2.17 -6.24 7.95
C ILE C 83 -1.14 -7.25 7.44
N TYR C 84 -0.25 -6.79 6.56
CA TYR C 84 0.78 -7.64 5.97
C TYR C 84 1.47 -8.50 7.02
N GLU C 85 1.58 -7.96 8.24
CA GLU C 85 2.19 -8.71 9.33
C GLU C 85 1.29 -9.86 9.75
N ALA C 86 0.00 -9.61 9.82
CA ALA C 86 -0.98 -10.64 10.14
C ALA C 86 -1.02 -11.68 9.04
N MET C 87 -1.03 -11.21 7.79
CA MET C 87 -1.04 -12.11 6.63
C MET C 87 0.19 -13.02 6.63
N VAL C 88 1.29 -12.53 7.19
CA VAL C 88 2.54 -13.28 7.18
C VAL C 88 2.55 -14.41 8.21
N ARG C 89 1.81 -14.23 9.29
CA ARG C 89 1.69 -15.28 10.30
C ARG C 89 0.76 -16.39 9.82
N MET C 90 -0.22 -16.02 9.01
CA MET C 90 -1.16 -16.99 8.45
C MET C 90 -0.50 -17.80 7.34
N ALA C 91 0.81 -17.61 7.15
CA ALA C 91 1.53 -18.32 6.10
C ALA C 91 2.78 -19.00 6.64
N GLN C 92 2.93 -19.01 7.95
CA GLN C 92 4.11 -19.62 8.57
C GLN C 92 3.77 -20.91 9.29
N TRP C 93 4.46 -22.00 8.95
CA TRP C 93 4.12 -23.30 9.49
C TRP C 93 4.34 -23.37 10.99
N TRP C 94 5.28 -22.58 11.49
CA TRP C 94 5.60 -22.56 12.91
C TRP C 94 4.59 -21.73 13.70
N SER C 95 3.91 -20.83 13.00
CA SER C 95 2.94 -19.94 13.64
C SER C 95 1.55 -20.58 13.72
N TYR C 96 1.00 -20.95 12.57
CA TYR C 96 -0.29 -21.62 12.54
C TYR C 96 -0.14 -23.13 12.33
N ARG C 97 -0.83 -23.90 13.14
CA ARG C 97 -0.84 -25.35 13.00
C ARG C 97 -1.38 -25.74 11.63
N TYR C 98 -2.31 -24.95 11.13
CA TYR C 98 -2.86 -25.14 9.79
C TYR C 98 -2.96 -23.80 9.07
N MET C 99 -1.95 -23.50 8.26
CA MET C 99 -1.83 -22.20 7.59
C MET C 99 -3.10 -21.81 6.86
N LEU C 100 -3.34 -20.51 6.77
CA LEU C 100 -4.53 -19.98 6.11
C LEU C 100 -4.14 -19.16 4.88
N VAL C 101 -2.88 -19.27 4.49
CA VAL C 101 -2.37 -18.53 3.35
C VAL C 101 -1.25 -19.31 2.67
N ASP C 102 -1.14 -19.16 1.36
CA ASP C 102 -0.01 -19.73 0.63
C ASP C 102 0.71 -18.61 -0.10
N GLY C 103 1.85 -18.19 0.45
CA GLY C 103 2.61 -17.11 -0.14
C GLY C 103 3.90 -17.60 -0.79
N HIS C 104 4.42 -16.79 -1.71
CA HIS C 104 5.69 -17.08 -2.36
C HIS C 104 6.70 -16.00 -1.97
N GLY C 105 7.95 -16.40 -1.78
CA GLY C 105 8.99 -15.46 -1.40
C GLY C 105 9.31 -15.52 0.08
N ASN C 106 10.10 -14.55 0.55
CA ASN C 106 10.46 -14.51 1.97
C ASN C 106 9.26 -14.20 2.85
N PHE C 107 8.88 -15.16 3.69
CA PHE C 107 7.80 -14.96 4.65
C PHE C 107 8.32 -15.20 6.06
N GLY C 108 9.59 -14.89 6.28
CA GLY C 108 10.19 -14.99 7.60
C GLY C 108 10.79 -16.36 7.86
N SER C 109 11.40 -16.50 9.03
CA SER C 109 12.03 -17.74 9.43
C SER C 109 11.74 -18.04 10.90
N MET C 110 12.14 -19.22 11.36
CA MET C 110 11.97 -19.60 12.75
C MET C 110 12.94 -18.81 13.63
N ASP C 111 13.94 -18.20 13.00
CA ASP C 111 14.99 -17.50 13.73
C ASP C 111 14.65 -16.04 13.97
N GLY C 112 13.38 -15.69 13.79
CA GLY C 112 12.92 -14.33 14.02
C GLY C 112 13.05 -13.44 12.79
N ASP C 113 13.73 -13.94 11.77
CA ASP C 113 13.90 -13.19 10.53
C ASP C 113 12.56 -12.74 9.97
N SER C 114 12.38 -11.43 9.82
CA SER C 114 11.13 -10.88 9.31
C SER C 114 10.88 -11.29 7.87
N ALA C 115 9.69 -10.97 7.36
CA ALA C 115 9.37 -11.23 5.97
C ALA C 115 9.96 -10.14 5.07
N ALA C 116 9.89 -10.36 3.77
CA ALA C 116 10.38 -9.36 2.81
C ALA C 116 9.35 -8.26 2.61
N ALA C 117 9.60 -7.40 1.63
CA ALA C 117 8.70 -6.29 1.34
C ALA C 117 7.52 -6.76 0.50
N GLN C 118 6.36 -6.16 0.75
CA GLN C 118 5.15 -6.50 0.01
C GLN C 118 5.34 -6.30 -1.49
N ARG C 119 6.54 -5.85 -1.87
CA ARG C 119 6.84 -5.60 -3.28
C ARG C 119 7.60 -6.78 -3.86
N TYR C 120 7.88 -7.76 -3.01
CA TYR C 120 8.64 -8.94 -3.42
C TYR C 120 7.85 -10.23 -3.17
N THR C 121 6.93 -10.17 -2.22
CA THR C 121 6.14 -11.34 -1.86
C THR C 121 4.70 -11.26 -2.35
N GLU C 122 4.24 -12.33 -2.98
CA GLU C 122 2.84 -12.45 -3.39
C GLU C 122 2.23 -13.68 -2.73
N ALA C 123 0.92 -13.67 -2.53
CA ALA C 123 0.27 -14.75 -1.79
C ALA C 123 -1.18 -14.99 -2.23
N ARG C 124 -1.77 -16.05 -1.71
CA ARG C 124 -3.16 -16.40 -2.00
C ARG C 124 -3.69 -17.31 -0.91
N MET C 125 -5.01 -17.50 -0.89
CA MET C 125 -5.63 -18.35 0.11
C MET C 125 -5.00 -19.73 0.13
N SER C 126 -5.07 -20.40 1.27
CA SER C 126 -4.66 -21.79 1.36
C SER C 126 -5.87 -22.67 1.09
N LYS C 127 -5.64 -23.87 0.57
CA LYS C 127 -6.73 -24.79 0.27
C LYS C 127 -7.66 -24.95 1.46
N ILE C 128 -7.07 -25.20 2.64
CA ILE C 128 -7.88 -25.38 3.84
C ILE C 128 -8.61 -24.11 4.24
N ALA C 129 -8.00 -22.96 3.93
CA ALA C 129 -8.61 -21.67 4.24
C ALA C 129 -9.91 -21.49 3.49
N LEU C 130 -9.99 -22.10 2.32
CA LEU C 130 -11.18 -22.02 1.49
C LEU C 130 -12.40 -22.56 2.24
N GLU C 131 -12.17 -23.53 3.11
CA GLU C 131 -13.24 -24.09 3.94
C GLU C 131 -13.81 -23.04 4.88
N MET C 132 -13.00 -22.05 5.22
CA MET C 132 -13.43 -20.95 6.09
C MET C 132 -14.45 -20.07 5.35
N LEU C 133 -14.47 -20.18 4.02
CA LEU C 133 -15.32 -19.33 3.20
C LEU C 133 -16.39 -20.08 2.42
N ARG C 134 -16.41 -21.40 2.54
CA ARG C 134 -17.36 -22.23 1.79
C ARG C 134 -18.81 -21.78 1.93
N ASP C 135 -19.43 -21.43 0.81
CA ASP C 135 -20.84 -21.05 0.78
C ASP C 135 -21.05 -19.67 1.42
N ILE C 136 -19.98 -18.89 1.47
CA ILE C 136 -20.05 -17.53 1.98
C ILE C 136 -21.06 -16.73 1.16
N ASN C 137 -21.21 -17.11 -0.11
CA ASN C 137 -22.09 -16.40 -1.02
C ASN C 137 -23.49 -17.02 -1.11
N LYS C 138 -23.83 -17.86 -0.14
CA LYS C 138 -25.15 -18.46 -0.04
C LYS C 138 -25.88 -18.02 1.24
N ASN C 139 -25.77 -16.75 1.56
CA ASN C 139 -26.40 -16.18 2.76
C ASN C 139 -26.22 -17.04 4.01
N THR C 140 -25.03 -17.58 4.19
CA THR C 140 -24.72 -18.36 5.38
C THR C 140 -24.17 -17.48 6.50
N VAL C 141 -23.93 -16.21 6.18
CA VAL C 141 -23.34 -15.28 7.13
C VAL C 141 -23.93 -13.87 7.03
N ASP C 142 -23.97 -13.17 8.18
CA ASP C 142 -24.48 -11.81 8.23
C ASP C 142 -23.42 -10.81 7.78
N PHE C 143 -23.81 -9.84 6.97
CA PHE C 143 -22.90 -8.81 6.50
C PHE C 143 -23.19 -7.46 7.13
N VAL C 144 -22.22 -6.56 7.06
CA VAL C 144 -22.35 -5.22 7.64
C VAL C 144 -21.58 -4.20 6.81
N ASP C 145 -21.90 -2.93 6.98
CA ASP C 145 -21.17 -1.87 6.28
C ASP C 145 -19.77 -1.69 6.88
N ASN C 146 -18.82 -1.30 6.04
CA ASN C 146 -17.46 -1.05 6.49
C ASN C 146 -17.35 0.36 7.09
N TYR C 147 -16.17 0.67 7.62
CA TYR C 147 -15.93 1.95 8.25
C TYR C 147 -16.27 3.11 7.31
N ASP C 148 -15.91 2.96 6.04
CA ASP C 148 -16.21 3.97 5.03
C ASP C 148 -17.69 4.04 4.75
N ALA C 149 -18.41 2.95 5.07
CA ALA C 149 -19.84 2.85 4.81
C ALA C 149 -20.12 2.72 3.31
N ASN C 150 -19.08 2.49 2.53
CA ASN C 150 -19.22 2.29 1.10
C ASN C 150 -18.79 0.90 0.65
N GLU C 151 -18.81 -0.03 1.59
CA GLU C 151 -18.52 -1.44 1.31
C GLU C 151 -19.21 -2.32 2.36
N ARG C 152 -19.34 -3.61 2.06
CA ARG C 152 -19.95 -4.53 3.00
C ARG C 152 -19.05 -5.72 3.30
N GLU C 153 -19.05 -6.14 4.56
CA GLU C 153 -18.22 -7.24 5.00
C GLU C 153 -18.96 -8.18 5.96
N PRO C 154 -18.55 -9.45 6.00
CA PRO C 154 -19.17 -10.45 6.87
C PRO C 154 -18.77 -10.27 8.33
N LEU C 155 -19.72 -10.48 9.24
CA LEU C 155 -19.43 -10.40 10.67
C LEU C 155 -18.66 -11.63 11.12
N VAL C 156 -18.80 -12.70 10.34
CA VAL C 156 -18.15 -13.97 10.64
C VAL C 156 -18.05 -14.80 9.37
N LEU C 157 -17.18 -15.79 9.38
CA LEU C 157 -17.04 -16.67 8.23
C LEU C 157 -17.70 -18.01 8.53
N PRO C 158 -18.15 -18.71 7.47
CA PRO C 158 -18.76 -20.03 7.66
C PRO C 158 -17.91 -20.93 8.55
N ALA C 159 -16.60 -20.94 8.30
CA ALA C 159 -15.67 -21.73 9.10
C ALA C 159 -16.06 -23.21 9.15
N ARG C 160 -15.85 -23.91 8.05
CA ARG C 160 -16.23 -25.31 7.96
C ARG C 160 -15.28 -26.22 8.74
N PHE C 161 -14.47 -25.62 9.61
CA PHE C 161 -13.65 -26.38 10.55
C PHE C 161 -13.33 -25.55 11.79
N PRO C 162 -13.29 -26.21 12.96
CA PRO C 162 -13.09 -25.57 14.27
C PRO C 162 -11.79 -24.79 14.33
N ASN C 163 -11.77 -23.64 13.66
CA ASN C 163 -10.55 -22.85 13.53
C ASN C 163 -9.94 -22.47 14.87
N LEU C 164 -10.78 -21.95 15.75
CA LEU C 164 -10.33 -21.47 17.05
C LEU C 164 -9.48 -22.51 17.76
N LEU C 165 -10.02 -23.71 17.95
CA LEU C 165 -9.31 -24.78 18.65
C LEU C 165 -8.12 -25.29 17.86
N VAL C 166 -8.28 -25.40 16.54
CA VAL C 166 -7.25 -26.01 15.72
C VAL C 166 -6.01 -25.12 15.60
N ASN C 167 -6.22 -23.83 15.39
CA ASN C 167 -5.11 -22.90 15.19
C ASN C 167 -4.67 -22.19 16.47
N GLY C 168 -5.62 -21.98 17.38
CA GLY C 168 -5.33 -21.33 18.64
C GLY C 168 -5.80 -19.88 18.65
N ALA C 169 -5.51 -19.18 19.74
CA ALA C 169 -5.87 -17.78 19.86
C ALA C 169 -4.92 -17.03 20.77
N THR C 170 -4.80 -15.73 20.55
CA THR C 170 -3.87 -14.90 21.29
C THR C 170 -3.89 -13.47 20.73
N GLY C 171 -4.00 -12.48 21.62
CA GLY C 171 -4.10 -12.74 23.04
C GLY C 171 -4.27 -11.52 23.93
N ILE C 172 -3.39 -10.54 23.77
CA ILE C 172 -3.40 -9.39 24.68
C ILE C 172 -4.46 -8.35 24.33
N ALA C 173 -5.37 -8.10 25.26
CA ALA C 173 -6.43 -7.12 25.07
C ALA C 173 -6.32 -5.96 26.06
N VAL C 174 -7.37 -5.76 26.85
CA VAL C 174 -7.41 -4.71 27.85
C VAL C 174 -8.13 -5.18 29.10
N GLY C 175 -7.38 -5.35 30.19
CA GLY C 175 -7.94 -5.87 31.42
C GLY C 175 -8.20 -7.35 31.34
N MET C 176 -7.75 -7.96 30.23
CA MET C 176 -7.96 -9.38 30.00
C MET C 176 -7.15 -9.84 28.79
N ALA C 177 -6.76 -11.11 28.81
CA ALA C 177 -5.98 -11.68 27.70
C ALA C 177 -6.37 -13.13 27.48
N THR C 178 -6.35 -13.55 26.22
CA THR C 178 -6.75 -14.89 25.85
C THR C 178 -5.58 -15.68 25.26
N ASN C 179 -5.44 -16.93 25.69
CA ASN C 179 -4.37 -17.79 25.21
C ASN C 179 -4.86 -19.21 24.98
N ILE C 180 -5.10 -19.55 23.72
CA ILE C 180 -5.58 -20.88 23.35
C ILE C 180 -4.57 -21.55 22.42
N PRO C 181 -4.14 -22.78 22.78
CA PRO C 181 -3.17 -23.55 22.00
C PRO C 181 -3.83 -24.25 20.81
N PRO C 182 -3.01 -24.60 19.79
CA PRO C 182 -3.50 -25.30 18.60
C PRO C 182 -3.81 -26.77 18.87
N HIS C 183 -4.61 -27.37 18.00
CA HIS C 183 -4.94 -28.78 18.10
C HIS C 183 -4.87 -29.43 16.72
N ASN C 184 -4.87 -30.76 16.70
CA ASN C 184 -4.92 -31.50 15.44
C ASN C 184 -6.28 -31.35 14.77
N LEU C 185 -6.28 -31.17 13.45
CA LEU C 185 -7.51 -30.98 12.69
C LEU C 185 -8.45 -32.17 12.87
N GLY C 186 -7.91 -33.37 12.66
CA GLY C 186 -8.68 -34.58 12.81
C GLY C 186 -9.29 -34.71 14.20
N GLU C 187 -8.43 -34.78 15.21
CA GLU C 187 -8.86 -34.94 16.59
C GLU C 187 -9.99 -33.98 16.96
N THR C 188 -9.82 -32.69 16.64
CA THR C 188 -10.85 -31.70 16.92
C THR C 188 -12.19 -32.13 16.30
N ILE C 189 -12.19 -32.36 14.99
CA ILE C 189 -13.37 -32.82 14.28
C ILE C 189 -14.02 -34.00 15.02
N ASP C 190 -13.17 -34.91 15.49
CA ASP C 190 -13.65 -36.06 16.26
C ASP C 190 -14.44 -35.61 17.48
N ALA C 191 -13.92 -34.60 18.17
CA ALA C 191 -14.61 -34.04 19.32
C ALA C 191 -15.96 -33.46 18.90
N VAL C 192 -15.94 -32.66 17.85
CA VAL C 192 -17.16 -32.03 17.35
C VAL C 192 -18.25 -33.07 17.12
N LYS C 193 -17.90 -34.15 16.42
CA LYS C 193 -18.84 -35.22 16.15
C LYS C 193 -19.28 -35.93 17.42
N LEU C 194 -18.32 -36.32 18.26
CA LEU C 194 -18.62 -36.99 19.51
C LEU C 194 -19.69 -36.23 20.30
N VAL C 195 -19.57 -34.91 20.32
CA VAL C 195 -20.55 -34.08 21.01
C VAL C 195 -21.92 -34.16 20.33
N MET C 196 -21.93 -34.04 19.00
CA MET C 196 -23.18 -34.12 18.24
C MET C 196 -23.87 -35.47 18.43
N ASP C 197 -23.12 -36.45 18.89
CA ASP C 197 -23.65 -37.80 19.09
C ASP C 197 -24.17 -37.99 20.51
N ASN C 198 -23.29 -37.89 21.49
CA ASN C 198 -23.67 -38.04 22.89
C ASN C 198 -23.46 -36.74 23.68
N PRO C 199 -24.48 -35.86 23.67
CA PRO C 199 -24.45 -34.58 24.39
C PRO C 199 -24.17 -34.77 25.88
N GLU C 200 -24.39 -35.98 26.37
CA GLU C 200 -24.16 -36.29 27.77
C GLU C 200 -22.69 -36.61 28.03
N VAL C 201 -21.85 -36.31 27.04
CA VAL C 201 -20.42 -36.61 27.16
C VAL C 201 -19.81 -35.84 28.32
N THR C 202 -18.61 -36.25 28.72
CA THR C 202 -17.90 -35.58 29.81
C THR C 202 -16.49 -35.18 29.39
N THR C 203 -15.85 -34.33 30.19
CA THR C 203 -14.49 -33.90 29.91
C THR C 203 -13.59 -35.08 29.60
N LYS C 204 -13.66 -36.10 30.44
CA LYS C 204 -12.81 -37.28 30.29
C LYS C 204 -13.05 -37.92 28.93
N ASP C 205 -14.32 -38.08 28.57
CA ASP C 205 -14.68 -38.70 27.29
C ASP C 205 -14.17 -37.88 26.11
N LEU C 206 -14.37 -36.56 26.16
CA LEU C 206 -13.93 -35.69 25.08
C LEU C 206 -12.41 -35.80 24.88
N MET C 207 -11.70 -36.02 25.98
CA MET C 207 -10.24 -36.13 25.92
C MET C 207 -9.79 -37.49 25.38
N GLU C 208 -10.74 -38.40 25.17
CA GLU C 208 -10.43 -39.71 24.62
C GLU C 208 -10.08 -39.61 23.15
N VAL C 209 -10.79 -38.74 22.44
CA VAL C 209 -10.53 -38.49 21.03
C VAL C 209 -9.65 -37.27 20.81
N LEU C 210 -9.48 -36.48 21.88
CA LEU C 210 -8.57 -35.34 21.84
C LEU C 210 -7.64 -35.36 23.05
N PRO C 211 -6.42 -35.88 22.86
CA PRO C 211 -5.42 -35.94 23.93
C PRO C 211 -5.19 -34.56 24.52
N GLY C 212 -4.83 -33.61 23.67
CA GLY C 212 -4.56 -32.24 24.09
C GLY C 212 -4.08 -31.39 22.92
N PRO C 213 -3.22 -30.40 23.22
CA PRO C 213 -2.67 -29.51 22.18
C PRO C 213 -1.81 -30.25 21.17
N ASP C 214 -1.61 -29.65 20.01
CA ASP C 214 -0.73 -30.20 18.98
C ASP C 214 -0.03 -29.07 18.24
N PHE C 215 1.04 -28.56 18.83
CA PHE C 215 1.74 -27.40 18.31
C PHE C 215 2.50 -27.69 17.02
N PRO C 216 2.42 -26.76 16.05
CA PRO C 216 3.03 -26.90 14.72
C PRO C 216 4.53 -27.12 14.76
N THR C 217 5.11 -27.12 15.96
CA THR C 217 6.54 -27.35 16.10
C THR C 217 6.78 -28.78 16.60
N GLY C 218 5.74 -29.37 17.19
CA GLY C 218 5.86 -30.69 17.77
C GLY C 218 6.20 -30.61 19.24
N ALA C 219 7.43 -30.98 19.57
CA ALA C 219 7.88 -30.96 20.95
C ALA C 219 7.09 -31.90 21.84
N LEU C 220 7.16 -31.70 23.15
CA LEU C 220 6.49 -32.57 24.11
C LEU C 220 5.78 -31.75 25.19
N VAL C 221 4.66 -32.28 25.68
CA VAL C 221 3.93 -31.63 26.78
C VAL C 221 3.94 -32.50 28.03
N MET C 222 4.76 -32.13 29.00
CA MET C 222 4.88 -32.91 30.23
C MET C 222 3.70 -32.67 31.17
N GLY C 223 3.05 -33.77 31.57
CA GLY C 223 1.89 -33.70 32.45
C GLY C 223 0.59 -33.64 31.66
N LYS C 224 -0.49 -34.10 32.28
CA LYS C 224 -1.80 -34.11 31.64
C LYS C 224 -2.86 -33.47 32.54
N SER C 225 -2.54 -33.37 33.84
CA SER C 225 -3.45 -32.80 34.83
C SER C 225 -3.89 -31.39 34.45
N GLY C 226 -2.99 -30.63 33.87
CA GLY C 226 -3.30 -29.28 33.43
C GLY C 226 -4.27 -29.27 32.26
N ILE C 227 -4.05 -30.18 31.32
CA ILE C 227 -4.90 -30.26 30.14
C ILE C 227 -6.36 -30.43 30.55
N HIS C 228 -6.60 -31.31 31.51
CA HIS C 228 -7.94 -31.60 31.99
C HIS C 228 -8.61 -30.35 32.58
N LYS C 229 -8.01 -29.83 33.64
CA LYS C 229 -8.53 -28.63 34.30
C LYS C 229 -8.72 -27.50 33.29
N ALA C 230 -7.88 -27.49 32.26
CA ALA C 230 -7.97 -26.49 31.20
C ALA C 230 -9.23 -26.68 30.37
N TYR C 231 -9.52 -27.93 30.01
CA TYR C 231 -10.68 -28.25 29.18
C TYR C 231 -11.97 -28.19 29.98
N GLU C 232 -11.86 -28.24 31.30
CA GLU C 232 -13.02 -28.24 32.17
C GLU C 232 -13.39 -26.84 32.66
N THR C 233 -12.38 -26.07 33.05
CA THR C 233 -12.62 -24.72 33.57
C THR C 233 -12.33 -23.65 32.53
N GLY C 234 -11.49 -23.98 31.55
CA GLY C 234 -11.07 -23.03 30.54
C GLY C 234 -9.78 -22.35 30.93
N LYS C 235 -9.29 -22.66 32.13
CA LYS C 235 -8.03 -22.12 32.62
C LYS C 235 -7.16 -23.21 33.22
N GLY C 236 -5.88 -23.20 32.88
CA GLY C 236 -4.94 -24.19 33.38
C GLY C 236 -3.52 -23.94 32.90
N SER C 237 -2.59 -24.78 33.34
CA SER C 237 -1.18 -24.63 32.96
C SER C 237 -0.57 -25.96 32.50
N ILE C 238 0.38 -25.86 31.57
CA ILE C 238 1.06 -27.03 31.02
C ILE C 238 2.53 -26.73 30.76
N VAL C 239 3.37 -27.76 30.77
CA VAL C 239 4.79 -27.58 30.50
C VAL C 239 5.14 -28.09 29.10
N LEU C 240 6.04 -27.38 28.42
CA LEU C 240 6.42 -27.75 27.06
C LEU C 240 7.94 -27.88 26.93
N ARG C 241 8.41 -29.11 26.72
CA ARG C 241 9.84 -29.37 26.60
C ARG C 241 10.26 -29.60 25.16
N SER C 242 11.57 -29.64 24.93
CA SER C 242 12.10 -29.79 23.57
C SER C 242 12.46 -31.24 23.27
N ARG C 243 12.27 -31.65 22.02
CA ARG C 243 12.64 -33.00 21.59
C ARG C 243 14.13 -33.08 21.30
N THR C 244 14.86 -33.78 22.18
CA THR C 244 16.31 -33.88 22.07
C THR C 244 16.80 -35.33 22.05
N GLU C 245 18.04 -35.51 21.62
CA GLU C 245 18.64 -36.83 21.51
C GLU C 245 20.15 -36.74 21.61
N ILE C 256 24.79 -33.68 22.34
CA ILE C 256 23.40 -33.33 22.64
C ILE C 256 22.79 -32.49 21.53
N VAL C 257 21.83 -33.08 20.81
CA VAL C 257 21.16 -32.37 19.71
C VAL C 257 19.69 -32.12 20.03
N VAL C 258 19.23 -30.90 19.73
CA VAL C 258 17.82 -30.55 19.92
C VAL C 258 17.09 -30.56 18.57
N THR C 259 16.02 -31.34 18.50
CA THR C 259 15.30 -31.53 17.24
C THR C 259 14.07 -30.64 17.10
N GLU C 260 13.36 -30.45 18.22
CA GLU C 260 12.14 -29.65 18.21
C GLU C 260 12.05 -28.72 19.43
N PHE C 261 11.85 -27.44 19.18
CA PHE C 261 11.71 -26.45 20.25
C PHE C 261 10.24 -26.16 20.54
N PRO C 262 9.93 -25.74 21.78
CA PRO C 262 8.57 -25.46 22.24
C PRO C 262 7.86 -24.36 21.45
N TYR C 263 6.60 -24.13 21.80
CA TYR C 263 5.74 -23.20 21.07
C TYR C 263 6.14 -21.74 21.27
N MET C 264 6.23 -21.01 20.17
CA MET C 264 6.61 -19.60 20.20
C MET C 264 7.99 -19.39 20.82
N VAL C 265 8.88 -20.35 20.59
CA VAL C 265 10.25 -20.26 21.10
C VAL C 265 11.23 -20.10 19.93
N ASN C 266 12.16 -19.17 20.06
CA ASN C 266 13.12 -18.91 18.99
C ASN C 266 14.44 -19.64 19.19
N LYS C 267 14.86 -20.38 18.17
CA LYS C 267 16.10 -21.13 18.22
C LYS C 267 17.30 -20.20 18.42
N THR C 268 17.35 -19.12 17.65
CA THR C 268 18.43 -18.15 17.77
C THR C 268 18.52 -17.60 19.18
N LYS C 269 17.42 -17.02 19.66
CA LYS C 269 17.37 -16.46 21.01
C LYS C 269 17.85 -17.47 22.04
N VAL C 270 17.34 -18.69 21.98
CA VAL C 270 17.81 -19.74 22.88
C VAL C 270 19.32 -19.89 22.72
N HIS C 271 19.79 -19.81 21.48
CA HIS C 271 21.22 -19.92 21.19
C HIS C 271 21.99 -18.79 21.88
N GLU C 272 21.52 -17.56 21.68
CA GLU C 272 22.16 -16.39 22.27
C GLU C 272 22.17 -16.46 23.79
N HIS C 273 21.04 -16.88 24.36
CA HIS C 273 20.91 -16.99 25.82
C HIS C 273 21.77 -18.14 26.37
N ILE C 274 21.88 -19.21 25.59
CA ILE C 274 22.71 -20.34 25.99
C ILE C 274 24.18 -19.92 26.04
N VAL C 275 24.56 -19.06 25.10
CA VAL C 275 25.93 -18.54 25.05
C VAL C 275 26.22 -17.66 26.27
N ARG C 276 25.24 -16.86 26.66
CA ARG C 276 25.38 -15.99 27.82
C ARG C 276 25.55 -16.81 29.10
N LEU C 277 24.75 -17.87 29.24
CA LEU C 277 24.82 -18.72 30.42
C LEU C 277 26.13 -19.50 30.46
N VAL C 278 26.77 -19.64 29.30
CA VAL C 278 28.03 -20.35 29.19
C VAL C 278 29.19 -19.48 29.67
N GLN C 279 29.06 -18.17 29.48
CA GLN C 279 30.09 -17.23 29.88
C GLN C 279 29.71 -16.50 31.16
N GLU C 280 29.35 -17.26 32.18
CA GLU C 280 28.97 -16.68 33.47
C GLU C 280 28.76 -17.74 34.55
N LYS C 281 29.72 -18.65 34.67
CA LYS C 281 29.69 -19.70 35.69
C LYS C 281 28.27 -20.17 35.99
N ARG C 282 27.47 -20.37 34.95
CA ARG C 282 26.10 -20.84 35.09
C ARG C 282 25.93 -22.26 34.57
N ILE C 283 27.01 -22.84 34.07
CA ILE C 283 26.98 -24.22 33.57
C ILE C 283 28.30 -24.61 32.92
N GLU C 284 28.84 -25.74 33.34
CA GLU C 284 30.07 -26.26 32.75
C GLU C 284 29.75 -27.06 31.50
N GLY C 285 30.54 -28.10 31.26
CA GLY C 285 30.33 -28.98 30.11
C GLY C 285 30.27 -28.23 28.79
N ILE C 286 29.62 -27.06 28.80
CA ILE C 286 29.42 -26.27 27.60
C ILE C 286 30.68 -26.15 26.75
N THR C 287 31.05 -27.23 26.09
CA THR C 287 32.20 -27.23 25.20
C THR C 287 31.90 -26.40 23.95
N ALA C 288 30.75 -26.68 23.34
CA ALA C 288 30.31 -25.95 22.15
C ALA C 288 28.78 -25.90 22.09
N VAL C 289 28.27 -24.98 21.28
CA VAL C 289 26.83 -24.83 21.11
C VAL C 289 26.52 -24.30 19.71
N ARG C 290 26.35 -25.21 18.75
CA ARG C 290 26.11 -24.81 17.36
C ARG C 290 24.65 -25.02 16.94
N ASP C 291 24.32 -24.57 15.74
CA ASP C 291 22.97 -24.72 15.20
C ASP C 291 23.02 -25.25 13.77
N GLU C 292 23.16 -26.56 13.64
CA GLU C 292 23.26 -27.19 12.33
C GLU C 292 21.88 -27.46 11.75
N SER C 293 21.04 -26.43 11.71
CA SER C 293 19.69 -26.57 11.17
C SER C 293 19.66 -26.27 9.68
N ASN C 294 19.02 -27.16 8.92
CA ASN C 294 18.93 -27.01 7.47
C ASN C 294 17.54 -26.59 7.02
N ARG C 295 17.34 -26.47 5.71
CA ARG C 295 16.04 -26.10 5.16
C ARG C 295 15.13 -27.31 5.08
N GLU C 296 15.60 -28.43 5.62
CA GLU C 296 14.84 -29.68 5.59
C GLU C 296 14.74 -30.30 6.98
N GLY C 297 15.12 -29.53 8.00
CA GLY C 297 15.05 -30.01 9.37
C GLY C 297 15.91 -29.22 10.34
N VAL C 298 15.59 -29.33 11.62
CA VAL C 298 16.33 -28.64 12.66
C VAL C 298 17.38 -29.57 13.29
N PHE C 300 20.13 -28.37 15.75
CA PHE C 300 20.66 -27.60 16.87
C PHE C 300 21.50 -28.48 17.80
N VAL C 301 22.78 -28.63 17.47
CA VAL C 301 23.68 -29.48 18.25
C VAL C 301 24.39 -28.71 19.36
N ILE C 302 24.53 -29.33 20.52
CA ILE C 302 25.23 -28.71 21.66
C ILE C 302 26.22 -29.66 22.30
N ARG C 306 35.47 -33.19 28.41
CA ARG C 306 34.50 -34.21 28.76
C ARG C 306 34.09 -34.11 30.23
N ASP C 307 33.58 -35.21 30.78
CA ASP C 307 33.17 -35.24 32.18
C ASP C 307 32.18 -34.14 32.52
N ALA C 308 30.92 -34.34 32.14
CA ALA C 308 29.88 -33.35 32.41
C ALA C 308 28.52 -34.02 32.63
N SER C 309 28.42 -35.29 32.27
CA SER C 309 27.18 -36.05 32.43
C SER C 309 26.10 -35.55 31.48
N ALA C 310 26.19 -34.29 31.08
CA ALA C 310 25.22 -33.69 30.18
C ALA C 310 23.80 -33.75 30.75
N ASN C 311 23.35 -34.96 31.10
CA ASN C 311 22.04 -35.14 31.71
C ASN C 311 21.81 -34.15 32.84
N VAL C 312 22.90 -33.75 33.50
CA VAL C 312 22.84 -32.74 34.55
C VAL C 312 22.86 -31.34 33.94
N ILE C 313 23.69 -31.15 32.93
CA ILE C 313 23.75 -29.88 32.21
C ILE C 313 22.54 -29.72 31.29
N LEU C 314 22.05 -30.83 30.78
CA LEU C 314 20.87 -30.82 29.92
C LEU C 314 19.62 -30.52 30.75
N ASN C 315 19.55 -31.11 31.94
CA ASN C 315 18.44 -30.88 32.84
C ASN C 315 18.39 -29.43 33.33
N ASN C 316 19.57 -28.81 33.40
CA ASN C 316 19.68 -27.42 33.83
C ASN C 316 19.24 -26.45 32.74
N LEU C 317 19.61 -26.76 31.50
CA LEU C 317 19.25 -25.90 30.37
C LEU C 317 17.74 -25.78 30.24
N PHE C 318 17.04 -26.89 30.46
CA PHE C 318 15.58 -26.90 30.35
C PHE C 318 14.91 -26.16 31.51
N LYS C 319 15.60 -26.09 32.64
CA LYS C 319 15.04 -25.45 33.84
C LYS C 319 15.52 -24.02 34.03
N MET C 320 16.48 -23.59 33.22
CA MET C 320 17.04 -22.25 33.33
C MET C 320 16.80 -21.40 32.09
N THR C 321 17.00 -22.00 30.92
CA THR C 321 16.81 -21.31 29.65
C THR C 321 15.34 -21.27 29.25
N GLN C 322 15.08 -21.53 27.98
CA GLN C 322 13.71 -21.52 27.45
C GLN C 322 13.35 -22.86 26.81
N MET C 323 14.32 -23.76 26.77
CA MET C 323 14.10 -25.09 26.19
C MET C 323 12.84 -25.74 26.78
N GLN C 324 12.48 -25.32 27.99
CA GLN C 324 11.25 -25.78 28.63
C GLN C 324 10.44 -24.60 29.14
N THR C 325 9.25 -24.41 28.58
CA THR C 325 8.39 -23.29 28.95
C THR C 325 7.02 -23.78 29.41
N ASN C 326 6.29 -22.92 30.11
CA ASN C 326 4.95 -23.26 30.58
C ASN C 326 3.85 -22.50 29.83
N PHE C 327 2.88 -23.26 29.32
CA PHE C 327 1.75 -22.66 28.60
C PHE C 327 0.52 -22.62 29.50
N GLY C 328 0.06 -21.40 29.79
CA GLY C 328 -1.09 -21.23 30.67
C GLY C 328 -2.39 -21.06 29.91
N PHE C 329 -3.26 -22.07 30.01
CA PHE C 329 -4.56 -22.00 29.36
C PHE C 329 -5.39 -20.83 29.87
N ASN C 330 -5.99 -20.10 28.94
CA ASN C 330 -6.88 -18.99 29.28
C ASN C 330 -7.87 -18.75 28.14
N MET C 331 -8.61 -19.80 27.78
CA MET C 331 -9.51 -19.77 26.64
C MET C 331 -10.58 -18.70 26.76
N LEU C 332 -10.27 -17.52 26.23
CA LEU C 332 -11.21 -16.40 26.23
C LEU C 332 -11.57 -16.02 24.80
N ALA C 333 -12.86 -16.03 24.49
CA ALA C 333 -13.33 -15.63 23.16
C ALA C 333 -14.49 -14.65 23.26
N ILE C 334 -15.06 -14.31 22.12
CA ILE C 334 -16.22 -13.44 22.08
C ILE C 334 -17.47 -14.22 21.67
N GLN C 335 -18.36 -14.44 22.63
CA GLN C 335 -19.60 -15.16 22.37
C GLN C 335 -20.81 -14.27 22.63
N ASN C 336 -21.57 -13.98 21.58
CA ASN C 336 -22.74 -13.14 21.73
C ASN C 336 -22.39 -11.71 22.11
N GLY C 337 -21.30 -11.19 21.55
CA GLY C 337 -20.92 -9.81 21.75
C GLY C 337 -20.14 -9.54 23.02
N ILE C 338 -20.07 -10.54 23.90
CA ILE C 338 -19.37 -10.37 25.16
C ILE C 338 -18.23 -11.38 25.31
N PRO C 339 -17.10 -10.92 25.86
CA PRO C 339 -15.96 -11.80 26.13
C PRO C 339 -16.29 -12.76 27.26
N LYS C 340 -15.98 -14.05 27.06
CA LYS C 340 -16.32 -15.07 28.05
C LYS C 340 -15.21 -16.12 28.15
N ILE C 341 -14.91 -16.53 29.39
CA ILE C 341 -13.98 -17.62 29.61
C ILE C 341 -14.67 -18.96 29.37
N LEU C 342 -14.45 -19.53 28.19
CA LEU C 342 -15.14 -20.74 27.78
C LEU C 342 -14.32 -21.99 28.02
N SER C 343 -15.01 -23.11 28.25
CA SER C 343 -14.37 -24.40 28.37
C SER C 343 -14.44 -25.13 27.03
N LEU C 344 -13.80 -26.30 26.96
CA LEU C 344 -13.78 -27.08 25.73
C LEU C 344 -15.18 -27.37 25.21
N ARG C 345 -16.07 -27.76 26.12
CA ARG C 345 -17.46 -28.05 25.76
C ARG C 345 -18.16 -26.80 25.28
N GLN C 346 -17.97 -25.70 26.01
CA GLN C 346 -18.64 -24.44 25.67
C GLN C 346 -18.21 -23.98 24.28
N ILE C 347 -16.98 -24.32 23.90
CA ILE C 347 -16.46 -23.91 22.59
C ILE C 347 -16.97 -24.83 21.49
N LEU C 348 -17.09 -26.12 21.80
CA LEU C 348 -17.61 -27.08 20.85
C LEU C 348 -19.08 -26.81 20.54
N ASP C 349 -19.87 -26.66 21.60
CA ASP C 349 -21.28 -26.36 21.44
C ASP C 349 -21.48 -25.06 20.69
N ALA C 350 -20.60 -24.09 20.94
CA ALA C 350 -20.66 -22.79 20.27
C ALA C 350 -20.37 -22.91 18.78
N TYR C 351 -19.45 -23.81 18.43
CA TYR C 351 -19.07 -24.02 17.03
C TYR C 351 -20.12 -24.83 16.30
N ILE C 352 -20.60 -25.88 16.96
CA ILE C 352 -21.63 -26.72 16.40
C ILE C 352 -22.86 -25.91 16.04
N GLU C 353 -23.29 -25.05 16.96
CA GLU C 353 -24.46 -24.20 16.73
C GLU C 353 -24.24 -23.27 15.54
N HIS C 354 -23.02 -22.79 15.39
CA HIS C 354 -22.68 -21.92 14.28
C HIS C 354 -22.70 -22.70 12.98
N GLN C 355 -22.30 -23.96 13.07
CA GLN C 355 -22.28 -24.84 11.90
C GLN C 355 -23.71 -25.12 11.42
N LYS C 356 -24.59 -25.46 12.36
CA LYS C 356 -25.98 -25.72 12.04
C LYS C 356 -26.63 -24.52 11.34
N GLU C 357 -26.37 -23.32 11.84
CA GLU C 357 -26.95 -22.11 11.26
C GLU C 357 -26.58 -21.94 9.79
N VAL C 358 -25.38 -22.41 9.44
CA VAL C 358 -24.86 -22.22 8.09
C VAL C 358 -25.46 -23.24 7.12
N VAL C 359 -25.53 -24.51 7.52
CA VAL C 359 -26.13 -25.53 6.67
C VAL C 359 -27.59 -25.18 6.38
N VAL C 360 -28.33 -24.85 7.43
CA VAL C 360 -29.69 -24.35 7.29
C VAL C 360 -29.74 -23.14 6.36
N ARG C 361 -28.96 -22.11 6.69
CA ARG C 361 -28.94 -20.89 5.91
C ARG C 361 -28.62 -21.18 4.44
N ARG C 362 -27.62 -22.02 4.22
CA ARG C 362 -27.25 -22.42 2.87
C ARG C 362 -28.38 -23.21 2.21
N THR C 363 -28.92 -24.18 2.94
CA THR C 363 -30.03 -25.00 2.44
C THR C 363 -31.20 -24.12 2.01
N ARG C 364 -31.55 -23.17 2.85
CA ARG C 364 -32.63 -22.22 2.55
C ARG C 364 -32.29 -21.43 1.29
N PHE C 365 -31.02 -21.10 1.13
CA PHE C 365 -30.58 -20.31 -0.01
C PHE C 365 -30.78 -21.07 -1.32
N ASP C 366 -30.33 -22.32 -1.34
CA ASP C 366 -30.52 -23.19 -2.50
C ASP C 366 -32.01 -23.39 -2.75
N LYS C 367 -32.71 -23.73 -1.68
CA LYS C 367 -34.16 -23.87 -1.70
C LYS C 367 -34.82 -22.71 -2.46
N GLU C 368 -34.59 -21.49 -2.01
CA GLU C 368 -35.26 -20.33 -2.60
C GLU C 368 -34.88 -20.13 -4.07
N LYS C 369 -33.64 -20.47 -4.41
CA LYS C 369 -33.17 -20.32 -5.78
C LYS C 369 -33.88 -21.32 -6.69
N ALA C 370 -33.81 -22.59 -6.32
CA ALA C 370 -34.44 -23.65 -7.09
C ALA C 370 -35.90 -23.34 -7.36
N GLU C 371 -36.66 -23.07 -6.30
CA GLU C 371 -38.07 -22.74 -6.42
C GLU C 371 -38.28 -21.56 -7.36
N ALA C 372 -37.47 -20.53 -7.18
CA ALA C 372 -37.54 -19.36 -8.06
C ALA C 372 -37.28 -19.76 -9.50
N ARG C 373 -36.24 -20.57 -9.71
CA ARG C 373 -35.87 -21.02 -11.05
C ARG C 373 -37.00 -21.81 -11.70
N ALA C 374 -37.66 -22.64 -10.91
CA ALA C 374 -38.76 -23.46 -11.42
C ALA C 374 -39.95 -22.59 -11.85
N HIS C 375 -40.26 -21.58 -11.05
CA HIS C 375 -41.36 -20.67 -11.36
C HIS C 375 -41.20 -20.06 -12.74
N ILE C 376 -40.01 -19.54 -13.02
CA ILE C 376 -39.72 -18.94 -14.33
C ILE C 376 -39.62 -20.02 -15.41
N LEU C 377 -39.31 -21.24 -14.98
CA LEU C 377 -39.23 -22.38 -15.88
C LEU C 377 -40.62 -22.85 -16.31
N GLU C 378 -41.56 -22.83 -15.39
CA GLU C 378 -42.94 -23.20 -15.68
C GLU C 378 -43.54 -22.29 -16.74
N GLY C 379 -43.22 -21.01 -16.65
CA GLY C 379 -43.72 -20.03 -17.60
C GLY C 379 -43.16 -20.25 -19.00
N LEU C 380 -41.84 -20.41 -19.09
CA LEU C 380 -41.18 -20.61 -20.37
C LEU C 380 -41.82 -21.77 -21.12
N LEU C 381 -42.12 -22.84 -20.38
CA LEU C 381 -42.78 -24.01 -20.92
C LEU C 381 -44.14 -23.63 -21.47
N ILE C 382 -44.98 -23.05 -20.62
CA ILE C 382 -46.26 -22.50 -21.05
C ILE C 382 -46.12 -21.68 -22.32
N ALA C 383 -45.07 -20.87 -22.39
CA ALA C 383 -44.85 -20.01 -23.55
C ALA C 383 -44.44 -20.83 -24.76
N LEU C 384 -43.44 -21.69 -24.59
CA LEU C 384 -42.98 -22.54 -25.68
C LEU C 384 -44.12 -23.41 -26.21
N ASP C 385 -45.08 -23.72 -25.35
CA ASP C 385 -46.23 -24.51 -25.76
C ASP C 385 -47.16 -23.68 -26.65
N HIS C 386 -47.29 -22.40 -26.33
CA HIS C 386 -48.16 -21.51 -27.10
C HIS C 386 -47.37 -20.40 -27.78
N ILE C 387 -46.20 -20.76 -28.32
CA ILE C 387 -45.31 -19.77 -28.95
C ILE C 387 -46.04 -18.96 -30.01
N ASP C 388 -46.95 -19.61 -30.72
CA ASP C 388 -47.70 -18.95 -31.80
C ASP C 388 -48.56 -17.83 -31.26
N GLU C 389 -49.23 -18.09 -30.13
CA GLU C 389 -50.08 -17.08 -29.51
C GLU C 389 -49.24 -16.03 -28.77
N VAL C 390 -48.18 -16.47 -28.10
CA VAL C 390 -47.30 -15.56 -27.39
C VAL C 390 -46.72 -14.52 -28.34
N ILE C 391 -46.20 -14.98 -29.48
CA ILE C 391 -45.64 -14.08 -30.47
C ILE C 391 -46.72 -13.19 -31.07
N ARG C 392 -47.91 -13.76 -31.26
CA ARG C 392 -49.04 -12.99 -31.77
C ARG C 392 -49.41 -11.90 -30.78
N ILE C 393 -49.25 -12.19 -29.49
CA ILE C 393 -49.55 -11.21 -28.45
C ILE C 393 -48.52 -10.08 -28.43
N ILE C 394 -47.24 -10.45 -28.53
CA ILE C 394 -46.16 -9.48 -28.53
C ILE C 394 -46.19 -8.59 -29.78
N ARG C 395 -46.36 -9.22 -30.94
CA ARG C 395 -46.39 -8.50 -32.21
C ARG C 395 -47.49 -7.46 -32.23
N ALA C 396 -48.65 -7.82 -31.68
CA ALA C 396 -49.79 -6.91 -31.63
C ALA C 396 -49.58 -5.81 -30.59
N SER C 397 -48.70 -6.08 -29.63
CA SER C 397 -48.44 -5.14 -28.56
C SER C 397 -47.57 -3.98 -29.02
N GLU C 398 -47.95 -2.77 -28.66
CA GLU C 398 -47.19 -1.58 -29.02
C GLU C 398 -46.01 -1.39 -28.07
N THR C 399 -46.30 -1.37 -26.78
CA THR C 399 -45.26 -1.22 -25.76
C THR C 399 -45.07 -2.50 -24.97
N ASP C 400 -43.83 -2.74 -24.56
CA ASP C 400 -43.50 -3.94 -23.78
C ASP C 400 -44.30 -4.00 -22.48
N ALA C 401 -44.84 -2.86 -22.06
CA ALA C 401 -45.65 -2.81 -20.85
C ALA C 401 -46.98 -3.51 -21.09
N GLU C 402 -47.59 -3.23 -22.25
CA GLU C 402 -48.84 -3.84 -22.64
C GLU C 402 -48.62 -5.31 -22.95
N ALA C 403 -47.52 -5.61 -23.63
CA ALA C 403 -47.19 -6.98 -24.00
C ALA C 403 -47.11 -7.88 -22.77
N GLN C 404 -46.76 -7.31 -21.63
CA GLN C 404 -46.62 -8.09 -20.41
C GLN C 404 -47.96 -8.31 -19.73
N ALA C 405 -48.79 -7.28 -19.73
CA ALA C 405 -50.13 -7.38 -19.15
C ALA C 405 -50.96 -8.43 -19.87
N GLU C 406 -50.90 -8.43 -21.20
CA GLU C 406 -51.63 -9.41 -21.99
C GLU C 406 -51.20 -10.84 -21.63
N LEU C 407 -49.92 -11.12 -21.81
CA LEU C 407 -49.39 -12.45 -21.50
C LEU C 407 -49.82 -12.93 -20.12
N MET C 408 -49.82 -12.01 -19.15
CA MET C 408 -50.19 -12.37 -17.79
C MET C 408 -51.69 -12.66 -17.70
N SER C 409 -52.48 -11.95 -18.49
CA SER C 409 -53.93 -12.12 -18.46
C SER C 409 -54.35 -13.37 -19.23
N LYS C 410 -53.71 -13.61 -20.37
CA LYS C 410 -54.03 -14.77 -21.19
C LYS C 410 -53.57 -16.08 -20.54
N PHE C 411 -52.26 -16.23 -20.35
CA PHE C 411 -51.70 -17.47 -19.84
C PHE C 411 -51.59 -17.52 -18.31
N LYS C 412 -52.26 -16.59 -17.64
CA LYS C 412 -52.21 -16.54 -16.18
C LYS C 412 -50.78 -16.63 -15.66
N LEU C 413 -49.96 -15.66 -16.08
CA LEU C 413 -48.55 -15.62 -15.69
C LEU C 413 -48.25 -14.45 -14.78
N SER C 414 -47.19 -14.59 -13.97
CA SER C 414 -46.77 -13.54 -13.06
C SER C 414 -45.92 -12.52 -13.79
N GLU C 415 -45.68 -11.38 -13.15
CA GLU C 415 -44.84 -10.34 -13.74
C GLU C 415 -43.49 -10.92 -14.17
N ARG C 416 -42.85 -11.66 -13.28
CA ARG C 416 -41.56 -12.28 -13.58
C ARG C 416 -41.68 -13.19 -14.79
N GLN C 417 -42.43 -14.28 -14.62
CA GLN C 417 -42.66 -15.23 -15.70
C GLN C 417 -42.87 -14.51 -17.03
N SER C 418 -43.71 -13.49 -17.01
CA SER C 418 -43.98 -12.71 -18.22
C SER C 418 -42.70 -12.03 -18.68
N GLN C 419 -41.97 -11.43 -17.75
CA GLN C 419 -40.72 -10.76 -18.09
C GLN C 419 -39.73 -11.78 -18.64
N ALA C 420 -39.69 -12.96 -18.05
CA ALA C 420 -38.82 -14.03 -18.51
C ALA C 420 -39.14 -14.42 -19.95
N ILE C 421 -40.43 -14.40 -20.28
CA ILE C 421 -40.86 -14.75 -21.62
C ILE C 421 -40.43 -13.67 -22.62
N LEU C 422 -40.58 -12.41 -22.23
CA LEU C 422 -40.22 -11.31 -23.12
C LEU C 422 -38.72 -11.24 -23.37
N ASP C 423 -37.93 -11.79 -22.45
CA ASP C 423 -36.48 -11.77 -22.57
C ASP C 423 -35.97 -13.09 -23.15
N MET C 424 -36.79 -13.74 -23.95
CA MET C 424 -36.42 -15.02 -24.54
C MET C 424 -35.75 -14.82 -25.89
N ARG C 425 -34.50 -15.28 -26.01
CA ARG C 425 -33.82 -15.25 -27.29
C ARG C 425 -34.53 -16.20 -28.25
N LEU C 426 -34.64 -15.79 -29.51
CA LEU C 426 -35.24 -16.64 -30.53
C LEU C 426 -34.56 -18.00 -30.62
N ARG C 427 -33.25 -18.04 -30.46
CA ARG C 427 -32.53 -19.30 -30.59
C ARG C 427 -33.02 -20.33 -29.57
N ARG C 428 -33.79 -19.85 -28.60
CA ARG C 428 -34.37 -20.73 -27.59
C ARG C 428 -35.80 -21.09 -27.93
N LEU C 429 -36.20 -20.86 -29.17
CA LEU C 429 -37.53 -21.25 -29.65
C LEU C 429 -37.42 -22.45 -30.58
N THR C 430 -36.36 -23.24 -30.41
CA THR C 430 -36.18 -24.45 -31.19
C THR C 430 -36.88 -25.63 -30.52
N GLY C 431 -36.88 -26.78 -31.18
CA GLY C 431 -37.53 -27.96 -30.65
C GLY C 431 -36.81 -28.54 -29.45
N LEU C 432 -35.55 -28.90 -29.65
CA LEU C 432 -34.77 -29.55 -28.59
C LEU C 432 -34.76 -28.73 -27.31
N GLU C 433 -35.18 -27.48 -27.40
CA GLU C 433 -35.17 -26.58 -26.25
C GLU C 433 -36.19 -27.00 -25.20
N ARG C 434 -37.46 -26.97 -25.59
CA ARG C 434 -38.54 -27.37 -24.69
C ARG C 434 -38.13 -28.52 -23.79
N ASP C 435 -37.74 -29.64 -24.40
CA ASP C 435 -37.32 -30.82 -23.66
C ASP C 435 -36.12 -30.54 -22.76
N LYS C 436 -35.35 -29.51 -23.11
CA LYS C 436 -34.15 -29.17 -22.34
C LYS C 436 -34.53 -28.45 -21.06
N ILE C 437 -35.63 -27.69 -21.12
CA ILE C 437 -36.14 -26.98 -19.95
C ILE C 437 -36.90 -27.95 -19.05
N GLN C 438 -37.68 -28.84 -19.66
CA GLN C 438 -38.38 -29.89 -18.92
C GLN C 438 -37.41 -30.70 -18.07
N SER C 439 -36.34 -31.18 -18.69
CA SER C 439 -35.36 -31.99 -17.98
C SER C 439 -34.79 -31.25 -16.77
N GLU C 440 -34.54 -29.97 -16.95
CA GLU C 440 -34.04 -29.12 -15.86
C GLU C 440 -35.11 -28.96 -14.79
N TYR C 441 -36.31 -28.59 -15.24
CA TYR C 441 -37.44 -28.40 -14.33
C TYR C 441 -37.69 -29.63 -13.46
N ASP C 442 -37.80 -30.79 -14.10
CA ASP C 442 -38.02 -32.03 -13.38
C ASP C 442 -36.99 -32.24 -12.29
N ASP C 443 -35.72 -31.95 -12.61
CA ASP C 443 -34.64 -32.12 -11.65
C ASP C 443 -34.76 -31.20 -10.43
N LEU C 444 -35.28 -30.00 -10.66
CA LEU C 444 -35.45 -29.02 -9.59
C LEU C 444 -36.49 -29.46 -8.58
N LEU C 445 -37.61 -29.97 -9.07
CA LEU C 445 -38.67 -30.44 -8.19
C LEU C 445 -38.10 -31.41 -7.17
N ALA C 446 -37.19 -32.27 -7.64
CA ALA C 446 -36.53 -33.25 -6.78
C ALA C 446 -35.57 -32.57 -5.81
N LEU C 447 -34.91 -31.51 -6.28
CA LEU C 447 -34.03 -30.71 -5.45
C LEU C 447 -34.84 -29.94 -4.41
N ILE C 448 -35.84 -29.21 -4.87
CA ILE C 448 -36.71 -28.46 -3.95
C ILE C 448 -37.34 -29.40 -2.93
N ALA C 449 -37.64 -30.62 -3.36
CA ALA C 449 -38.23 -31.62 -2.48
C ALA C 449 -37.21 -32.21 -1.51
N ASP C 450 -35.95 -32.24 -1.91
CA ASP C 450 -34.88 -32.77 -1.05
C ASP C 450 -34.47 -31.74 0.00
N LEU C 451 -34.33 -30.49 -0.44
CA LEU C 451 -33.96 -29.40 0.46
C LEU C 451 -35.08 -29.18 1.48
N ALA C 452 -36.32 -29.29 1.02
CA ALA C 452 -37.48 -29.11 1.90
C ALA C 452 -37.49 -30.12 3.06
N ASP C 453 -36.92 -31.30 2.82
CA ASP C 453 -36.86 -32.35 3.82
C ASP C 453 -35.74 -32.09 4.82
N ILE C 454 -34.66 -31.49 4.34
CA ILE C 454 -33.52 -31.18 5.20
C ILE C 454 -33.85 -30.07 6.20
N LEU C 455 -34.62 -29.08 5.75
CA LEU C 455 -35.03 -27.99 6.62
C LEU C 455 -36.10 -28.46 7.58
N ALA C 456 -36.76 -29.55 7.22
CA ALA C 456 -37.82 -30.10 8.04
C ALA C 456 -37.29 -31.15 9.01
N LYS C 457 -36.18 -31.78 8.65
CA LYS C 457 -35.59 -32.82 9.48
C LYS C 457 -34.24 -32.41 10.08
N PRO C 458 -34.27 -31.87 11.31
CA PRO C 458 -33.06 -31.46 12.03
C PRO C 458 -31.97 -32.51 11.97
N GLU C 459 -32.36 -33.77 11.79
CA GLU C 459 -31.40 -34.85 11.81
C GLU C 459 -30.44 -34.78 10.63
N ARG C 460 -30.97 -34.43 9.46
CA ARG C 460 -30.15 -34.37 8.26
C ARG C 460 -29.08 -33.28 8.36
N VAL C 461 -29.51 -32.08 8.72
CA VAL C 461 -28.59 -30.96 8.90
C VAL C 461 -27.40 -31.40 9.75
N SER C 462 -27.67 -32.06 10.86
CA SER C 462 -26.62 -32.60 11.71
C SER C 462 -25.73 -33.59 10.95
N GLN C 463 -26.36 -34.46 10.16
CA GLN C 463 -25.62 -35.47 9.41
C GLN C 463 -24.76 -34.82 8.33
N ILE C 464 -25.32 -33.82 7.65
CA ILE C 464 -24.61 -33.10 6.60
C ILE C 464 -23.36 -32.43 7.17
N ILE C 465 -23.48 -31.97 8.40
CA ILE C 465 -22.37 -31.37 9.11
C ILE C 465 -21.29 -32.41 9.37
N LYS C 466 -21.68 -33.50 10.03
CA LYS C 466 -20.74 -34.59 10.32
C LYS C 466 -20.02 -35.00 9.04
N ASP C 467 -20.79 -35.30 7.99
CA ASP C 467 -20.22 -35.74 6.72
C ASP C 467 -19.24 -34.73 6.15
N GLU C 468 -19.67 -33.47 6.04
CA GLU C 468 -18.84 -32.44 5.46
C GLU C 468 -17.59 -32.14 6.31
N LEU C 469 -17.60 -32.58 7.56
CA LEU C 469 -16.44 -32.43 8.43
C LEU C 469 -15.43 -33.53 8.18
N ASP C 470 -15.93 -34.77 8.06
CA ASP C 470 -15.06 -35.91 7.83
C ASP C 470 -14.36 -35.75 6.48
N GLU C 471 -15.01 -35.04 5.57
CA GLU C 471 -14.44 -34.76 4.26
C GLU C 471 -13.24 -33.84 4.40
N VAL C 472 -13.35 -32.89 5.33
CA VAL C 472 -12.27 -31.97 5.66
C VAL C 472 -11.14 -32.70 6.36
N LYS C 473 -11.49 -33.48 7.37
CA LYS C 473 -10.52 -34.26 8.13
C LYS C 473 -9.79 -35.23 7.21
N ARG C 474 -10.40 -35.54 6.08
CA ARG C 474 -9.83 -36.51 5.15
C ARG C 474 -8.95 -35.82 4.11
N LYS C 475 -9.12 -34.51 3.97
CA LYS C 475 -8.39 -33.76 2.95
C LYS C 475 -7.29 -32.89 3.55
N PHE C 476 -7.43 -32.55 4.82
CA PHE C 476 -6.53 -31.56 5.43
C PHE C 476 -5.95 -31.95 6.79
N SER C 477 -6.35 -33.09 7.34
CA SER C 477 -5.81 -33.53 8.63
C SER C 477 -4.35 -33.97 8.52
N ASP C 478 -3.58 -33.65 9.56
CA ASP C 478 -2.17 -34.03 9.64
C ASP C 478 -1.97 -35.15 10.64
N LYS C 479 -0.74 -35.61 10.76
CA LYS C 479 -0.37 -36.52 11.84
C LYS C 479 -0.02 -35.69 13.07
N ARG C 480 -0.31 -36.24 14.24
CA ARG C 480 -0.01 -35.54 15.49
C ARG C 480 1.48 -35.21 15.59
N ARG C 481 1.78 -33.97 15.95
CA ARG C 481 3.16 -33.50 16.04
C ARG C 481 3.68 -33.51 17.47
N THR C 482 2.82 -33.11 18.41
CA THR C 482 3.21 -33.03 19.82
C THR C 482 2.95 -34.34 20.56
N GLU C 483 4.01 -34.92 21.10
CA GLU C 483 3.89 -36.16 21.87
C GLU C 483 3.66 -35.88 23.35
N LEU C 484 2.52 -36.30 23.86
CA LEU C 484 2.18 -36.06 25.27
C LEU C 484 2.88 -37.05 26.18
N MET C 485 3.43 -36.55 27.28
CA MET C 485 4.12 -37.38 28.24
C MET C 485 3.52 -37.25 29.63
N VAL C 486 4.06 -38.01 30.58
CA VAL C 486 3.57 -37.97 31.96
C VAL C 486 4.72 -37.98 32.95
N MET D 24 36.01 -25.69 11.86
CA MET D 24 34.75 -25.14 12.36
C MET D 24 34.95 -24.33 13.64
N LYS D 25 34.22 -23.23 13.75
CA LYS D 25 34.31 -22.37 14.93
C LYS D 25 33.74 -23.07 16.16
N SER D 26 33.47 -22.28 17.20
CA SER D 26 32.93 -22.81 18.44
C SER D 26 32.00 -21.79 19.09
N GLY D 27 31.82 -20.66 18.43
CA GLY D 27 30.96 -19.61 18.93
C GLY D 27 31.44 -19.03 20.24
N LEU D 28 30.52 -18.43 20.99
CA LEU D 28 30.84 -17.83 22.28
C LEU D 28 31.86 -16.69 22.14
N GLU D 29 32.29 -16.43 20.90
CA GLU D 29 33.26 -15.37 20.64
C GLU D 29 32.62 -13.99 20.74
N ILE D 30 32.67 -13.22 19.66
CA ILE D 30 32.08 -11.89 19.61
C ILE D 30 32.35 -11.19 18.28
N PRO D 34 29.52 -7.80 12.75
CA PRO D 34 28.49 -6.84 12.37
C PRO D 34 27.11 -7.22 12.90
N GLY D 35 26.26 -6.22 13.12
CA GLY D 35 24.91 -6.46 13.58
C GLY D 35 24.21 -7.43 12.65
N LYS D 36 24.36 -7.19 11.36
CA LYS D 36 23.85 -8.10 10.34
C LYS D 36 24.88 -9.18 10.06
N LEU D 37 25.00 -9.57 8.80
CA LEU D 37 25.98 -10.57 8.39
C LEU D 37 25.83 -11.87 9.19
N ALA D 38 25.09 -12.81 8.62
CA ALA D 38 24.96 -14.14 9.20
C ALA D 38 26.18 -14.95 8.86
N ASP D 39 27.04 -15.18 9.85
CA ASP D 39 28.31 -15.86 9.62
C ASP D 39 28.11 -17.37 9.62
N CYS D 40 29.06 -18.08 9.00
CA CYS D 40 28.98 -19.53 8.92
C CYS D 40 29.46 -20.17 10.21
N SER D 41 29.90 -21.42 10.12
CA SER D 41 30.29 -22.19 11.30
C SER D 41 31.72 -22.71 11.22
N SER D 42 32.38 -22.47 10.09
CA SER D 42 33.76 -22.93 9.91
C SER D 42 34.72 -21.76 9.99
N ASN D 43 36.00 -22.08 10.22
CA ASN D 43 37.03 -21.06 10.29
C ASN D 43 38.10 -21.30 9.23
N ASN D 44 37.69 -21.89 8.10
CA ASN D 44 38.63 -22.18 7.03
C ASN D 44 38.41 -21.30 5.80
N PRO D 45 39.02 -20.10 5.81
CA PRO D 45 38.90 -19.13 4.70
C PRO D 45 39.36 -19.71 3.37
N ALA D 46 39.29 -21.02 3.21
CA ALA D 46 39.66 -21.67 1.96
C ALA D 46 38.43 -22.31 1.32
N GLU D 47 37.42 -22.56 2.15
CA GLU D 47 36.18 -23.16 1.68
C GLU D 47 35.00 -22.25 1.99
N THR D 48 35.14 -21.43 3.02
CA THR D 48 34.06 -20.53 3.42
C THR D 48 33.71 -19.55 2.32
N GLU D 49 32.50 -19.00 2.37
CA GLU D 49 32.01 -18.08 1.34
C GLU D 49 31.19 -16.94 1.94
N LEU D 50 31.34 -15.74 1.39
CA LEU D 50 30.51 -14.61 1.80
C LEU D 50 29.60 -14.17 0.66
N PHE D 51 28.30 -14.12 0.94
CA PHE D 51 27.34 -13.66 -0.05
C PHE D 51 26.91 -12.23 0.24
N ILE D 52 27.28 -11.32 -0.65
CA ILE D 52 26.87 -9.92 -0.52
C ILE D 52 25.61 -9.68 -1.33
N VAL D 53 24.47 -9.84 -0.66
CA VAL D 53 23.17 -9.62 -1.29
C VAL D 53 22.63 -8.26 -0.89
N GLU D 54 21.73 -7.71 -1.71
CA GLU D 54 21.19 -6.38 -1.46
C GLU D 54 19.87 -6.43 -0.69
N GLY D 55 19.88 -5.86 0.51
CA GLY D 55 18.68 -5.78 1.32
C GLY D 55 18.41 -7.03 2.15
N ASP D 56 17.62 -6.85 3.21
CA ASP D 56 17.26 -7.95 4.09
C ASP D 56 16.10 -8.73 3.49
N SER D 57 15.50 -8.17 2.43
CA SER D 57 14.48 -8.88 1.69
C SER D 57 15.06 -10.13 1.04
N ALA D 58 16.24 -9.97 0.43
CA ALA D 58 16.94 -11.09 -0.18
C ALA D 58 17.84 -11.79 0.83
N GLY D 59 18.06 -11.13 1.97
CA GLY D 59 18.92 -11.68 3.01
C GLY D 59 18.29 -12.85 3.74
N GLY D 60 17.00 -12.73 4.03
CA GLY D 60 16.29 -13.80 4.72
C GLY D 60 16.22 -15.06 3.89
N SER D 61 15.85 -14.89 2.61
CA SER D 61 15.78 -16.01 1.68
C SER D 61 17.15 -16.68 1.57
N ALA D 62 18.19 -15.87 1.46
CA ALA D 62 19.55 -16.38 1.34
C ALA D 62 20.04 -16.97 2.67
N LYS D 63 19.64 -16.33 3.77
CA LYS D 63 20.08 -16.76 5.09
C LYS D 63 19.34 -18.02 5.56
N SER D 64 18.17 -18.28 4.99
CA SER D 64 17.33 -19.40 5.41
C SER D 64 17.57 -20.67 4.60
N GLY D 65 18.66 -20.69 3.84
CA GLY D 65 19.03 -21.87 3.06
C GLY D 65 20.40 -21.71 2.44
N ARG D 66 21.41 -21.59 3.29
CA ARG D 66 22.76 -21.25 2.83
C ARG D 66 23.81 -22.28 3.22
N ASN D 67 23.43 -23.24 4.07
CA ASN D 67 24.38 -24.19 4.62
C ASN D 67 25.35 -23.47 5.54
N ARG D 68 24.86 -23.06 6.71
CA ARG D 68 25.68 -22.30 7.65
C ARG D 68 26.90 -23.09 8.12
N GLU D 69 27.80 -23.39 7.19
CA GLU D 69 29.03 -24.10 7.51
C GLU D 69 30.21 -23.48 6.77
N PHE D 70 29.97 -23.09 5.52
CA PHE D 70 31.00 -22.44 4.72
C PHE D 70 30.40 -21.34 3.85
N GLN D 71 29.19 -20.92 4.20
CA GLN D 71 28.51 -19.85 3.48
C GLN D 71 27.86 -18.83 4.42
N ALA D 72 28.38 -17.60 4.39
CA ALA D 72 27.84 -16.52 5.22
C ALA D 72 27.23 -15.44 4.34
N ILE D 73 26.20 -14.77 4.85
CA ILE D 73 25.54 -13.69 4.11
C ILE D 73 25.78 -12.32 4.74
N LEU D 74 25.75 -11.28 3.91
CA LEU D 74 25.90 -9.91 4.39
C LEU D 74 25.13 -8.92 3.50
N PRO D 75 23.97 -8.44 3.99
CA PRO D 75 23.12 -7.50 3.26
C PRO D 75 23.78 -6.14 3.06
N ILE D 76 23.76 -5.65 1.82
CA ILE D 76 24.22 -4.29 1.55
C ILE D 76 23.02 -3.35 1.44
N ARG D 77 22.64 -2.74 2.56
CA ARG D 77 21.47 -1.86 2.61
C ARG D 77 21.68 -0.60 1.78
N GLY D 78 20.74 -0.32 0.88
CA GLY D 78 20.80 0.85 0.02
C GLY D 78 21.79 0.70 -1.13
N LYS D 79 22.01 1.80 -1.86
CA LYS D 79 22.97 1.80 -2.94
C LYS D 79 24.39 2.11 -2.46
N ILE D 80 25.32 1.21 -2.73
CA ILE D 80 26.71 1.38 -2.34
C ILE D 80 27.26 2.72 -2.85
N LEU D 81 28.11 3.35 -2.06
CA LEU D 81 28.72 4.63 -2.44
C LEU D 81 29.74 4.46 -3.56
N ASN D 82 29.61 5.28 -4.60
CA ASN D 82 30.57 5.28 -5.69
C ASN D 82 31.86 5.95 -5.27
N VAL D 83 32.90 5.15 -5.03
CA VAL D 83 34.17 5.66 -4.54
C VAL D 83 34.98 6.38 -5.63
N GLU D 84 34.65 6.14 -6.89
CA GLU D 84 35.37 6.76 -7.99
C GLU D 84 35.00 8.24 -8.13
N LYS D 85 34.16 8.72 -7.23
CA LYS D 85 33.70 10.11 -7.26
C LYS D 85 33.41 10.61 -5.85
N ALA D 86 33.99 9.93 -4.86
CA ALA D 86 33.72 10.28 -3.47
C ALA D 86 34.99 10.71 -2.74
N SER D 87 34.83 11.62 -1.78
CA SER D 87 35.92 12.13 -0.98
C SER D 87 36.41 11.08 0.00
N MET D 88 37.69 10.71 -0.09
CA MET D 88 38.22 9.63 0.75
C MET D 88 37.81 9.77 2.20
N ASP D 89 37.24 10.93 2.54
CA ASP D 89 36.74 11.17 3.88
C ASP D 89 35.33 10.59 4.02
N LYS D 90 34.51 10.81 2.98
CA LYS D 90 33.16 10.26 2.96
C LYS D 90 33.21 8.75 2.75
N ILE D 91 34.30 8.29 2.12
CA ILE D 91 34.51 6.87 1.92
C ILE D 91 34.76 6.16 3.24
N LEU D 92 35.68 6.70 4.03
CA LEU D 92 35.99 6.16 5.35
C LEU D 92 34.84 6.38 6.32
N ALA D 93 33.78 7.04 5.83
CA ALA D 93 32.62 7.35 6.67
C ALA D 93 31.48 6.37 6.44
N ASN D 94 31.30 5.95 5.19
CA ASN D 94 30.22 5.05 4.82
C ASN D 94 30.15 3.81 5.69
N GLU D 95 28.99 3.58 6.30
CA GLU D 95 28.79 2.45 7.20
C GLU D 95 28.77 1.13 6.45
N GLU D 96 28.27 1.16 5.22
CA GLU D 96 28.16 -0.04 4.39
C GLU D 96 29.53 -0.62 4.03
N ILE D 97 30.43 0.25 3.60
CA ILE D 97 31.78 -0.16 3.22
C ILE D 97 32.58 -0.62 4.44
N ARG D 98 32.22 -0.14 5.62
CA ARG D 98 32.90 -0.55 6.84
C ARG D 98 32.43 -1.94 7.25
N SER D 99 31.19 -2.26 6.92
CA SER D 99 30.63 -3.57 7.22
C SER D 99 31.28 -4.64 6.37
N LEU D 100 31.35 -4.39 5.06
CA LEU D 100 31.93 -5.34 4.12
C LEU D 100 33.41 -5.58 4.43
N PHE D 101 34.13 -4.52 4.79
CA PHE D 101 35.53 -4.64 5.18
C PHE D 101 35.65 -5.35 6.52
N THR D 102 34.74 -5.02 7.44
CA THR D 102 34.75 -5.64 8.76
C THR D 102 34.50 -7.14 8.63
N ALA D 103 33.64 -7.50 7.69
CA ALA D 103 33.35 -8.91 7.42
C ALA D 103 34.60 -9.61 6.90
N MET D 104 35.06 -9.19 5.73
CA MET D 104 36.27 -9.75 5.13
C MET D 104 37.36 -9.94 6.17
N GLY D 105 37.71 -8.85 6.85
CA GLY D 105 38.76 -8.88 7.86
C GLY D 105 40.12 -8.63 7.25
N THR D 106 40.13 -7.98 6.09
CA THR D 106 41.37 -7.71 5.36
C THR D 106 42.09 -6.48 5.91
N GLY D 107 41.32 -5.47 6.29
CA GLY D 107 41.88 -4.20 6.70
C GLY D 107 41.61 -3.17 5.63
N PHE D 108 42.30 -2.04 5.68
CA PHE D 108 42.11 -1.00 4.67
C PHE D 108 43.42 -0.28 4.36
N GLY D 109 43.61 0.08 3.09
CA GLY D 109 44.79 0.80 2.67
C GLY D 109 46.09 0.17 3.12
N ALA D 110 46.75 0.79 4.09
CA ALA D 110 48.06 0.34 4.57
C ALA D 110 47.97 -0.94 5.40
N GLU D 111 46.74 -1.35 5.73
CA GLU D 111 46.53 -2.54 6.53
C GLU D 111 45.99 -3.70 5.70
N PHE D 112 45.94 -3.52 4.39
CA PHE D 112 45.45 -4.57 3.50
C PHE D 112 46.25 -5.85 3.72
N ASP D 113 45.57 -6.89 4.18
CA ASP D 113 46.23 -8.15 4.46
C ASP D 113 45.45 -9.30 3.84
N VAL D 114 45.59 -9.44 2.53
CA VAL D 114 44.91 -10.51 1.80
C VAL D 114 45.13 -11.86 2.49
N SER D 115 46.25 -11.98 3.19
CA SER D 115 46.59 -13.21 3.88
C SER D 115 45.83 -13.35 5.19
N LYS D 116 44.75 -12.58 5.33
CA LYS D 116 43.97 -12.60 6.55
C LYS D 116 42.49 -12.51 6.25
N ALA D 117 42.16 -12.62 4.96
CA ALA D 117 40.77 -12.59 4.52
C ALA D 117 40.00 -13.76 5.13
N ARG D 118 38.83 -13.45 5.70
CA ARG D 118 38.02 -14.46 6.37
C ARG D 118 37.21 -15.26 5.37
N TYR D 119 37.38 -14.95 4.09
CA TYR D 119 36.63 -15.61 3.04
C TYR D 119 37.42 -15.67 1.73
N GLN D 120 37.50 -16.87 1.16
CA GLN D 120 38.19 -17.06 -0.11
C GLN D 120 37.21 -16.97 -1.29
N LYS D 121 35.96 -16.62 -1.00
CA LYS D 121 34.97 -16.49 -2.05
C LYS D 121 33.94 -15.40 -1.72
N LEU D 122 34.09 -14.24 -2.33
CA LEU D 122 33.11 -13.17 -2.18
C LEU D 122 32.20 -13.14 -3.41
N VAL D 123 30.97 -13.58 -3.24
CA VAL D 123 30.01 -13.60 -4.33
C VAL D 123 29.09 -12.38 -4.29
N LEU D 124 28.96 -11.72 -5.44
CA LEU D 124 28.07 -10.58 -5.59
C LEU D 124 26.71 -11.07 -6.06
N MET D 125 25.76 -11.14 -5.13
CA MET D 125 24.45 -11.71 -5.41
C MET D 125 23.37 -10.64 -5.38
N THR D 126 23.47 -9.68 -6.30
CA THR D 126 22.51 -8.59 -6.39
C THR D 126 21.28 -9.03 -7.17
N ASP D 127 20.18 -8.29 -7.02
CA ASP D 127 18.95 -8.60 -7.73
C ASP D 127 19.16 -8.66 -9.24
N ALA D 128 18.23 -9.31 -9.92
CA ALA D 128 18.32 -9.51 -11.37
C ALA D 128 17.70 -8.35 -12.15
N ASP D 129 17.35 -7.28 -11.45
CA ASP D 129 16.83 -6.08 -12.11
C ASP D 129 17.98 -5.13 -12.49
N VAL D 130 17.65 -4.03 -13.18
CA VAL D 130 18.65 -3.06 -13.57
C VAL D 130 19.34 -2.47 -12.34
N ASP D 131 18.54 -2.10 -11.35
CA ASP D 131 19.05 -1.53 -10.10
C ASP D 131 20.14 -2.41 -9.50
N GLY D 132 19.89 -3.71 -9.47
CA GLY D 132 20.89 -4.66 -9.01
C GLY D 132 22.12 -4.58 -9.90
N ALA D 133 21.88 -4.45 -11.20
CA ALA D 133 22.96 -4.31 -12.17
C ALA D 133 23.81 -3.10 -11.82
N HIS D 134 23.15 -2.03 -11.37
CA HIS D 134 23.84 -0.83 -10.94
C HIS D 134 24.68 -1.12 -9.70
N ILE D 135 24.04 -1.69 -8.68
CA ILE D 135 24.74 -2.08 -7.46
C ILE D 135 25.93 -2.99 -7.76
N ARG D 136 25.86 -3.71 -8.88
CA ARG D 136 26.97 -4.57 -9.29
C ARG D 136 28.19 -3.72 -9.64
N THR D 137 27.96 -2.70 -10.46
CA THR D 137 29.03 -1.81 -10.88
C THR D 137 29.65 -1.07 -9.70
N LEU D 138 28.82 -0.60 -8.79
CA LEU D 138 29.30 0.09 -7.60
C LEU D 138 30.18 -0.82 -6.76
N LEU D 139 29.67 -2.02 -6.45
CA LEU D 139 30.41 -2.99 -5.67
C LEU D 139 31.72 -3.36 -6.35
N LEU D 140 31.72 -3.38 -7.67
CA LEU D 140 32.92 -3.74 -8.43
C LEU D 140 33.96 -2.61 -8.35
N THR D 141 33.51 -1.38 -8.55
CA THR D 141 34.39 -0.22 -8.44
C THR D 141 35.01 -0.16 -7.05
N LEU D 142 34.19 -0.40 -6.02
CA LEU D 142 34.67 -0.45 -4.65
C LEU D 142 35.73 -1.53 -4.46
N ILE D 143 35.47 -2.72 -5.00
CA ILE D 143 36.40 -3.83 -4.87
C ILE D 143 37.69 -3.62 -5.68
N TYR D 144 37.53 -3.13 -6.91
CA TYR D 144 38.69 -2.93 -7.77
C TYR D 144 39.60 -1.81 -7.27
N ARG D 145 39.02 -0.80 -6.63
CA ARG D 145 39.78 0.36 -6.16
C ARG D 145 40.38 0.16 -4.77
N TYR D 146 39.60 -0.39 -3.84
CA TYR D 146 40.07 -0.54 -2.47
C TYR D 146 40.12 -1.99 -1.97
N MET D 147 40.26 -2.93 -2.90
CA MET D 147 40.41 -4.34 -2.56
C MET D 147 41.02 -5.09 -3.74
N LYS D 148 41.79 -4.37 -4.54
CA LYS D 148 42.37 -4.92 -5.76
C LYS D 148 43.04 -6.27 -5.54
N PRO D 149 43.83 -6.41 -4.46
CA PRO D 149 44.50 -7.67 -4.13
C PRO D 149 43.53 -8.84 -4.10
N ILE D 150 42.31 -8.58 -3.65
CA ILE D 150 41.26 -9.61 -3.62
C ILE D 150 40.90 -10.04 -5.04
N LEU D 151 40.62 -9.07 -5.90
CA LEU D 151 40.26 -9.36 -7.29
C LEU D 151 41.44 -9.94 -8.05
N GLU D 152 42.64 -9.49 -7.72
CA GLU D 152 43.85 -9.98 -8.37
C GLU D 152 44.11 -11.43 -8.01
N ALA D 153 43.58 -11.87 -6.88
CA ALA D 153 43.77 -13.25 -6.43
C ALA D 153 42.62 -14.15 -6.83
N GLY D 154 41.58 -13.54 -7.41
CA GLY D 154 40.44 -14.29 -7.90
C GLY D 154 39.51 -14.80 -6.81
N TYR D 155 39.31 -13.99 -5.78
CA TYR D 155 38.42 -14.36 -4.69
C TYR D 155 37.01 -13.81 -4.93
N VAL D 156 36.87 -12.99 -5.95
CA VAL D 156 35.60 -12.35 -6.24
C VAL D 156 34.84 -13.08 -7.34
N TYR D 157 33.61 -13.49 -7.04
CA TYR D 157 32.75 -14.13 -8.02
C TYR D 157 31.47 -13.33 -8.20
N ILE D 158 30.61 -13.78 -9.11
CA ILE D 158 29.33 -13.13 -9.36
C ILE D 158 28.22 -14.16 -9.52
N ALA D 159 27.25 -14.15 -8.62
CA ALA D 159 26.12 -15.08 -8.69
C ALA D 159 25.44 -15.01 -10.06
N GLN D 160 24.85 -16.13 -10.48
CA GLN D 160 24.21 -16.20 -11.79
C GLN D 160 22.77 -16.73 -11.69
N PRO D 161 21.88 -15.93 -11.08
CA PRO D 161 20.47 -16.30 -10.92
C PRO D 161 19.75 -16.44 -12.26
N PRO D 162 18.71 -17.29 -12.32
CA PRO D 162 17.91 -17.52 -13.53
C PRO D 162 16.75 -16.53 -13.66
N LEU D 208 15.05 -10.97 -6.07
CA LEU D 208 15.60 -12.13 -5.35
C LEU D 208 14.85 -12.40 -4.07
N GLY D 209 14.11 -11.40 -3.59
CA GLY D 209 13.29 -11.56 -2.40
C GLY D 209 12.06 -12.38 -2.73
N GLU D 210 11.62 -12.27 -3.98
CA GLU D 210 10.49 -13.03 -4.48
C GLU D 210 10.92 -14.46 -4.78
N MET D 211 11.69 -15.06 -3.88
CA MET D 211 12.21 -16.41 -4.09
C MET D 211 12.31 -17.17 -2.77
N ASP D 212 11.77 -18.38 -2.75
CA ASP D 212 11.76 -19.20 -1.55
C ASP D 212 13.18 -19.56 -1.11
N ASP D 213 13.28 -20.26 0.01
CA ASP D 213 14.57 -20.70 0.52
C ASP D 213 15.17 -21.76 -0.38
N HIS D 214 14.41 -22.84 -0.59
CA HIS D 214 14.87 -23.94 -1.43
C HIS D 214 15.02 -23.49 -2.88
N GLN D 215 14.36 -22.39 -3.22
CA GLN D 215 14.42 -21.85 -4.57
C GLN D 215 15.80 -21.26 -4.87
N LEU D 216 16.33 -20.49 -3.92
CA LEU D 216 17.65 -19.88 -4.09
C LEU D 216 18.76 -20.90 -3.84
N TRP D 217 18.53 -21.80 -2.89
CA TRP D 217 19.50 -22.83 -2.56
C TRP D 217 19.70 -23.78 -3.74
N GLU D 218 18.58 -24.18 -4.35
CA GLU D 218 18.62 -25.16 -5.43
C GLU D 218 18.86 -24.52 -6.79
N THR D 219 19.29 -23.26 -6.80
CA THR D 219 19.47 -22.55 -8.06
C THR D 219 20.81 -21.83 -8.17
N THR D 220 21.20 -21.15 -7.10
CA THR D 220 22.37 -20.29 -7.15
C THR D 220 23.37 -20.50 -6.01
N MET D 221 22.89 -21.01 -4.88
CA MET D 221 23.73 -21.13 -3.69
C MET D 221 24.37 -22.50 -3.48
N ASP D 222 23.86 -23.51 -4.18
CA ASP D 222 24.39 -24.86 -4.05
C ASP D 222 25.58 -25.09 -4.96
N PRO D 223 26.73 -25.50 -4.38
CA PRO D 223 27.99 -25.71 -5.09
C PRO D 223 27.88 -26.81 -6.15
N GLU D 224 27.26 -27.93 -5.78
CA GLU D 224 27.10 -29.05 -6.69
C GLU D 224 26.48 -28.61 -8.01
N HIS D 225 25.62 -27.59 -7.93
CA HIS D 225 24.98 -27.05 -9.12
C HIS D 225 25.39 -25.59 -9.30
N ARG D 226 24.41 -24.73 -9.61
CA ARG D 226 24.64 -23.30 -9.76
C ARG D 226 25.73 -22.97 -10.78
N LEU D 227 25.92 -21.68 -11.03
CA LEU D 227 26.92 -21.23 -11.99
C LEU D 227 27.54 -19.92 -11.53
N MET D 228 28.84 -19.94 -11.31
CA MET D 228 29.55 -18.76 -10.83
C MET D 228 30.24 -18.02 -11.98
N ALA D 229 30.60 -16.76 -11.73
CA ALA D 229 31.33 -15.97 -12.71
C ALA D 229 32.54 -15.32 -12.07
N ARG D 230 33.69 -15.98 -12.19
CA ARG D 230 34.93 -15.47 -11.63
C ARG D 230 35.33 -14.15 -12.30
N VAL D 231 35.54 -13.12 -11.48
CA VAL D 231 35.96 -11.82 -12.00
C VAL D 231 37.47 -11.82 -12.22
N SER D 232 37.87 -11.60 -13.47
CA SER D 232 39.27 -11.59 -13.85
C SER D 232 39.60 -10.35 -14.67
N VAL D 233 40.63 -9.62 -14.25
CA VAL D 233 41.07 -8.43 -14.98
C VAL D 233 42.20 -8.78 -15.95
N ASP D 234 42.13 -8.24 -17.16
CA ASP D 234 43.15 -8.50 -18.17
C ASP D 234 44.15 -7.34 -18.26
N ASP D 235 43.71 -6.25 -18.87
CA ASP D 235 44.56 -5.07 -19.03
C ASP D 235 44.20 -3.98 -18.02
N ALA D 236 44.91 -3.97 -16.90
CA ALA D 236 44.66 -3.01 -15.82
C ALA D 236 44.41 -1.61 -16.38
N ALA D 237 45.21 -1.21 -17.36
CA ALA D 237 45.03 0.10 -17.99
C ALA D 237 43.61 0.25 -18.53
N GLU D 238 43.16 -0.76 -19.27
CA GLU D 238 41.80 -0.75 -19.79
C GLU D 238 40.79 -0.70 -18.64
N ALA D 239 41.07 -1.48 -17.59
CA ALA D 239 40.21 -1.52 -16.42
C ALA D 239 40.15 -0.16 -15.75
N ASP D 240 41.32 0.40 -15.47
CA ASP D 240 41.42 1.73 -14.88
C ASP D 240 40.66 2.74 -15.74
N LYS D 241 40.85 2.64 -17.06
CA LYS D 241 40.18 3.54 -17.99
C LYS D 241 38.67 3.42 -17.88
N ILE D 242 38.17 2.19 -17.93
CA ILE D 242 36.74 1.93 -17.88
C ILE D 242 36.07 2.60 -16.69
N PHE D 243 36.47 2.21 -15.48
CA PHE D 243 35.91 2.79 -14.27
C PHE D 243 35.89 4.31 -14.36
N ASP D 244 37.03 4.89 -14.73
CA ASP D 244 37.15 6.33 -14.85
C ASP D 244 36.13 6.90 -15.83
N MET D 245 35.84 6.13 -16.88
CA MET D 245 34.90 6.54 -17.91
C MET D 245 33.47 6.46 -17.40
N LEU D 246 33.11 5.29 -16.89
CA LEU D 246 31.74 5.04 -16.43
C LEU D 246 31.47 5.65 -15.05
N MET D 247 32.24 5.21 -14.06
CA MET D 247 32.04 5.65 -12.68
C MET D 247 32.81 6.92 -12.36
N GLY D 248 33.49 7.48 -13.35
CA GLY D 248 34.32 8.66 -13.17
C GLY D 248 33.56 9.92 -12.82
N ASP D 249 34.30 11.03 -12.68
CA ASP D 249 33.70 12.32 -12.35
C ASP D 249 33.22 13.04 -13.60
N ARG D 250 34.02 12.95 -14.67
CA ARG D 250 33.66 13.53 -15.96
C ARG D 250 32.40 12.89 -16.52
N VAL D 251 31.41 13.73 -16.81
CA VAL D 251 30.13 13.25 -17.32
C VAL D 251 30.11 13.13 -18.83
N GLU D 252 30.65 14.14 -19.52
CA GLU D 252 30.65 14.17 -20.97
C GLU D 252 31.14 12.85 -21.56
N PRO D 253 32.30 12.35 -21.09
CA PRO D 253 32.86 11.09 -21.56
C PRO D 253 31.86 9.95 -21.38
N ARG D 254 31.18 9.95 -20.25
CA ARG D 254 30.19 8.93 -19.95
C ARG D 254 29.06 8.95 -20.98
N ARG D 255 28.49 10.13 -21.20
CA ARG D 255 27.43 10.30 -22.20
C ARG D 255 27.85 9.69 -23.53
N GLU D 256 28.97 10.19 -24.06
CA GLU D 256 29.52 9.67 -25.30
C GLU D 256 29.42 8.14 -25.32
N PHE D 257 29.86 7.51 -24.24
CA PHE D 257 29.80 6.06 -24.14
C PHE D 257 28.38 5.56 -24.33
N ILE D 258 27.43 6.22 -23.68
CA ILE D 258 26.02 5.88 -23.85
C ILE D 258 25.67 5.98 -25.33
N GLU D 259 25.86 7.16 -25.91
CA GLU D 259 25.54 7.39 -27.32
C GLU D 259 26.20 6.35 -28.22
N GLU D 260 27.43 5.96 -27.87
CA GLU D 260 28.19 5.03 -28.69
C GLU D 260 27.65 3.60 -28.58
N ASN D 261 27.95 2.95 -27.46
CA ASN D 261 27.55 1.57 -27.25
C ASN D 261 26.17 1.43 -26.60
N ALA D 262 25.13 1.72 -27.37
CA ALA D 262 23.75 1.61 -26.88
C ALA D 262 22.73 1.60 -28.02
N VAL D 263 22.02 0.49 -28.17
CA VAL D 263 20.99 0.37 -29.19
C VAL D 263 19.60 0.49 -28.58
N TYR D 264 18.84 1.51 -29.00
CA TYR D 264 17.53 1.78 -28.45
C TYR D 264 16.40 1.23 -29.32
N SER D 265 16.32 1.68 -30.56
CA SER D 265 15.29 1.22 -31.49
C SER D 265 15.91 0.54 -32.71
MG MG I . 12.57 6.72 0.28
MG MG J . 5.01 -1.25 13.09
C LFX K . 3.44 1.22 12.49
F LFX K . 9.12 2.56 17.15
N LFX K . 9.49 7.05 19.21
O LFX K . 3.75 0.02 12.16
C01 LFX K . 9.64 5.27 17.55
N01 LFX K . 8.18 5.12 17.64
O01 LFX K . 5.89 5.86 16.31
C02 LFX K . 7.51 5.64 18.83
N02 LFX K . 4.53 4.12 14.58
O02 LFX K . 6.00 0.32 13.89
C03 LFX K . 3.99 5.48 14.83
O03 LFX K . 2.43 1.82 12.04
C04 LFX K . 7.52 4.24 16.77
C05 LFX K . 5.70 3.71 15.22
C06 LFX K . 6.35 4.61 16.10
C07 LFX K . 10.04 6.67 17.93
C08 LFX K . 8.04 7.03 19.13
C09 LFX K . 4.46 5.97 16.16
C10 LFX K . 6.19 2.42 14.99
C11 LFX K . 7.98 2.94 16.50
C12 LFX K . 3.91 3.27 13.74
C13 LFX K . 7.37 2.04 15.66
C14 LFX K . 2.48 5.49 14.87
C15 LFX K . 5.51 1.47 14.08
C16 LFX K . 9.95 8.40 19.54
C17 LFX K . 4.31 1.98 13.46
H01 LFX K . 10.08 4.61 18.15
H01A LFX K . 9.94 5.06 16.62
H02 LFX K . 6.53 5.68 18.67
H02A LFX K . 7.67 5.04 19.60
H03 LFX K . 4.33 6.10 14.12
H07 LFX K . 9.73 7.30 17.23
H07A LFX K . 11.04 6.73 17.96
H08 LFX K . 7.74 7.66 18.43
H08A LFX K . 7.65 7.35 20.00
H09 LFX K . 4.03 5.43 16.87
H09A LFX K . 4.17 6.91 16.30
H12 LFX K . 3.12 3.58 13.32
H13 LFX K . 7.74 1.18 15.53
H14 LFX K . 2.16 4.89 15.58
H14A LFX K . 2.16 6.40 15.05
H14B LFX K . 2.11 5.19 14.01
H16 LFX K . 9.65 9.02 18.85
H16A LFX K . 10.93 8.41 19.59
H16B LFX K . 9.57 8.66 20.41
C LFX L . 12.34 3.88 0.30
F LFX L . 18.09 6.40 4.33
N LFX L . 21.79 3.33 5.44
O LFX L . 11.98 2.81 -0.26
C01 LFX L . 19.62 4.43 5.52
N01 LFX L . 19.37 3.94 4.16
O01 LFX L . 18.04 1.96 2.77
C02 LFX L . 20.51 3.52 3.34
N02 LFX L . 15.55 2.42 1.55
O02 LFX L . 13.71 6.12 1.83
C03 LFX L . 16.21 1.10 1.42
O03 LFX L . 11.63 4.93 0.30
C04 LFX L . 18.12 4.17 3.56
C05 LFX L . 16.19 3.44 2.25
C06 LFX L . 17.43 3.19 2.85
C07 LFX L . 20.59 3.53 6.22
C08 LFX L . 21.44 2.67 4.19
C09 LFX L . 17.70 1.26 1.57
C10 LFX L . 15.57 4.70 2.35
C11 LFX L . 17.45 5.41 3.63
C12 LFX L . 14.36 2.66 0.98
C13 LFX L . 16.24 5.70 3.07
C14 LFX L . 15.98 0.48 0.06
C15 LFX L . 14.25 4.97 1.72
C16 LFX L . 22.71 2.48 6.19
C17 LFX L . 13.67 3.86 1.02
H01 LFX L . 19.99 5.35 5.47
H01A LFX L . 18.76 4.47 6.02
H02 LFX L . 20.19 3.02 2.55
H02A LFX L . 20.99 4.32 3.02
H03 LFX L . 15.86 0.50 2.14
H07 LFX L . 20.16 2.64 6.39
H07A LFX L . 20.83 3.92 7.10
H08 LFX L . 21.00 1.81 4.38
H08A LFX L . 22.26 2.48 3.67
H09 LFX L . 18.05 1.75 0.80
H09A LFX L . 18.12 0.36 1.58
H12 LFX L . 13.95 1.95 0.50
H13 LFX L . 15.86 6.57 3.16
H14 LFX L . 16.34 1.09 -0.64
H14A LFX L . 16.44 -0.37 0.00
H14B LFX L . 15.02 0.35 -0.10
H16 LFX L . 22.29 1.62 6.38
H16A LFX L . 22.95 2.93 7.03
H16B LFX L . 23.53 2.34 5.65
#